data_7QG4
#
_entry.id   7QG4
#
_cell.length_a   62.396
_cell.length_b   82.413
_cell.length_c   92.077
_cell.angle_alpha   113.330
_cell.angle_beta   90.430
_cell.angle_gamma   90.940
#
_symmetry.space_group_name_H-M   'P 1'
#
loop_
_entity.id
_entity.type
_entity.pdbx_description
1 polymer SN243
2 non-polymer 'ZINC ION'
3 non-polymer 'SULFATE ION'
4 water water
#
_entity_poly.entity_id   1
_entity_poly.type   'polypeptide(L)'
_entity_poly.pdbx_seq_one_letter_code
;SATTPPGDLEQPELEARVKEIIEVDGYQFRDLNDNGELDPYEDWRLPTPERVADLVGQMSLVEKSGLMLINTLNAACDPQ
TGEFGVLPAQADNYINTQHMHRFVFRNVVDVRAEGVECTGTGTPVVSPAEAATFTNAVQEMSEATRLGIPSLFKSNARNH
IDPDARVGINEAAGAFSAFPKEAGIAAAALGEQARRTGEATTGDMSVVADFADVMGEEWASIGLRGMYGYMADLSTEPRW
YRTHETFTEDAYLAAEIMETLVQTLQGEELTDNGLALSPQTRVALTLKHFPGGGPQELGLDPHYAFGKAQVYPAGRFEEH
FLPFQAAIDAGVSSIMPYYGVPVDVPVVGGEPGETYPHTGFAFSDSIVNGLLRDQLGFTGYVNSNTGIINDRAWGLEGNT
VPERVAAAINGGTDTLSGFSDVSVITDLYEADLISEERIDLAAERLLEPLFDMGLFENPYVDPDVATATVGADDHRAVGL
DLQRKSLVLLQNEETDEGPVLPLKEGGDVYILGDFTEETVESYGYEVTNGNVAEGEERPSAAGSDYVLISMTAKTNAGDY
VSDDPSLGLNPDHGTNPSVIIGDDGEPLPGLDGQSLWGAADVCVHKEGHEENPSCTDNRLRFGGAYPWESSILDFTGMEA
AESWEVVPSLETIQEVMAEVEDPSKVILHVYFRQPYVLDEESGLRDAGAILAGFGMTDTALMDVLTGAYAPQGKLPFALA
GTREAIIEQDSDRPGYDETEDGALYPFGYGLTYEDDTEE
;
_entity_poly.pdbx_strand_id   A,B
#
loop_
_chem_comp.id
_chem_comp.type
_chem_comp.name
_chem_comp.formula
SO4 non-polymer 'SULFATE ION' 'O4 S -2'
ZN non-polymer 'ZINC ION' 'Zn 2'
#
# COMPACT_ATOMS: atom_id res chain seq x y z
N GLU A 10 35.21 -22.39 -11.57
CA GLU A 10 35.32 -22.48 -13.01
C GLU A 10 34.78 -23.81 -13.56
N GLN A 11 35.27 -24.96 -13.09
CA GLN A 11 34.87 -26.25 -13.65
C GLN A 11 33.43 -26.57 -13.32
N PRO A 12 32.54 -26.66 -14.30
CA PRO A 12 31.16 -27.02 -14.02
C PRO A 12 31.00 -28.46 -13.58
N GLU A 13 30.04 -28.66 -12.69
CA GLU A 13 29.62 -30.00 -12.34
C GLU A 13 29.03 -30.68 -13.56
N LEU A 14 29.56 -31.86 -13.90
CA LEU A 14 29.12 -32.61 -15.05
C LEU A 14 28.48 -33.91 -14.59
N GLU A 15 27.58 -34.44 -15.41
CA GLU A 15 27.07 -35.79 -15.24
C GLU A 15 26.77 -36.30 -16.62
N ALA A 16 27.33 -37.46 -16.96
CA ALA A 16 27.04 -38.11 -18.24
C ALA A 16 26.57 -39.53 -17.97
N ARG A 17 25.47 -39.90 -18.60
CA ARG A 17 24.94 -41.24 -18.42
C ARG A 17 25.13 -42.14 -19.62
N VAL A 18 25.29 -41.57 -20.81
CA VAL A 18 25.50 -42.36 -22.02
C VAL A 18 26.90 -42.08 -22.54
N LYS A 19 27.13 -40.86 -22.99
CA LYS A 19 28.41 -40.45 -23.51
C LYS A 19 29.44 -40.43 -22.39
N GLU A 20 30.69 -40.12 -22.73
CA GLU A 20 31.77 -40.17 -21.77
C GLU A 20 32.42 -38.80 -21.57
N ILE A 21 33.03 -38.64 -20.40
CA ILE A 21 33.67 -37.39 -19.99
C ILE A 21 35.14 -37.44 -20.41
N ILE A 22 35.61 -36.36 -21.04
CA ILE A 22 36.97 -36.32 -21.55
C ILE A 22 37.72 -35.15 -20.93
N GLU A 23 39.01 -35.33 -20.71
CA GLU A 23 39.84 -34.27 -20.15
C GLU A 23 40.55 -33.51 -21.26
N VAL A 24 40.72 -32.22 -21.05
CA VAL A 24 41.50 -31.32 -21.89
C VAL A 24 41.96 -30.17 -21.01
N ASP A 25 43.24 -29.85 -21.06
CA ASP A 25 43.80 -28.71 -20.33
C ASP A 25 43.49 -28.76 -18.83
N GLY A 26 43.45 -29.94 -18.24
CA GLY A 26 43.18 -30.05 -16.82
C GLY A 26 41.73 -29.94 -16.42
N TYR A 27 40.82 -30.06 -17.39
CA TYR A 27 39.38 -29.88 -17.23
C TYR A 27 38.61 -31.08 -17.79
N GLN A 28 37.36 -31.25 -17.37
CA GLN A 28 36.48 -32.26 -17.97
C GLN A 28 35.41 -31.64 -18.85
N PHE A 29 35.02 -32.40 -19.87
CA PHE A 29 33.99 -32.01 -20.82
C PHE A 29 33.22 -33.25 -21.21
N ARG A 30 32.01 -33.06 -21.72
CA ARG A 30 31.20 -34.19 -22.15
C ARG A 30 31.35 -34.38 -23.65
N ASP A 31 31.88 -35.54 -24.05
CA ASP A 31 32.07 -35.87 -25.46
C ASP A 31 30.73 -36.29 -26.06
N LEU A 32 29.90 -35.29 -26.34
CA LEU A 32 28.51 -35.54 -26.70
C LEU A 32 28.36 -36.17 -28.07
N ASN A 33 29.25 -35.89 -29.00
CA ASN A 33 29.19 -36.48 -30.33
C ASN A 33 30.08 -37.71 -30.50
N ASP A 34 30.79 -38.12 -29.44
CA ASP A 34 31.54 -39.37 -29.42
C ASP A 34 32.54 -39.43 -30.56
N ASN A 35 33.18 -38.31 -30.85
CA ASN A 35 34.22 -38.30 -31.85
C ASN A 35 35.59 -38.50 -31.23
N GLY A 36 35.65 -38.63 -29.91
CA GLY A 36 36.88 -38.83 -29.20
C GLY A 36 37.54 -37.56 -28.70
N GLU A 37 37.33 -36.42 -29.36
CA GLU A 37 37.96 -35.20 -28.89
C GLU A 37 36.93 -34.11 -28.61
N LEU A 38 37.38 -32.91 -28.29
CA LEU A 38 36.53 -31.86 -27.73
C LEU A 38 36.16 -30.87 -28.82
N ASP A 39 34.86 -30.83 -29.16
CA ASP A 39 34.33 -29.82 -30.07
C ASP A 39 34.09 -28.49 -29.36
N PRO A 40 34.04 -27.39 -30.11
CA PRO A 40 33.70 -26.12 -29.48
C PRO A 40 32.35 -26.13 -28.82
N TYR A 41 31.36 -26.77 -29.43
CA TYR A 41 30.03 -26.74 -28.84
C TYR A 41 29.99 -27.49 -27.52
N GLU A 42 30.97 -28.36 -27.27
CA GLU A 42 31.13 -29.03 -26.00
C GLU A 42 32.09 -28.32 -25.07
N ASP A 43 32.77 -27.27 -25.52
CA ASP A 43 33.74 -26.55 -24.73
C ASP A 43 32.98 -25.47 -23.95
N TRP A 44 32.69 -25.74 -22.68
CA TRP A 44 31.95 -24.76 -21.89
C TRP A 44 32.75 -23.50 -21.62
N ARG A 45 34.02 -23.46 -22.02
CA ARG A 45 34.85 -22.29 -21.79
C ARG A 45 34.63 -21.20 -22.81
N LEU A 46 34.05 -21.53 -23.98
CA LEU A 46 33.72 -20.59 -25.03
C LEU A 46 32.41 -19.89 -24.69
N PRO A 47 32.24 -18.66 -25.18
CA PRO A 47 30.92 -18.03 -25.05
C PRO A 47 29.89 -18.80 -25.84
N THR A 48 28.62 -18.61 -25.50
CA THR A 48 27.56 -19.40 -26.11
C THR A 48 27.45 -19.18 -27.61
N PRO A 49 27.58 -17.96 -28.14
CA PRO A 49 27.57 -17.79 -29.61
C PRO A 49 28.53 -18.68 -30.40
N GLU A 50 29.65 -19.10 -29.81
CA GLU A 50 30.55 -19.99 -30.54
C GLU A 50 30.09 -21.44 -30.43
N ARG A 51 29.60 -21.82 -29.25
CA ARG A 51 29.12 -23.18 -29.06
C ARG A 51 27.88 -23.44 -29.89
N VAL A 52 27.02 -22.45 -30.05
CA VAL A 52 25.87 -22.62 -30.93
C VAL A 52 26.33 -22.79 -32.37
N ALA A 53 27.17 -21.88 -32.86
CA ALA A 53 27.63 -21.94 -34.24
C ALA A 53 28.36 -23.26 -34.53
N ASP A 54 29.23 -23.70 -33.64
CA ASP A 54 29.85 -24.99 -33.84
C ASP A 54 28.80 -26.10 -33.92
N LEU A 55 27.71 -25.98 -33.19
CA LEU A 55 26.74 -27.05 -33.14
C LEU A 55 25.80 -27.02 -34.33
N VAL A 56 25.30 -25.83 -34.68
CA VAL A 56 24.42 -25.70 -35.83
C VAL A 56 25.09 -26.21 -37.08
N GLY A 57 26.37 -25.87 -37.29
CA GLY A 57 27.07 -26.33 -38.47
C GLY A 57 27.24 -27.82 -38.55
N GLN A 58 27.32 -28.49 -37.41
CA GLN A 58 27.55 -29.92 -37.33
C GLN A 58 26.27 -30.70 -37.50
N MET A 59 25.15 -30.00 -37.57
CA MET A 59 23.82 -30.56 -37.51
C MET A 59 23.25 -30.75 -38.90
N SER A 60 22.58 -31.87 -39.09
CA SER A 60 21.80 -32.08 -40.29
C SER A 60 20.59 -31.16 -40.32
N LEU A 61 19.93 -31.06 -41.46
CA LEU A 61 18.74 -30.18 -41.59
C LEU A 61 17.58 -30.77 -40.80
N VAL A 62 17.39 -32.08 -40.86
CA VAL A 62 16.29 -32.75 -40.12
C VAL A 62 16.49 -32.51 -38.62
N GLU A 63 17.73 -32.65 -38.15
CA GLU A 63 18.03 -32.44 -36.73
C GLU A 63 17.67 -31.00 -36.36
N LYS A 64 18.08 -30.04 -37.18
CA LYS A 64 17.81 -28.61 -36.92
C LYS A 64 16.30 -28.39 -36.94
N SER A 65 15.58 -29.12 -37.79
CA SER A 65 14.11 -28.98 -37.90
C SER A 65 13.43 -29.56 -36.67
N GLY A 66 14.04 -30.59 -36.07
CA GLY A 66 13.47 -31.21 -34.86
C GLY A 66 13.43 -30.23 -33.70
N LEU A 67 14.24 -29.19 -33.75
CA LEU A 67 14.22 -28.15 -32.69
C LEU A 67 12.99 -27.26 -32.85
N MET A 68 12.35 -27.28 -34.00
CA MET A 68 11.18 -26.40 -34.25
C MET A 68 9.92 -27.14 -33.86
N LEU A 69 10.05 -28.17 -33.03
CA LEU A 69 8.88 -28.96 -32.60
C LEU A 69 8.83 -29.04 -31.08
N ILE A 70 7.68 -28.77 -30.49
CA ILE A 70 7.50 -28.95 -29.03
C ILE A 70 6.14 -29.64 -28.84
N ASN A 71 6.13 -30.80 -28.18
CA ASN A 71 4.86 -31.48 -27.98
C ASN A 71 4.86 -32.19 -26.63
N THR A 72 3.69 -32.72 -26.25
CA THR A 72 3.49 -33.39 -24.97
C THR A 72 4.31 -34.66 -24.85
N LEU A 73 5.00 -34.82 -23.72
CA LEU A 73 5.71 -36.07 -23.42
C LEU A 73 5.51 -36.37 -21.95
N ASN A 74 4.39 -37.01 -21.62
CA ASN A 74 4.04 -37.30 -20.24
C ASN A 74 4.79 -38.51 -19.73
N ALA A 75 4.94 -38.55 -18.42
CA ALA A 75 5.43 -39.77 -17.81
C ALA A 75 4.35 -40.84 -17.87
N ALA A 76 4.79 -42.09 -17.88
CA ALA A 76 3.90 -43.24 -17.97
C ALA A 76 4.13 -44.18 -16.79
N CYS A 77 3.31 -45.20 -16.71
CA CYS A 77 3.53 -46.31 -15.79
C CYS A 77 3.46 -47.62 -16.55
N ASP A 78 4.25 -48.58 -16.12
CA ASP A 78 4.19 -49.91 -16.73
C ASP A 78 3.17 -50.73 -15.96
N PRO A 79 2.09 -51.19 -16.60
CA PRO A 79 1.09 -51.97 -15.86
C PRO A 79 1.58 -53.34 -15.43
N GLN A 80 2.74 -53.76 -15.91
CA GLN A 80 3.32 -55.04 -15.54
C GLN A 80 4.32 -54.97 -14.38
N THR A 81 5.01 -53.85 -14.16
CA THR A 81 5.87 -53.68 -12.99
C THR A 81 5.24 -52.86 -11.89
N GLY A 82 4.16 -52.14 -12.16
CA GLY A 82 3.62 -51.19 -11.22
C GLY A 82 4.47 -49.96 -11.02
N GLU A 83 5.44 -49.71 -11.90
CA GLU A 83 6.31 -48.56 -11.76
C GLU A 83 5.73 -47.37 -12.50
N PHE A 84 5.62 -46.26 -11.80
CA PHE A 84 5.17 -44.99 -12.34
C PHE A 84 6.38 -44.11 -12.68
N GLY A 85 6.23 -43.33 -13.74
CA GLY A 85 7.29 -42.42 -14.13
C GLY A 85 8.30 -43.02 -15.07
N VAL A 86 7.88 -43.94 -15.91
CA VAL A 86 8.72 -44.49 -16.97
C VAL A 86 8.37 -43.82 -18.27
N LEU A 87 9.21 -43.99 -19.28
CA LEU A 87 9.01 -43.31 -20.56
C LEU A 87 7.74 -43.82 -21.23
N PRO A 88 6.95 -42.94 -21.85
CA PRO A 88 5.77 -43.36 -22.61
C PRO A 88 6.20 -43.94 -23.95
N ALA A 89 5.18 -44.34 -24.72
CA ALA A 89 5.42 -45.07 -25.96
C ALA A 89 6.08 -44.19 -27.01
N GLN A 90 5.52 -43.01 -27.26
CA GLN A 90 6.01 -42.15 -28.31
C GLN A 90 7.33 -41.50 -27.98
N ALA A 91 7.93 -41.84 -26.83
CA ALA A 91 9.18 -41.23 -26.40
C ALA A 91 10.32 -41.57 -27.34
N ASP A 92 10.51 -42.86 -27.61
CA ASP A 92 11.50 -43.33 -28.55
C ASP A 92 11.37 -42.61 -29.89
N ASN A 93 10.14 -42.48 -30.38
CA ASN A 93 9.92 -41.82 -31.65
C ASN A 93 10.42 -40.38 -31.61
N TYR A 94 9.89 -39.59 -30.68
CA TYR A 94 10.18 -38.17 -30.64
C TYR A 94 11.66 -37.90 -30.58
N ILE A 95 12.36 -38.60 -29.70
CA ILE A 95 13.75 -38.23 -29.45
C ILE A 95 14.64 -38.75 -30.56
N ASN A 96 14.46 -40.02 -30.92
CA ASN A 96 15.37 -40.71 -31.81
C ASN A 96 15.02 -40.55 -33.28
N THR A 97 13.74 -40.40 -33.59
CA THR A 97 13.30 -40.27 -35.00
C THR A 97 13.05 -38.80 -35.33
N GLN A 98 12.31 -38.09 -34.49
CA GLN A 98 11.93 -36.68 -34.81
C GLN A 98 12.98 -35.71 -34.28
N HIS A 99 13.96 -36.19 -33.54
CA HIS A 99 15.06 -35.33 -33.03
C HIS A 99 14.52 -34.14 -32.24
N MET A 100 13.42 -34.35 -31.51
CA MET A 100 12.86 -33.30 -30.69
C MET A 100 13.66 -33.13 -29.41
N HIS A 101 13.63 -31.91 -28.88
CA HIS A 101 14.31 -31.67 -27.63
C HIS A 101 13.46 -30.80 -26.72
N ARG A 102 12.22 -30.50 -27.09
CA ARG A 102 11.33 -29.71 -26.26
C ARG A 102 10.00 -30.42 -26.11
N PHE A 103 9.57 -30.61 -24.86
CA PHE A 103 8.31 -31.27 -24.57
C PHE A 103 7.55 -30.52 -23.48
N VAL A 104 6.24 -30.81 -23.43
CA VAL A 104 5.37 -30.33 -22.37
C VAL A 104 4.98 -31.50 -21.47
N PHE A 105 5.12 -31.29 -20.16
CA PHE A 105 4.94 -32.29 -19.12
C PHE A 105 3.64 -32.00 -18.40
N ARG A 106 2.65 -32.89 -18.51
CA ARG A 106 1.30 -32.59 -18.06
C ARG A 106 0.74 -33.52 -16.99
N ASN A 107 1.51 -34.46 -16.48
CA ASN A 107 1.06 -35.23 -15.35
C ASN A 107 0.79 -34.33 -14.15
N VAL A 108 -0.23 -34.68 -13.37
CA VAL A 108 -0.33 -34.16 -12.00
C VAL A 108 0.78 -34.78 -11.18
N VAL A 109 1.50 -33.94 -10.45
CA VAL A 109 2.50 -34.49 -9.51
C VAL A 109 1.83 -34.48 -8.14
N ASP A 110 1.68 -35.64 -7.54
CA ASP A 110 1.03 -35.74 -6.22
C ASP A 110 1.31 -37.10 -5.62
N VAL A 111 0.89 -37.33 -4.39
CA VAL A 111 1.01 -38.68 -3.79
C VAL A 111 -0.26 -39.43 -4.15
N ARG A 112 -0.12 -40.54 -4.86
CA ARG A 112 -1.28 -41.28 -5.35
C ARG A 112 -2.11 -41.82 -4.21
N ALA A 113 -3.42 -41.85 -4.42
CA ALA A 113 -4.34 -42.39 -3.45
C ALA A 113 -4.01 -43.83 -3.10
N GLU A 114 -4.45 -44.24 -1.92
CA GLU A 114 -4.41 -45.65 -1.58
C GLU A 114 -5.20 -46.43 -2.61
N GLY A 115 -4.60 -47.49 -3.13
CA GLY A 115 -5.27 -48.40 -4.03
C GLY A 115 -5.32 -47.99 -5.48
N VAL A 116 -4.54 -46.98 -5.89
CA VAL A 116 -4.52 -46.55 -7.28
C VAL A 116 -3.47 -47.37 -8.02
N GLU A 117 -3.89 -48.01 -9.11
CA GLU A 117 -3.03 -48.86 -9.89
C GLU A 117 -2.85 -48.26 -11.27
N CYS A 118 -1.89 -48.81 -12.01
CA CYS A 118 -1.67 -48.37 -13.38
C CYS A 118 -2.78 -48.91 -14.26
N THR A 119 -3.55 -48.03 -14.88
CA THR A 119 -4.64 -48.45 -15.76
C THR A 119 -4.13 -48.66 -17.19
N GLY A 120 -2.85 -48.45 -17.43
CA GLY A 120 -2.33 -48.53 -18.80
C GLY A 120 -2.82 -47.39 -19.67
N THR A 121 -3.86 -46.71 -19.22
CA THR A 121 -4.43 -45.60 -19.99
C THR A 121 -4.48 -44.36 -19.09
N GLY A 122 -4.80 -43.21 -19.66
CA GLY A 122 -4.89 -41.98 -18.87
C GLY A 122 -3.55 -41.36 -18.60
N THR A 123 -3.52 -40.26 -17.88
CA THR A 123 -2.24 -39.62 -17.54
C THR A 123 -1.99 -39.88 -16.06
N PRO A 124 -1.03 -40.72 -15.70
CA PRO A 124 -0.83 -41.06 -14.29
C PRO A 124 -0.32 -39.89 -13.46
N VAL A 125 -0.82 -39.81 -12.24
CA VAL A 125 -0.24 -38.91 -11.26
C VAL A 125 1.09 -39.48 -10.85
N VAL A 126 2.11 -38.64 -10.76
CA VAL A 126 3.45 -39.09 -10.43
C VAL A 126 3.96 -38.35 -9.21
N SER A 127 4.80 -39.02 -8.44
CA SER A 127 5.43 -38.41 -7.30
C SER A 127 6.61 -37.54 -7.72
N PRO A 128 7.06 -36.62 -6.84
CA PRO A 128 8.25 -35.81 -7.16
C PRO A 128 9.47 -36.63 -7.56
N ALA A 129 9.71 -37.76 -6.90
CA ALA A 129 10.83 -38.59 -7.30
C ALA A 129 10.54 -39.33 -8.59
N GLU A 130 9.30 -39.79 -8.80
CA GLU A 130 8.96 -40.42 -10.07
C GLU A 130 9.02 -39.45 -11.23
N ALA A 131 8.51 -38.23 -11.04
CA ALA A 131 8.56 -37.24 -12.11
C ALA A 131 9.99 -36.98 -12.55
N ALA A 132 10.89 -36.78 -11.59
CA ALA A 132 12.28 -36.49 -11.92
C ALA A 132 12.97 -37.70 -12.54
N THR A 133 12.61 -38.90 -12.09
CA THR A 133 13.10 -40.10 -12.73
C THR A 133 12.70 -40.14 -14.19
N PHE A 134 11.47 -39.73 -14.48
CA PHE A 134 11.01 -39.67 -15.86
C PHE A 134 11.79 -38.64 -16.67
N THR A 135 11.84 -37.39 -16.19
CA THR A 135 12.56 -36.38 -16.94
C THR A 135 14.03 -36.73 -17.07
N ASN A 136 14.60 -37.38 -16.04
CA ASN A 136 15.94 -37.90 -16.17
C ASN A 136 15.99 -38.97 -17.26
N ALA A 137 14.98 -39.83 -17.32
CA ALA A 137 14.97 -40.87 -18.35
C ALA A 137 15.02 -40.24 -19.72
N VAL A 138 14.30 -39.15 -19.92
CA VAL A 138 14.28 -38.46 -21.20
C VAL A 138 15.63 -37.82 -21.50
N GLN A 139 16.23 -37.21 -20.50
CA GLN A 139 17.54 -36.62 -20.70
C GLN A 139 18.58 -37.69 -21.01
N GLU A 140 18.46 -38.87 -20.43
CA GLU A 140 19.38 -39.94 -20.78
C GLU A 140 19.18 -40.38 -22.22
N MET A 141 17.94 -40.45 -22.67
CA MET A 141 17.67 -40.77 -24.05
C MET A 141 18.15 -39.63 -24.96
N SER A 142 17.88 -38.38 -24.56
CA SER A 142 18.30 -37.23 -25.36
C SER A 142 19.80 -37.16 -25.48
N GLU A 143 20.53 -37.66 -24.48
CA GLU A 143 21.99 -37.72 -24.50
C GLU A 143 22.51 -38.83 -25.39
N ALA A 144 21.70 -39.86 -25.62
CA ALA A 144 22.09 -40.90 -26.54
C ALA A 144 21.96 -40.49 -27.99
N THR A 145 21.40 -39.33 -28.29
CA THR A 145 21.33 -38.87 -29.67
C THR A 145 22.72 -38.60 -30.23
N ARG A 146 22.78 -38.47 -31.55
CA ARG A 146 24.07 -38.40 -32.23
C ARG A 146 24.91 -37.27 -31.68
N LEU A 147 24.36 -36.06 -31.66
CA LEU A 147 25.06 -34.94 -31.09
C LEU A 147 24.90 -34.89 -29.58
N GLY A 148 23.86 -35.51 -29.04
CA GLY A 148 23.65 -35.52 -27.63
C GLY A 148 23.09 -34.23 -27.08
N ILE A 149 22.21 -33.58 -27.83
CA ILE A 149 21.57 -32.36 -27.32
C ILE A 149 20.58 -32.72 -26.22
N PRO A 150 20.58 -31.98 -25.07
CA PRO A 150 19.62 -32.31 -24.00
C PRO A 150 18.22 -31.86 -24.35
N SER A 151 17.25 -32.18 -23.50
CA SER A 151 15.87 -31.79 -23.68
C SER A 151 15.46 -30.73 -22.65
N LEU A 152 14.43 -29.97 -22.99
CA LEU A 152 13.82 -29.03 -22.08
C LEU A 152 12.34 -29.33 -21.94
N PHE A 153 11.86 -29.35 -20.70
CA PHE A 153 10.47 -29.57 -20.40
C PHE A 153 9.80 -28.26 -20.01
N LYS A 154 8.63 -28.02 -20.56
CA LYS A 154 7.84 -26.87 -20.19
C LYS A 154 6.53 -27.39 -19.62
N SER A 155 5.78 -26.52 -18.98
CA SER A 155 4.52 -26.93 -18.37
C SER A 155 3.70 -25.70 -18.04
N ASN A 156 2.40 -25.90 -17.91
CA ASN A 156 1.55 -24.84 -17.43
C ASN A 156 1.68 -24.74 -15.92
N ALA A 157 1.05 -23.70 -15.35
CA ALA A 157 1.15 -23.45 -13.93
C ALA A 157 0.73 -24.67 -13.11
N ARG A 158 1.39 -24.86 -11.97
CA ARG A 158 1.16 -25.98 -11.07
C ARG A 158 0.98 -25.62 -9.61
N ASN A 159 1.18 -24.38 -9.22
CA ASN A 159 1.17 -24.04 -7.81
C ASN A 159 -0.09 -23.34 -7.37
N HIS A 160 -1.11 -23.31 -8.21
CA HIS A 160 -2.30 -22.57 -7.90
C HIS A 160 -3.40 -23.52 -7.51
N ILE A 161 -4.09 -23.16 -6.43
CA ILE A 161 -5.26 -23.89 -5.98
C ILE A 161 -6.35 -23.79 -7.03
N ASP A 162 -7.13 -24.86 -7.15
CA ASP A 162 -8.32 -24.79 -8.02
C ASP A 162 -9.44 -24.37 -7.08
N PRO A 163 -9.88 -23.10 -7.13
CA PRO A 163 -10.92 -22.62 -6.23
C PRO A 163 -12.22 -23.42 -6.40
N ASP A 164 -12.22 -24.41 -7.31
CA ASP A 164 -13.40 -25.28 -7.53
C ASP A 164 -13.15 -26.60 -6.82
N ALA A 165 -11.89 -26.94 -6.59
CA ALA A 165 -11.56 -28.16 -5.83
C ALA A 165 -10.77 -27.77 -4.57
N ARG A 166 -11.43 -27.10 -3.64
CA ARG A 166 -10.75 -26.63 -2.40
C ARG A 166 -10.65 -27.78 -1.41
N VAL A 167 -11.50 -28.80 -1.54
CA VAL A 167 -11.51 -29.93 -0.57
C VAL A 167 -10.21 -30.70 -0.67
N GLY A 168 -9.71 -30.88 -1.90
CA GLY A 168 -8.46 -31.64 -2.11
C GLY A 168 -7.23 -30.77 -2.22
N ILE A 169 -7.29 -29.50 -1.80
CA ILE A 169 -6.04 -28.71 -1.80
C ILE A 169 -4.97 -29.51 -1.07
N ASN A 170 -3.75 -29.52 -1.58
CA ASN A 170 -2.70 -30.38 -0.97
C ASN A 170 -2.07 -29.63 0.21
N GLU A 171 -2.17 -30.21 1.39
CA GLU A 171 -1.56 -29.60 2.59
C GLU A 171 -0.49 -30.55 3.11
N ALA A 172 0.11 -31.32 2.20
CA ALA A 172 1.19 -32.24 2.59
C ALA A 172 2.22 -32.34 1.47
N ALA A 173 3.34 -32.99 1.74
CA ALA A 173 4.44 -33.07 0.77
C ALA A 173 4.05 -33.95 -0.42
N GLY A 174 4.85 -33.92 -1.48
CA GLY A 174 4.60 -34.78 -2.64
C GLY A 174 3.84 -34.05 -3.72
N ALA A 175 3.26 -32.91 -3.39
CA ALA A 175 2.55 -32.09 -4.38
C ALA A 175 3.14 -30.68 -4.36
N PHE A 176 3.00 -29.95 -5.45
CA PHE A 176 3.51 -28.56 -5.51
C PHE A 176 2.79 -27.70 -4.49
N SER A 177 3.53 -26.85 -3.79
CA SER A 177 2.94 -25.99 -2.76
C SER A 177 1.78 -25.19 -3.32
N ALA A 178 0.67 -25.18 -2.59
CA ALA A 178 -0.55 -24.53 -3.10
C ALA A 178 -0.62 -23.05 -2.74
N PHE A 179 -0.73 -22.20 -3.74
CA PHE A 179 -0.88 -20.75 -3.52
C PHE A 179 -2.22 -20.35 -4.12
N PRO A 180 -2.71 -19.13 -3.88
CA PRO A 180 -3.92 -18.67 -4.57
C PRO A 180 -3.69 -18.60 -6.07
N LYS A 181 -4.77 -18.46 -6.83
CA LYS A 181 -4.63 -18.18 -8.26
C LYS A 181 -3.83 -16.89 -8.49
N GLU A 182 -3.46 -16.68 -9.75
CA GLU A 182 -2.67 -15.51 -10.15
C GLU A 182 -3.23 -14.21 -9.58
N ALA A 183 -4.54 -13.97 -9.72
CA ALA A 183 -5.13 -12.75 -9.20
C ALA A 183 -4.99 -12.66 -7.69
N GLY A 184 -5.02 -13.79 -6.99
CA GLY A 184 -4.87 -13.78 -5.54
C GLY A 184 -3.47 -13.36 -5.12
N ILE A 185 -2.48 -13.77 -5.89
CA ILE A 185 -1.13 -13.29 -5.68
C ILE A 185 -1.05 -11.78 -5.91
N ALA A 186 -1.71 -11.29 -6.94
CA ALA A 186 -1.74 -9.84 -7.14
C ALA A 186 -2.54 -9.17 -6.05
N ALA A 187 -3.62 -9.80 -5.57
CA ALA A 187 -4.36 -9.23 -4.47
C ALA A 187 -3.49 -9.12 -3.23
N ALA A 188 -2.63 -10.12 -3.00
CA ALA A 188 -1.76 -10.08 -1.85
C ALA A 188 -0.70 -8.99 -2.00
N ALA A 189 -0.15 -8.83 -3.21
CA ALA A 189 0.88 -7.81 -3.41
C ALA A 189 0.33 -6.40 -3.22
N LEU A 190 -0.86 -6.11 -3.74
CA LEU A 190 -1.48 -4.81 -3.51
C LEU A 190 -1.79 -4.60 -2.04
N GLY A 191 -2.32 -5.62 -1.36
CA GLY A 191 -2.60 -5.47 0.05
C GLY A 191 -1.37 -5.35 0.90
N GLU A 192 -0.28 -5.95 0.50
CA GLU A 192 0.90 -5.81 1.31
C GLU A 192 1.52 -4.44 1.10
N GLN A 193 1.41 -3.88 -0.12
CA GLN A 193 1.81 -2.50 -0.33
C GLN A 193 0.92 -1.57 0.47
N ALA A 194 -0.38 -1.77 0.38
CA ALA A 194 -1.29 -0.89 1.09
C ALA A 194 -1.05 -0.95 2.58
N ARG A 195 -0.83 -2.15 3.11
CA ARG A 195 -0.60 -2.27 4.52
C ARG A 195 0.65 -1.50 4.94
N ARG A 196 1.68 -1.49 4.11
CA ARG A 196 2.95 -0.85 4.47
C ARG A 196 2.99 0.63 4.14
N THR A 197 2.35 1.05 3.07
CA THR A 197 2.46 2.41 2.58
C THR A 197 1.15 3.19 2.55
N GLY A 198 -0.01 2.52 2.44
CA GLY A 198 -1.26 3.21 2.19
C GLY A 198 -1.61 3.37 0.73
N GLU A 199 -0.78 2.90 -0.18
CA GLU A 199 -1.00 3.02 -1.60
C GLU A 199 -1.27 1.64 -2.16
N ALA A 200 -2.15 1.56 -3.15
CA ALA A 200 -2.49 0.29 -3.82
C ALA A 200 -2.42 0.53 -5.33
N THR A 201 -1.21 0.51 -5.86
CA THR A 201 -1.04 0.82 -7.28
C THR A 201 -0.27 -0.28 -8.00
N THR A 202 1.03 -0.41 -7.72
CA THR A 202 1.88 -1.37 -8.40
C THR A 202 2.24 -2.58 -7.55
N GLY A 203 1.88 -2.60 -6.28
CA GLY A 203 2.07 -3.77 -5.46
C GLY A 203 3.42 -3.84 -4.80
N ASP A 204 3.49 -4.72 -3.79
CA ASP A 204 4.68 -5.07 -3.05
C ASP A 204 5.18 -6.42 -3.54
N MET A 205 6.11 -6.41 -4.50
CA MET A 205 6.61 -7.59 -5.19
C MET A 205 7.39 -8.56 -4.31
N SER A 206 7.61 -8.28 -3.02
CA SER A 206 8.26 -9.30 -2.20
C SER A 206 7.35 -10.52 -2.05
N VAL A 207 6.04 -10.29 -2.04
CA VAL A 207 5.07 -11.37 -2.11
C VAL A 207 5.31 -12.21 -3.35
N VAL A 208 5.40 -11.57 -4.51
CA VAL A 208 5.53 -12.29 -5.77
C VAL A 208 6.83 -13.05 -5.80
N ALA A 209 7.89 -12.44 -5.27
CA ALA A 209 9.18 -13.12 -5.26
C ALA A 209 9.19 -14.30 -4.30
N ASP A 210 8.46 -14.17 -3.18
CA ASP A 210 8.30 -15.28 -2.26
C ASP A 210 7.63 -16.46 -2.95
N PHE A 211 6.52 -16.19 -3.63
CA PHE A 211 5.84 -17.25 -4.35
C PHE A 211 6.75 -17.84 -5.40
N ALA A 212 7.36 -16.99 -6.23
CA ALA A 212 8.15 -17.45 -7.35
C ALA A 212 9.42 -18.16 -6.92
N ASP A 213 9.93 -17.85 -5.74
CA ASP A 213 11.10 -18.53 -5.26
C ASP A 213 10.79 -19.96 -4.88
N VAL A 214 9.61 -20.20 -4.30
CA VAL A 214 9.19 -21.56 -4.00
C VAL A 214 8.92 -22.32 -5.28
N MET A 215 8.16 -21.74 -6.20
CA MET A 215 7.86 -22.42 -7.45
C MET A 215 9.13 -22.81 -8.19
N GLY A 216 10.17 -22.01 -8.09
CA GLY A 216 11.39 -22.30 -8.81
C GLY A 216 12.15 -23.49 -8.24
N GLU A 217 12.40 -23.47 -6.93
CA GLU A 217 13.09 -24.59 -6.31
C GLU A 217 12.36 -25.89 -6.63
N GLU A 218 11.04 -25.87 -6.55
CA GLU A 218 10.25 -27.08 -6.68
C GLU A 218 10.22 -27.56 -8.12
N TRP A 219 9.93 -26.66 -9.06
CA TRP A 219 9.94 -27.05 -10.47
C TRP A 219 11.30 -27.58 -10.89
N ALA A 220 12.35 -26.85 -10.55
CA ALA A 220 13.69 -27.27 -10.92
C ALA A 220 14.03 -28.63 -10.34
N SER A 221 13.54 -28.95 -9.15
CA SER A 221 13.95 -30.20 -8.52
C SER A 221 13.45 -31.43 -9.25
N ILE A 222 12.47 -31.29 -10.13
CA ILE A 222 11.99 -32.40 -10.94
C ILE A 222 12.43 -32.28 -12.39
N GLY A 223 13.37 -31.39 -12.69
CA GLY A 223 13.91 -31.28 -14.02
C GLY A 223 12.96 -30.66 -15.00
N LEU A 224 12.10 -29.78 -14.53
CA LEU A 224 11.14 -29.06 -15.33
C LEU A 224 11.61 -27.62 -15.37
N ARG A 225 12.43 -27.29 -16.34
CA ARG A 225 13.10 -26.00 -16.40
C ARG A 225 12.39 -24.99 -17.30
N GLY A 226 11.15 -25.25 -17.71
CA GLY A 226 10.46 -24.33 -18.59
C GLY A 226 9.00 -24.23 -18.25
N MET A 227 8.39 -23.13 -18.68
CA MET A 227 7.00 -22.86 -18.40
C MET A 227 6.29 -22.26 -19.60
N TYR A 228 5.08 -22.75 -19.88
CA TYR A 228 4.14 -22.05 -20.75
C TYR A 228 3.43 -21.03 -19.91
N GLY A 229 4.02 -19.87 -19.77
CA GLY A 229 3.52 -18.85 -18.89
C GLY A 229 4.67 -18.14 -18.23
N TYR A 230 4.36 -17.26 -17.29
CA TYR A 230 3.02 -16.91 -16.91
C TYR A 230 2.22 -16.04 -17.91
N MET A 231 0.98 -15.73 -17.57
CA MET A 231 0.18 -14.90 -18.44
C MET A 231 0.34 -13.44 -18.07
N ALA A 232 0.70 -12.64 -19.06
CA ALA A 232 0.80 -11.20 -18.94
C ALA A 232 -0.46 -10.54 -19.44
N ASP A 233 -1.41 -11.31 -19.93
CA ASP A 233 -2.65 -10.74 -20.39
C ASP A 233 -3.34 -10.00 -19.27
N LEU A 234 -4.10 -8.98 -19.62
CA LEU A 234 -4.75 -8.15 -18.63
C LEU A 234 -6.22 -8.44 -18.67
N SER A 235 -6.86 -8.38 -17.51
CA SER A 235 -8.28 -8.65 -17.42
C SER A 235 -9.11 -7.42 -17.73
N THR A 236 -8.73 -6.65 -18.76
CA THR A 236 -9.44 -5.43 -19.07
C THR A 236 -10.85 -5.74 -19.56
N GLU A 237 -11.08 -6.92 -20.13
CA GLU A 237 -12.42 -7.26 -20.59
C GLU A 237 -12.98 -8.37 -19.72
N PRO A 238 -13.87 -8.05 -18.78
CA PRO A 238 -14.30 -9.05 -17.80
C PRO A 238 -15.08 -10.20 -18.40
N ARG A 239 -15.59 -10.06 -19.61
CA ARG A 239 -16.34 -11.17 -20.16
C ARG A 239 -15.44 -12.23 -20.76
N TRP A 240 -14.14 -11.97 -20.81
CA TRP A 240 -13.20 -12.99 -21.24
C TRP A 240 -13.13 -14.11 -20.20
N TYR A 241 -13.29 -15.35 -20.62
CA TYR A 241 -13.24 -16.43 -19.63
C TYR A 241 -11.84 -16.64 -19.05
N ARG A 242 -10.77 -16.23 -19.74
CA ARG A 242 -9.42 -16.46 -19.25
C ARG A 242 -9.00 -15.47 -18.19
N THR A 243 -9.88 -14.59 -17.76
CA THR A 243 -9.53 -13.71 -16.66
C THR A 243 -9.19 -14.47 -15.39
N HIS A 244 -9.54 -15.76 -15.31
CA HIS A 244 -9.20 -16.55 -14.14
C HIS A 244 -7.72 -16.84 -14.06
N GLU A 245 -6.99 -16.71 -15.15
CA GLU A 245 -5.57 -16.93 -15.13
C GLU A 245 -4.78 -15.65 -15.36
N THR A 246 -5.43 -14.50 -15.26
CA THR A 246 -4.73 -13.24 -15.35
C THR A 246 -4.41 -12.77 -13.95
N PHE A 247 -3.35 -11.97 -13.82
CA PHE A 247 -3.03 -11.39 -12.53
C PHE A 247 -3.87 -10.16 -12.22
N THR A 248 -4.05 -9.29 -13.19
CA THR A 248 -4.78 -8.08 -12.91
C THR A 248 -5.30 -7.50 -14.20
N GLU A 249 -6.11 -6.46 -14.08
CA GLU A 249 -6.51 -5.64 -15.20
C GLU A 249 -5.52 -4.51 -15.49
N ASP A 250 -4.70 -4.15 -14.51
CA ASP A 250 -3.81 -3.01 -14.56
C ASP A 250 -2.49 -3.40 -15.17
N ALA A 251 -2.14 -2.72 -16.26
CA ALA A 251 -0.91 -2.99 -16.99
C ALA A 251 0.32 -2.72 -16.15
N TYR A 252 0.26 -1.73 -15.25
CA TYR A 252 1.43 -1.33 -14.49
C TYR A 252 1.73 -2.34 -13.41
N LEU A 253 0.73 -2.72 -12.62
CA LEU A 253 0.91 -3.81 -11.70
C LEU A 253 1.29 -5.09 -12.44
N ALA A 254 0.68 -5.32 -13.60
CA ALA A 254 1.03 -6.51 -14.37
C ALA A 254 2.50 -6.48 -14.76
N ALA A 255 2.98 -5.31 -15.19
CA ALA A 255 4.36 -5.17 -15.60
C ALA A 255 5.34 -5.41 -14.44
N GLU A 256 5.01 -4.91 -13.24
CA GLU A 256 5.89 -5.15 -12.09
C GLU A 256 5.90 -6.62 -11.70
N ILE A 257 4.78 -7.31 -11.90
CA ILE A 257 4.71 -8.72 -11.58
C ILE A 257 5.52 -9.54 -12.58
N MET A 258 5.45 -9.22 -13.87
CA MET A 258 6.24 -9.98 -14.83
C MET A 258 7.74 -9.81 -14.60
N GLU A 259 8.16 -8.58 -14.30
CA GLU A 259 9.56 -8.31 -13.98
C GLU A 259 10.03 -9.22 -12.86
N THR A 260 9.35 -9.16 -11.71
CA THR A 260 9.71 -9.95 -10.54
C THR A 260 9.71 -11.43 -10.86
N LEU A 261 8.66 -11.90 -11.50
CA LEU A 261 8.62 -13.30 -11.89
C LEU A 261 9.84 -13.67 -12.71
N VAL A 262 10.22 -12.82 -13.67
CA VAL A 262 11.29 -13.18 -14.56
C VAL A 262 12.60 -13.17 -13.81
N GLN A 263 12.82 -12.16 -13.00
CA GLN A 263 14.01 -12.08 -12.18
C GLN A 263 14.10 -13.27 -11.24
N THR A 264 13.01 -13.57 -10.52
CA THR A 264 13.04 -14.64 -9.54
C THR A 264 13.24 -15.98 -10.19
N LEU A 265 12.49 -16.28 -11.24
CA LEU A 265 12.51 -17.63 -11.78
C LEU A 265 13.69 -17.85 -12.71
N GLN A 266 14.08 -16.82 -13.48
CA GLN A 266 15.17 -16.90 -14.43
C GLN A 266 16.49 -16.37 -13.89
N GLY A 267 16.47 -15.42 -12.98
CA GLY A 267 17.69 -14.87 -12.48
C GLY A 267 17.90 -13.44 -12.94
N GLU A 268 18.79 -12.75 -12.26
CA GLU A 268 19.09 -11.38 -12.60
C GLU A 268 20.36 -11.25 -13.42
N GLU A 269 21.10 -12.34 -13.59
CA GLU A 269 22.30 -12.35 -14.41
C GLU A 269 21.90 -12.47 -15.88
N LEU A 270 22.00 -11.36 -16.61
CA LEU A 270 21.69 -11.34 -18.03
C LEU A 270 22.90 -11.69 -18.88
N THR A 271 22.69 -12.47 -19.93
CA THR A 271 23.78 -12.74 -20.84
C THR A 271 24.07 -11.50 -21.68
N ASP A 272 25.07 -11.60 -22.54
CA ASP A 272 25.34 -10.51 -23.47
C ASP A 272 24.20 -10.31 -24.42
N ASN A 273 23.47 -11.39 -24.73
CA ASN A 273 22.32 -11.31 -25.60
C ASN A 273 21.13 -10.69 -24.90
N GLY A 274 21.25 -10.39 -23.62
CA GLY A 274 20.18 -9.73 -22.90
C GLY A 274 19.14 -10.65 -22.34
N LEU A 275 19.47 -11.92 -22.13
CA LEU A 275 18.55 -12.94 -21.63
C LEU A 275 19.00 -13.45 -20.27
N ALA A 276 18.09 -13.43 -19.32
CA ALA A 276 18.36 -13.91 -17.98
C ALA A 276 18.51 -15.42 -17.99
N LEU A 277 19.63 -15.91 -18.51
CA LEU A 277 19.83 -17.34 -18.70
C LEU A 277 21.18 -17.72 -18.14
N SER A 278 21.18 -18.54 -17.10
CA SER A 278 22.42 -18.96 -16.46
C SER A 278 22.17 -20.35 -15.90
N PRO A 279 23.21 -21.02 -15.39
CA PRO A 279 22.97 -22.34 -14.76
C PRO A 279 22.11 -22.29 -13.53
N GLN A 280 21.96 -21.13 -12.92
CA GLN A 280 21.09 -20.94 -11.78
C GLN A 280 19.67 -20.59 -12.16
N THR A 281 19.39 -20.50 -13.47
CA THR A 281 18.04 -20.25 -13.96
C THR A 281 17.16 -21.45 -13.66
N ARG A 282 16.22 -21.29 -12.72
CA ARG A 282 15.43 -22.45 -12.32
C ARG A 282 14.34 -22.75 -13.33
N VAL A 283 13.62 -21.74 -13.80
CA VAL A 283 12.60 -21.94 -14.80
C VAL A 283 12.67 -20.81 -15.81
N ALA A 284 12.87 -21.14 -17.08
CA ALA A 284 12.82 -20.16 -18.14
C ALA A 284 11.38 -20.02 -18.59
N LEU A 285 10.90 -18.80 -18.61
CA LEU A 285 9.51 -18.53 -18.87
C LEU A 285 9.26 -18.37 -20.36
N THR A 286 8.10 -18.82 -20.78
CA THR A 286 7.57 -18.57 -22.11
C THR A 286 6.34 -17.71 -21.90
N LEU A 287 6.57 -16.42 -21.78
CA LEU A 287 5.47 -15.51 -21.47
C LEU A 287 4.44 -15.48 -22.60
N LYS A 288 3.18 -15.37 -22.22
CA LYS A 288 2.05 -15.47 -23.13
C LYS A 288 0.98 -14.51 -22.65
N HIS A 289 0.07 -14.11 -23.54
CA HIS A 289 0.07 -14.38 -24.97
C HIS A 289 0.33 -13.08 -25.74
N PHE A 290 1.55 -12.90 -26.26
CA PHE A 290 1.96 -11.62 -26.83
C PHE A 290 1.09 -11.25 -28.03
N PRO A 291 0.75 -9.96 -28.20
CA PRO A 291 1.24 -8.83 -27.41
C PRO A 291 0.28 -8.42 -26.32
N GLY A 292 -0.60 -9.34 -25.94
CA GLY A 292 -1.62 -9.08 -24.96
C GLY A 292 -2.93 -9.69 -25.37
N GLY A 293 -3.43 -10.67 -24.62
CA GLY A 293 -4.61 -11.36 -25.05
C GLY A 293 -5.89 -10.84 -24.47
N GLY A 294 -5.83 -9.87 -23.57
CA GLY A 294 -6.95 -9.42 -22.80
C GLY A 294 -8.13 -8.76 -23.49
N PRO A 295 -7.90 -7.88 -24.48
CA PRO A 295 -9.06 -7.10 -24.96
C PRO A 295 -9.90 -7.80 -26.03
N GLN A 296 -10.67 -8.81 -25.61
CA GLN A 296 -11.46 -9.58 -26.56
C GLN A 296 -12.79 -8.90 -26.80
N GLU A 297 -13.17 -8.78 -28.06
CA GLU A 297 -14.43 -8.15 -28.39
C GLU A 297 -15.56 -9.02 -27.83
N LEU A 298 -16.42 -8.40 -27.03
CA LEU A 298 -17.50 -9.07 -26.33
C LEU A 298 -17.02 -10.16 -25.39
N GLY A 299 -15.73 -10.20 -25.09
CA GLY A 299 -15.16 -11.25 -24.28
C GLY A 299 -15.06 -12.60 -24.97
N LEU A 300 -15.30 -12.67 -26.27
CA LEU A 300 -15.25 -13.94 -26.96
C LEU A 300 -13.83 -14.26 -27.33
N ASP A 301 -13.43 -15.50 -27.06
CA ASP A 301 -12.05 -15.96 -27.16
C ASP A 301 -11.71 -16.44 -28.56
N PRO A 302 -10.57 -16.05 -29.06
CA PRO A 302 -10.14 -16.47 -30.39
C PRO A 302 -9.78 -17.94 -30.53
N HIS A 303 -9.97 -18.76 -29.50
CA HIS A 303 -9.97 -20.19 -29.75
C HIS A 303 -11.07 -20.53 -30.73
N TYR A 304 -12.07 -19.67 -30.79
CA TYR A 304 -13.32 -19.88 -31.48
C TYR A 304 -13.44 -18.93 -32.65
N ALA A 305 -14.15 -19.40 -33.69
CA ALA A 305 -14.23 -18.62 -34.91
C ALA A 305 -15.06 -17.36 -34.71
N PHE A 306 -16.03 -17.39 -33.83
CA PHE A 306 -16.74 -16.15 -33.58
C PHE A 306 -15.94 -15.15 -32.74
N GLY A 307 -14.72 -15.48 -32.31
CA GLY A 307 -14.05 -14.65 -31.33
C GLY A 307 -12.70 -14.16 -31.76
N LYS A 308 -12.47 -14.16 -33.07
CA LYS A 308 -11.15 -13.84 -33.61
C LYS A 308 -10.70 -12.42 -33.33
N ALA A 309 -11.56 -11.55 -32.81
CA ALA A 309 -11.35 -10.11 -32.81
C ALA A 309 -10.81 -9.65 -31.50
N GLN A 310 -9.79 -8.79 -31.55
CA GLN A 310 -9.34 -8.05 -30.40
C GLN A 310 -9.43 -6.59 -30.74
N VAL A 311 -10.25 -5.86 -30.00
CA VAL A 311 -10.55 -4.47 -30.30
C VAL A 311 -10.04 -3.60 -29.18
N TYR A 312 -9.76 -2.34 -29.52
CA TYR A 312 -9.08 -1.42 -28.63
C TYR A 312 -9.76 -0.06 -28.65
N PRO A 313 -11.00 0.02 -28.16
CA PRO A 313 -11.72 1.30 -28.20
C PRO A 313 -11.06 2.42 -27.43
N ALA A 314 -10.35 2.14 -26.35
CA ALA A 314 -9.61 3.21 -25.68
C ALA A 314 -8.18 3.35 -26.18
N GLY A 315 -7.85 2.73 -27.30
CA GLY A 315 -6.52 2.81 -27.87
C GLY A 315 -5.39 2.38 -26.98
N ARG A 316 -5.58 1.30 -26.22
CA ARG A 316 -4.62 0.84 -25.23
C ARG A 316 -3.73 -0.29 -25.73
N PHE A 317 -3.67 -0.52 -27.04
CA PHE A 317 -2.83 -1.56 -27.56
C PHE A 317 -1.48 -1.51 -26.89
N GLU A 318 -0.92 -0.32 -26.70
CA GLU A 318 0.43 -0.27 -26.17
C GLU A 318 0.49 -0.58 -24.68
N GLU A 319 -0.53 -0.26 -23.89
CA GLU A 319 -0.51 -0.64 -22.49
C GLU A 319 -0.49 -2.16 -22.34
N HIS A 320 -1.30 -2.85 -23.13
CA HIS A 320 -1.42 -4.28 -23.02
C HIS A 320 -0.11 -5.00 -23.27
N PHE A 321 0.78 -4.47 -24.12
CA PHE A 321 2.07 -5.13 -24.25
C PHE A 321 3.14 -4.55 -23.34
N LEU A 322 2.79 -3.59 -22.50
CA LEU A 322 3.73 -3.12 -21.50
C LEU A 322 4.25 -4.22 -20.59
N PRO A 323 3.42 -5.09 -20.02
CA PRO A 323 3.98 -6.16 -19.20
C PRO A 323 4.96 -7.02 -19.97
N PHE A 324 4.74 -7.17 -21.27
CA PHE A 324 5.67 -7.95 -22.07
C PHE A 324 7.00 -7.23 -22.22
N GLN A 325 6.96 -5.91 -22.36
N GLN A 325 6.98 -5.90 -22.37
CA GLN A 325 8.19 -5.12 -22.46
CA GLN A 325 8.25 -5.19 -22.48
C GLN A 325 8.99 -5.22 -21.18
C GLN A 325 9.02 -5.25 -21.17
N ALA A 326 8.33 -5.22 -20.03
CA ALA A 326 9.02 -5.36 -18.77
C ALA A 326 9.66 -6.73 -18.65
N ALA A 327 8.97 -7.76 -19.12
CA ALA A 327 9.54 -9.10 -19.04
C ALA A 327 10.68 -9.26 -20.03
N ILE A 328 10.52 -8.72 -21.24
CA ILE A 328 11.58 -8.75 -22.23
C ILE A 328 12.83 -8.10 -21.68
N ASP A 329 12.69 -6.89 -21.14
CA ASP A 329 13.83 -6.18 -20.59
C ASP A 329 14.48 -6.95 -19.46
N ALA A 330 13.71 -7.67 -18.65
CA ALA A 330 14.33 -8.47 -17.62
C ALA A 330 14.97 -9.72 -18.17
N GLY A 331 14.83 -10.00 -19.45
CA GLY A 331 15.47 -11.13 -20.08
C GLY A 331 14.64 -12.39 -20.27
N VAL A 332 13.33 -12.27 -20.43
CA VAL A 332 12.47 -13.45 -20.57
C VAL A 332 12.93 -14.29 -21.73
N SER A 333 12.93 -15.61 -21.52
CA SER A 333 13.60 -16.49 -22.45
C SER A 333 12.81 -16.63 -23.73
N SER A 334 11.49 -16.70 -23.64
CA SER A 334 10.69 -17.05 -24.79
C SER A 334 9.37 -16.31 -24.71
N ILE A 335 8.68 -16.25 -25.84
CA ILE A 335 7.44 -15.53 -25.97
C ILE A 335 6.51 -16.39 -26.82
N MET A 336 5.24 -16.42 -26.44
CA MET A 336 4.20 -17.09 -27.20
C MET A 336 3.17 -16.06 -27.61
N PRO A 337 2.83 -15.94 -28.89
CA PRO A 337 1.82 -14.97 -29.30
C PRO A 337 0.44 -15.52 -29.05
N TYR A 338 -0.57 -14.67 -29.24
CA TYR A 338 -1.94 -15.12 -29.20
C TYR A 338 -2.45 -15.28 -30.61
N TYR A 339 -3.67 -15.78 -30.75
CA TYR A 339 -4.21 -15.99 -32.07
C TYR A 339 -5.38 -15.08 -32.41
N GLY A 340 -5.75 -14.18 -31.52
CA GLY A 340 -6.69 -13.14 -31.89
C GLY A 340 -6.14 -12.20 -32.94
N VAL A 341 -7.03 -11.45 -33.54
CA VAL A 341 -6.76 -10.54 -34.64
C VAL A 341 -6.83 -9.10 -34.13
N PRO A 342 -5.77 -8.31 -34.29
CA PRO A 342 -5.79 -6.91 -33.89
C PRO A 342 -6.55 -6.06 -34.90
N VAL A 343 -7.68 -5.52 -34.47
CA VAL A 343 -8.59 -4.83 -35.37
C VAL A 343 -8.28 -3.34 -35.40
N ASP A 344 -7.91 -2.85 -36.59
CA ASP A 344 -7.62 -1.44 -36.87
C ASP A 344 -6.68 -0.88 -35.82
N VAL A 345 -5.53 -1.49 -35.69
CA VAL A 345 -4.60 -1.11 -34.64
C VAL A 345 -3.40 -0.45 -35.29
N PRO A 346 -3.09 0.80 -34.95
CA PRO A 346 -1.94 1.48 -35.56
C PRO A 346 -0.66 0.74 -35.34
N VAL A 347 0.16 0.67 -36.37
CA VAL A 347 1.43 -0.01 -36.24
C VAL A 347 2.36 0.79 -35.35
N VAL A 348 2.90 0.13 -34.35
CA VAL A 348 3.90 0.77 -33.52
C VAL A 348 5.13 1.08 -34.36
N GLY A 349 5.53 2.34 -34.34
CA GLY A 349 6.75 2.78 -35.00
C GLY A 349 6.69 2.76 -36.50
N GLY A 350 5.51 2.99 -37.07
CA GLY A 350 5.30 2.90 -38.48
C GLY A 350 4.82 4.24 -39.01
N GLU A 351 4.60 4.26 -40.27
CA GLU A 351 4.23 5.59 -40.73
C GLU A 351 2.73 5.79 -40.64
N PRO A 352 2.28 7.05 -40.60
CA PRO A 352 0.89 7.31 -40.22
C PRO A 352 -0.11 6.60 -41.12
N GLY A 353 -1.28 6.32 -40.56
CA GLY A 353 -2.35 5.59 -41.21
C GLY A 353 -2.19 4.09 -41.25
N GLU A 354 -0.99 3.56 -41.00
CA GLU A 354 -0.72 2.15 -41.13
C GLU A 354 -1.30 1.34 -39.96
N THR A 355 -1.86 0.18 -40.27
CA THR A 355 -2.39 -0.70 -39.23
C THR A 355 -1.82 -2.11 -39.39
N TYR A 356 -1.87 -2.87 -38.32
CA TYR A 356 -1.38 -4.23 -38.40
C TYR A 356 -2.35 -5.03 -39.25
N PRO A 357 -1.85 -6.04 -39.95
CA PRO A 357 -2.72 -6.88 -40.77
C PRO A 357 -3.78 -7.56 -39.93
N HIS A 358 -4.97 -7.69 -40.50
CA HIS A 358 -6.03 -8.41 -39.81
C HIS A 358 -5.81 -9.91 -39.91
N THR A 359 -4.64 -10.35 -39.51
CA THR A 359 -4.34 -11.75 -39.34
C THR A 359 -4.05 -12.00 -37.87
N GLY A 360 -4.20 -13.25 -37.44
CA GLY A 360 -3.88 -13.59 -36.08
C GLY A 360 -2.43 -13.26 -35.79
N PHE A 361 -2.18 -12.80 -34.57
CA PHE A 361 -0.83 -12.38 -34.21
C PHE A 361 0.17 -13.44 -34.59
N ALA A 362 -0.15 -14.71 -34.33
CA ALA A 362 0.80 -15.79 -34.57
C ALA A 362 1.19 -15.93 -36.03
N PHE A 363 0.57 -15.21 -36.94
CA PHE A 363 0.90 -15.30 -38.33
C PHE A 363 1.36 -13.97 -38.92
N SER A 364 1.41 -12.91 -38.12
CA SER A 364 1.82 -11.57 -38.55
C SER A 364 3.32 -11.40 -38.36
N ASP A 365 4.04 -11.29 -39.47
CA ASP A 365 5.42 -10.83 -39.39
C ASP A 365 5.48 -9.45 -38.76
N SER A 366 4.45 -8.65 -39.01
CA SER A 366 4.30 -7.32 -38.41
C SER A 366 4.49 -7.37 -36.91
N ILE A 367 3.92 -8.40 -36.29
CA ILE A 367 3.78 -8.50 -34.84
C ILE A 367 4.92 -9.28 -34.21
N VAL A 368 5.27 -10.42 -34.78
CA VAL A 368 6.22 -11.30 -34.13
C VAL A 368 7.66 -10.96 -34.51
N ASN A 369 7.89 -10.48 -35.74
CA ASN A 369 9.18 -9.91 -36.12
C ASN A 369 9.21 -8.39 -35.98
N GLY A 370 8.15 -7.72 -36.37
CA GLY A 370 8.15 -6.27 -36.31
C GLY A 370 8.08 -5.78 -34.89
N LEU A 371 6.88 -5.80 -34.30
CA LEU A 371 6.69 -5.29 -32.96
C LEU A 371 7.61 -5.97 -31.96
N LEU A 372 7.64 -7.29 -31.95
CA LEU A 372 8.34 -8.02 -30.90
C LEU A 372 9.84 -7.79 -30.98
N ARG A 373 10.43 -8.11 -32.10
CA ARG A 373 11.88 -8.09 -32.18
C ARG A 373 12.42 -6.74 -32.59
N ASP A 374 11.72 -6.05 -33.48
CA ASP A 374 12.29 -4.81 -33.98
C ASP A 374 11.90 -3.61 -33.12
N GLN A 375 10.65 -3.51 -32.67
CA GLN A 375 10.27 -2.39 -31.81
C GLN A 375 10.63 -2.63 -30.37
N LEU A 376 10.32 -3.80 -29.80
CA LEU A 376 10.74 -4.06 -28.44
C LEU A 376 12.05 -4.82 -28.48
N GLY A 377 12.63 -5.02 -27.33
CA GLY A 377 14.00 -5.53 -27.44
C GLY A 377 14.22 -6.99 -27.77
N PHE A 378 13.18 -7.78 -28.07
CA PHE A 378 13.27 -9.21 -27.80
C PHE A 378 14.33 -9.91 -28.62
N THR A 379 15.08 -10.78 -27.94
CA THR A 379 16.20 -11.47 -28.54
C THR A 379 16.15 -12.97 -28.32
N GLY A 380 15.02 -13.51 -27.87
CA GLY A 380 14.89 -14.91 -27.64
C GLY A 380 14.10 -15.58 -28.74
N TYR A 381 13.57 -16.77 -28.43
CA TYR A 381 12.79 -17.51 -29.41
C TYR A 381 11.31 -17.41 -29.14
N VAL A 382 10.52 -17.56 -30.20
CA VAL A 382 9.08 -17.53 -30.12
C VAL A 382 8.58 -18.96 -30.22
N ASN A 383 7.66 -19.30 -29.32
CA ASN A 383 7.01 -20.59 -29.20
C ASN A 383 5.56 -20.35 -29.60
N SER A 384 5.04 -21.12 -30.55
CA SER A 384 3.66 -20.91 -30.97
C SER A 384 2.69 -21.40 -29.90
N ASN A 385 1.40 -21.14 -30.11
CA ASN A 385 0.36 -21.73 -29.28
C ASN A 385 0.04 -23.15 -29.70
N THR A 386 -0.53 -23.92 -28.79
CA THR A 386 -0.86 -25.31 -29.10
C THR A 386 -2.18 -25.39 -29.83
N GLY A 387 -2.19 -26.12 -30.92
CA GLY A 387 -3.44 -26.38 -31.59
C GLY A 387 -4.06 -25.17 -32.24
N ILE A 388 -3.29 -24.37 -32.97
CA ILE A 388 -3.88 -23.21 -33.62
C ILE A 388 -3.54 -23.18 -35.11
N ILE A 389 -2.39 -23.74 -35.49
CA ILE A 389 -1.97 -23.66 -36.88
C ILE A 389 -3.01 -24.27 -37.80
N ASN A 390 -3.46 -25.48 -37.50
CA ASN A 390 -4.31 -26.16 -38.45
C ASN A 390 -5.70 -25.55 -38.48
N ASP A 391 -6.31 -25.32 -37.33
CA ASP A 391 -7.70 -24.95 -37.30
C ASP A 391 -7.96 -23.50 -36.93
N ARG A 392 -6.96 -22.73 -36.50
CA ARG A 392 -7.22 -21.39 -35.99
C ARG A 392 -6.26 -20.35 -36.56
N ALA A 393 -5.95 -20.44 -37.84
CA ALA A 393 -5.09 -19.45 -38.49
C ALA A 393 -5.95 -18.34 -39.06
N TRP A 394 -6.46 -17.51 -38.14
CA TRP A 394 -7.41 -16.47 -38.49
C TRP A 394 -6.86 -15.47 -39.49
N GLY A 395 -7.68 -15.13 -40.50
CA GLY A 395 -7.20 -14.34 -41.60
C GLY A 395 -6.50 -15.14 -42.68
N LEU A 396 -6.39 -16.45 -42.52
CA LEU A 396 -5.79 -17.39 -43.45
C LEU A 396 -6.71 -18.59 -43.69
N GLU A 397 -8.02 -18.34 -43.68
CA GLU A 397 -9.02 -19.41 -43.80
C GLU A 397 -8.83 -20.25 -45.03
N GLY A 398 -8.61 -19.61 -46.17
CA GLY A 398 -8.44 -20.31 -47.42
C GLY A 398 -7.09 -20.94 -47.62
N ASN A 399 -6.09 -20.54 -46.85
CA ASN A 399 -4.76 -21.07 -47.04
C ASN A 399 -4.70 -22.55 -46.65
N THR A 400 -3.73 -23.25 -47.23
CA THR A 400 -3.50 -24.62 -46.85
C THR A 400 -2.74 -24.67 -45.52
N VAL A 401 -2.69 -25.86 -44.94
CA VAL A 401 -1.94 -26.06 -43.71
C VAL A 401 -0.47 -25.79 -43.91
N PRO A 402 0.20 -26.32 -44.93
CA PRO A 402 1.60 -25.94 -45.11
C PRO A 402 1.77 -24.44 -45.26
N GLU A 403 0.84 -23.77 -45.93
CA GLU A 403 0.94 -22.33 -46.05
C GLU A 403 0.86 -21.67 -44.68
N ARG A 404 -0.02 -22.16 -43.81
CA ARG A 404 -0.15 -21.58 -42.48
C ARG A 404 1.11 -21.79 -41.65
N VAL A 405 1.63 -23.02 -41.61
CA VAL A 405 2.87 -23.24 -40.86
C VAL A 405 3.96 -22.32 -41.39
N ALA A 406 4.10 -22.25 -42.72
CA ALA A 406 5.06 -21.35 -43.31
C ALA A 406 4.88 -19.92 -42.85
N ALA A 407 3.63 -19.44 -42.83
CA ALA A 407 3.34 -18.07 -42.41
C ALA A 407 3.84 -17.79 -41.01
N ALA A 408 3.56 -18.71 -40.08
CA ALA A 408 3.96 -18.53 -38.71
C ALA A 408 5.47 -18.57 -38.57
N ILE A 409 6.10 -19.53 -39.25
CA ILE A 409 7.54 -19.64 -39.21
C ILE A 409 8.18 -18.38 -39.77
N ASN A 410 7.81 -18.00 -40.99
CA ASN A 410 8.40 -16.82 -41.59
C ASN A 410 8.02 -15.56 -40.85
N GLY A 411 6.85 -15.54 -40.21
CA GLY A 411 6.45 -14.43 -39.37
C GLY A 411 7.19 -14.33 -38.06
N GLY A 412 8.02 -15.31 -37.73
CA GLY A 412 8.82 -15.18 -36.55
C GLY A 412 8.71 -16.28 -35.54
N THR A 413 7.78 -17.22 -35.71
CA THR A 413 7.67 -18.34 -34.78
C THR A 413 8.76 -19.38 -35.01
N ASP A 414 9.43 -19.80 -33.95
CA ASP A 414 10.60 -20.64 -34.04
C ASP A 414 10.34 -22.09 -33.71
N THR A 415 9.33 -22.39 -32.89
CA THR A 415 9.04 -23.78 -32.52
C THR A 415 7.54 -23.97 -32.50
N LEU A 416 7.10 -25.14 -32.95
CA LEU A 416 5.69 -25.41 -33.21
C LEU A 416 5.13 -26.30 -32.11
N SER A 417 4.12 -25.78 -31.39
CA SER A 417 3.53 -26.46 -30.24
C SER A 417 2.45 -27.44 -30.69
N GLY A 418 2.53 -28.65 -30.16
CA GLY A 418 1.65 -29.70 -30.56
C GLY A 418 2.13 -30.44 -31.78
N PHE A 419 3.33 -30.11 -32.24
CA PHE A 419 3.90 -30.76 -33.44
C PHE A 419 4.91 -31.81 -32.98
N SER A 420 4.96 -32.94 -33.68
CA SER A 420 5.87 -34.03 -33.30
C SER A 420 6.30 -34.78 -34.57
N ASP A 421 6.10 -34.19 -35.74
CA ASP A 421 6.53 -34.81 -37.01
C ASP A 421 7.46 -33.86 -37.76
N VAL A 422 8.76 -34.14 -37.74
CA VAL A 422 9.77 -33.27 -38.41
C VAL A 422 9.47 -33.20 -39.91
N SER A 423 8.92 -34.27 -40.46
CA SER A 423 8.61 -34.32 -41.91
C SER A 423 7.92 -33.02 -42.32
N VAL A 424 7.08 -32.49 -41.45
CA VAL A 424 6.32 -31.25 -41.77
C VAL A 424 7.28 -30.13 -42.13
N ILE A 425 8.30 -29.90 -41.31
CA ILE A 425 9.25 -28.77 -41.55
C ILE A 425 10.02 -29.03 -42.84
N THR A 426 10.55 -30.23 -42.99
CA THR A 426 11.36 -30.56 -44.19
C THR A 426 10.47 -30.43 -45.42
N ASP A 427 9.24 -30.92 -45.34
CA ASP A 427 8.32 -30.85 -46.49
C ASP A 427 8.15 -29.40 -46.92
N LEU A 428 8.10 -28.48 -45.96
CA LEU A 428 7.97 -27.07 -46.29
C LEU A 428 9.27 -26.48 -46.77
N TYR A 429 10.39 -27.02 -46.31
CA TYR A 429 11.66 -26.53 -46.80
C TYR A 429 11.89 -27.02 -48.20
N GLU A 430 11.51 -28.27 -48.45
CA GLU A 430 11.66 -28.82 -49.78
C GLU A 430 10.72 -28.11 -50.75
N ALA A 431 9.57 -27.66 -50.25
CA ALA A 431 8.63 -26.88 -51.04
C ALA A 431 9.01 -25.41 -51.16
N ASP A 432 10.15 -25.00 -50.59
CA ASP A 432 10.66 -23.65 -50.69
C ASP A 432 9.74 -22.58 -50.11
N LEU A 433 9.03 -22.91 -49.04
CA LEU A 433 8.25 -21.93 -48.29
C LEU A 433 8.98 -21.45 -47.05
N ILE A 434 10.13 -22.03 -46.76
CA ILE A 434 10.92 -21.73 -45.59
C ILE A 434 12.37 -21.90 -46.01
N SER A 435 13.18 -20.84 -45.89
CA SER A 435 14.59 -20.95 -46.22
C SER A 435 15.31 -21.81 -45.20
N GLU A 436 16.37 -22.50 -45.65
CA GLU A 436 17.25 -23.09 -44.67
C GLU A 436 17.92 -22.01 -43.83
N GLU A 437 18.01 -20.78 -44.33
CA GLU A 437 18.50 -19.69 -43.51
C GLU A 437 17.58 -19.45 -42.33
N ARG A 438 16.27 -19.48 -42.58
CA ARG A 438 15.31 -19.27 -41.51
C ARG A 438 15.38 -20.39 -40.49
N ILE A 439 15.50 -21.63 -40.96
CA ILE A 439 15.66 -22.76 -40.06
C ILE A 439 16.88 -22.58 -39.18
N ASP A 440 18.01 -22.23 -39.79
CA ASP A 440 19.22 -22.05 -39.00
C ASP A 440 19.00 -21.01 -37.93
N LEU A 441 18.31 -19.92 -38.27
CA LEU A 441 18.04 -18.89 -37.28
C LEU A 441 17.27 -19.46 -36.12
N ALA A 442 16.17 -20.16 -36.40
CA ALA A 442 15.42 -20.82 -35.35
C ALA A 442 16.33 -21.70 -34.51
N ALA A 443 17.14 -22.52 -35.16
CA ALA A 443 17.99 -23.41 -34.41
C ALA A 443 18.94 -22.65 -33.49
N GLU A 444 19.40 -21.47 -33.89
CA GLU A 444 20.32 -20.74 -33.04
C GLU A 444 19.59 -20.17 -31.86
N ARG A 445 18.38 -19.66 -32.07
CA ARG A 445 17.59 -19.12 -30.99
C ARG A 445 17.17 -20.21 -30.01
N LEU A 446 16.92 -21.42 -30.52
CA LEU A 446 16.40 -22.50 -29.69
C LEU A 446 17.49 -23.20 -28.92
N LEU A 447 18.71 -23.19 -29.42
CA LEU A 447 19.76 -23.84 -28.67
C LEU A 447 20.36 -22.92 -27.64
N GLU A 448 20.23 -21.61 -27.83
CA GLU A 448 20.92 -20.68 -26.94
C GLU A 448 20.54 -20.91 -25.49
N PRO A 449 19.26 -20.97 -25.11
CA PRO A 449 18.95 -21.17 -23.69
C PRO A 449 19.54 -22.45 -23.12
N LEU A 450 19.53 -23.54 -23.89
CA LEU A 450 20.03 -24.80 -23.36
C LEU A 450 21.49 -24.69 -23.01
N PHE A 451 22.28 -24.04 -23.87
CA PHE A 451 23.67 -23.80 -23.53
C PHE A 451 23.75 -22.95 -22.28
N ASP A 452 23.08 -21.81 -22.30
CA ASP A 452 23.18 -20.85 -21.21
C ASP A 452 22.64 -21.41 -19.90
N MET A 453 21.66 -22.32 -19.96
CA MET A 453 21.12 -22.90 -18.74
C MET A 453 21.98 -24.02 -18.20
N GLY A 454 23.06 -24.37 -18.88
CA GLY A 454 23.95 -25.38 -18.37
C GLY A 454 23.50 -26.79 -18.61
N LEU A 455 22.46 -27.01 -19.41
CA LEU A 455 22.01 -28.36 -19.70
C LEU A 455 22.96 -29.13 -20.59
N PHE A 456 23.89 -28.46 -21.25
CA PHE A 456 24.90 -29.17 -22.02
C PHE A 456 25.99 -29.74 -21.13
N GLU A 457 26.22 -29.14 -19.96
CA GLU A 457 27.13 -29.70 -18.99
C GLU A 457 26.44 -30.73 -18.10
N ASN A 458 25.29 -30.39 -17.54
CA ASN A 458 24.58 -31.31 -16.68
C ASN A 458 23.08 -31.15 -16.81
N PRO A 459 22.39 -32.10 -17.43
CA PRO A 459 20.93 -31.99 -17.59
C PRO A 459 20.09 -32.83 -16.63
N TYR A 460 20.68 -33.38 -15.57
CA TYR A 460 19.99 -34.32 -14.69
C TYR A 460 19.72 -33.75 -13.31
N VAL A 461 18.85 -34.45 -12.60
CA VAL A 461 18.41 -34.08 -11.27
C VAL A 461 18.44 -35.32 -10.40
N ASP A 462 18.65 -35.13 -9.10
CA ASP A 462 18.60 -36.22 -8.12
C ASP A 462 17.16 -36.41 -7.71
N PRO A 463 16.54 -37.54 -8.02
CA PRO A 463 15.14 -37.74 -7.63
C PRO A 463 14.92 -37.83 -6.12
N ASP A 464 15.88 -38.33 -5.34
CA ASP A 464 15.73 -38.28 -3.88
C ASP A 464 15.52 -36.86 -3.40
N VAL A 465 16.15 -35.87 -4.04
CA VAL A 465 16.05 -34.49 -3.58
C VAL A 465 14.71 -33.85 -3.92
N ALA A 466 14.07 -34.25 -5.01
CA ALA A 466 12.75 -33.74 -5.33
C ALA A 466 11.76 -34.10 -4.24
N THR A 467 11.87 -35.32 -3.72
CA THR A 467 11.05 -35.78 -2.60
C THR A 467 11.12 -34.78 -1.46
N ALA A 468 12.33 -34.36 -1.08
CA ALA A 468 12.55 -33.44 0.02
C ALA A 468 12.18 -32.00 -0.31
N THR A 469 11.85 -31.69 -1.55
CA THR A 469 11.64 -30.31 -1.98
C THR A 469 10.20 -29.95 -2.26
N VAL A 470 9.47 -30.79 -2.99
CA VAL A 470 8.16 -30.44 -3.52
C VAL A 470 7.14 -30.50 -2.38
N GLY A 471 6.60 -29.35 -2.00
CA GLY A 471 5.68 -29.35 -0.90
C GLY A 471 6.31 -29.50 0.44
N ALA A 472 7.59 -29.14 0.58
CA ALA A 472 8.21 -29.08 1.89
C ALA A 472 7.38 -28.20 2.81
N ASP A 473 7.47 -28.44 4.11
CA ASP A 473 6.66 -27.70 5.07
C ASP A 473 6.84 -26.20 4.88
N ASP A 474 8.09 -25.76 4.73
CA ASP A 474 8.38 -24.33 4.63
C ASP A 474 7.87 -23.76 3.32
N HIS A 475 7.90 -24.54 2.26
CA HIS A 475 7.30 -24.07 0.99
C HIS A 475 5.80 -23.90 1.19
N ARG A 476 5.13 -24.89 1.79
CA ARG A 476 3.66 -24.84 1.97
C ARG A 476 3.27 -23.68 2.87
N ALA A 477 4.07 -23.39 3.87
CA ALA A 477 3.78 -22.26 4.77
C ALA A 477 3.78 -20.98 3.95
N VAL A 478 4.76 -20.80 3.08
CA VAL A 478 4.77 -19.63 2.21
C VAL A 478 3.50 -19.56 1.41
N GLY A 479 3.08 -20.71 0.84
CA GLY A 479 1.84 -20.74 0.10
C GLY A 479 0.67 -20.29 0.94
N LEU A 480 0.59 -20.81 2.17
CA LEU A 480 -0.50 -20.46 3.05
C LEU A 480 -0.46 -19.04 3.53
N ASP A 481 0.73 -18.42 3.55
CA ASP A 481 0.80 -17.00 3.85
C ASP A 481 0.10 -16.18 2.78
N LEU A 482 0.38 -16.47 1.51
CA LEU A 482 -0.22 -15.71 0.43
C LEU A 482 -1.69 -15.99 0.31
N GLN A 483 -2.11 -17.21 0.64
CA GLN A 483 -3.53 -17.53 0.65
C GLN A 483 -4.29 -16.60 1.57
N ARG A 484 -3.76 -16.35 2.77
CA ARG A 484 -4.45 -15.52 3.75
C ARG A 484 -4.39 -14.06 3.37
N LYS A 485 -3.31 -13.65 2.68
CA LYS A 485 -3.12 -12.27 2.25
C LYS A 485 -3.86 -11.92 0.98
N SER A 486 -4.31 -12.92 0.22
CA SER A 486 -5.03 -12.69 -1.02
C SER A 486 -6.51 -12.44 -0.78
N LEU A 487 -7.05 -12.86 0.35
CA LEU A 487 -8.45 -12.67 0.65
C LEU A 487 -8.79 -11.19 0.69
N VAL A 488 -9.76 -10.77 -0.12
CA VAL A 488 -10.22 -9.39 -0.15
C VAL A 488 -11.58 -9.31 0.53
N LEU A 489 -11.66 -8.47 1.57
CA LEU A 489 -12.89 -8.22 2.29
C LEU A 489 -13.62 -7.05 1.65
N LEU A 490 -14.65 -7.34 0.86
CA LEU A 490 -15.40 -6.31 0.13
C LEU A 490 -16.46 -5.60 0.97
N GLN A 491 -17.06 -6.28 1.93
CA GLN A 491 -18.14 -5.69 2.70
C GLN A 491 -18.14 -6.33 4.07
N ASN A 492 -18.32 -5.51 5.10
CA ASN A 492 -18.36 -5.98 6.48
C ASN A 492 -19.33 -5.10 7.24
N GLU A 493 -20.58 -5.52 7.28
CA GLU A 493 -21.63 -4.72 7.88
C GLU A 493 -21.34 -4.41 9.34
N GLU A 494 -21.76 -3.24 9.78
CA GLU A 494 -21.67 -2.85 11.18
C GLU A 494 -23.02 -3.06 11.82
N THR A 495 -23.11 -4.06 12.69
CA THR A 495 -24.35 -4.36 13.38
C THR A 495 -24.37 -3.63 14.70
N ASP A 496 -25.53 -3.69 15.36
CA ASP A 496 -25.65 -3.19 16.72
C ASP A 496 -24.56 -3.77 17.61
N GLU A 497 -24.27 -5.06 17.49
CA GLU A 497 -23.29 -5.70 18.32
C GLU A 497 -21.86 -5.58 17.78
N GLY A 498 -21.67 -4.94 16.62
CA GLY A 498 -20.37 -4.77 16.04
C GLY A 498 -20.30 -5.24 14.61
N PRO A 499 -19.10 -5.23 14.04
CA PRO A 499 -18.97 -5.73 12.66
C PRO A 499 -19.07 -7.24 12.61
N VAL A 500 -19.64 -7.70 11.49
CA VAL A 500 -19.88 -9.10 11.27
C VAL A 500 -18.58 -9.89 11.42
N LEU A 501 -17.49 -9.40 10.79
CA LEU A 501 -16.24 -10.13 10.93
C LEU A 501 -15.23 -9.36 11.78
N PRO A 502 -14.41 -10.03 12.58
CA PRO A 502 -14.32 -11.49 12.71
C PRO A 502 -15.45 -12.11 13.51
N LEU A 503 -15.70 -13.38 13.20
CA LEU A 503 -16.68 -14.15 13.92
C LEU A 503 -16.42 -14.10 15.42
N LYS A 504 -17.51 -14.16 16.17
CA LYS A 504 -17.42 -14.40 17.60
C LYS A 504 -16.99 -15.84 17.88
N GLU A 505 -16.64 -16.08 19.14
CA GLU A 505 -16.25 -17.42 19.57
C GLU A 505 -17.48 -18.29 19.78
N GLY A 506 -17.47 -19.48 19.20
CA GLY A 506 -18.58 -20.39 19.33
C GLY A 506 -19.80 -20.00 18.52
N GLY A 507 -20.71 -20.93 18.29
CA GLY A 507 -21.95 -20.63 17.64
C GLY A 507 -22.36 -21.68 16.62
N ASP A 508 -23.62 -21.60 16.21
CA ASP A 508 -24.18 -22.50 15.22
C ASP A 508 -23.95 -21.91 13.84
N VAL A 509 -23.24 -22.62 12.99
CA VAL A 509 -22.86 -22.17 11.67
C VAL A 509 -23.51 -23.06 10.64
N TYR A 510 -24.07 -22.43 9.60
CA TYR A 510 -24.66 -23.13 8.48
C TYR A 510 -23.73 -22.96 7.29
N ILE A 511 -23.40 -24.08 6.64
CA ILE A 511 -22.44 -24.01 5.51
C ILE A 511 -23.12 -24.37 4.20
N LEU A 512 -22.81 -23.61 3.15
CA LEU A 512 -23.32 -23.88 1.80
C LEU A 512 -22.14 -23.64 0.86
N GLY A 513 -21.80 -24.63 0.05
CA GLY A 513 -20.65 -24.51 -0.85
C GLY A 513 -19.48 -25.36 -0.40
N ASP A 514 -18.39 -25.33 -1.16
CA ASP A 514 -17.20 -26.17 -0.85
C ASP A 514 -16.61 -25.78 0.51
N PHE A 515 -17.09 -26.42 1.56
CA PHE A 515 -16.55 -26.16 2.91
C PHE A 515 -16.23 -27.50 3.57
N THR A 516 -15.08 -27.59 4.22
CA THR A 516 -14.72 -28.82 4.97
C THR A 516 -15.30 -28.66 6.37
N GLU A 517 -16.39 -29.37 6.67
CA GLU A 517 -17.10 -29.21 7.96
C GLU A 517 -16.15 -29.31 9.16
N GLU A 518 -15.41 -30.41 9.27
CA GLU A 518 -14.59 -30.58 10.47
C GLU A 518 -13.58 -29.45 10.63
N THR A 519 -13.10 -28.89 9.53
CA THR A 519 -12.22 -27.74 9.61
C THR A 519 -12.92 -26.53 10.20
N VAL A 520 -14.15 -26.27 9.75
CA VAL A 520 -14.90 -25.19 10.37
C VAL A 520 -15.23 -25.54 11.81
N GLU A 521 -15.66 -26.79 12.05
CA GLU A 521 -16.05 -27.20 13.40
C GLU A 521 -14.89 -27.03 14.38
N SER A 522 -13.68 -27.37 13.94
CA SER A 522 -12.53 -27.33 14.83
C SER A 522 -12.21 -25.93 15.32
N TYR A 523 -12.74 -24.88 14.69
CA TYR A 523 -12.60 -23.54 15.26
C TYR A 523 -13.65 -23.27 16.32
N GLY A 524 -14.43 -24.25 16.70
CA GLY A 524 -15.32 -24.09 17.81
C GLY A 524 -16.74 -23.80 17.48
N TYR A 525 -17.24 -24.31 16.35
CA TYR A 525 -18.61 -24.06 15.91
C TYR A 525 -19.39 -25.35 15.74
N GLU A 526 -20.67 -25.31 16.11
CA GLU A 526 -21.59 -26.36 15.74
C GLU A 526 -21.96 -26.06 14.31
N VAL A 527 -21.78 -27.01 13.42
CA VAL A 527 -22.01 -26.78 12.02
C VAL A 527 -23.17 -27.63 11.53
N THR A 528 -24.08 -27.01 10.78
CA THR A 528 -25.09 -27.68 9.98
C THR A 528 -24.72 -27.57 8.52
N ASN A 529 -24.83 -28.67 7.79
CA ASN A 529 -24.34 -28.71 6.42
C ASN A 529 -25.53 -28.62 5.47
N GLY A 530 -25.68 -27.48 4.79
CA GLY A 530 -26.75 -27.37 3.84
C GLY A 530 -26.48 -27.99 2.51
N ASN A 531 -25.44 -28.78 2.37
CA ASN A 531 -25.08 -29.42 1.11
C ASN A 531 -25.66 -30.81 1.06
N VAL A 532 -26.65 -31.02 0.20
CA VAL A 532 -27.35 -32.29 0.07
C VAL A 532 -27.48 -32.64 -1.40
N ALA A 533 -27.46 -33.94 -1.69
CA ALA A 533 -27.71 -34.37 -3.05
C ALA A 533 -29.10 -33.94 -3.45
N GLU A 534 -29.29 -33.67 -4.74
CA GLU A 534 -30.50 -32.97 -5.14
C GLU A 534 -31.77 -33.76 -4.81
N GLY A 535 -31.66 -35.05 -4.51
CA GLY A 535 -32.82 -35.76 -4.04
C GLY A 535 -33.19 -35.39 -2.62
N GLU A 536 -32.21 -35.49 -1.72
CA GLU A 536 -32.40 -35.26 -0.29
C GLU A 536 -32.90 -33.85 -0.01
N GLU A 537 -33.33 -33.66 1.24
CA GLU A 537 -33.91 -32.43 1.70
C GLU A 537 -32.89 -31.62 2.49
N ARG A 538 -32.87 -30.32 2.25
CA ARG A 538 -31.88 -29.43 2.84
C ARG A 538 -32.35 -29.00 4.22
N PRO A 539 -31.52 -29.15 5.26
CA PRO A 539 -31.91 -28.62 6.57
C PRO A 539 -31.98 -27.11 6.53
N SER A 540 -32.87 -26.56 7.33
CA SER A 540 -33.08 -25.14 7.25
C SER A 540 -32.01 -24.39 8.01
N ALA A 541 -31.77 -23.16 7.58
CA ALA A 541 -30.78 -22.31 8.20
C ALA A 541 -31.35 -21.38 9.26
N ALA A 542 -32.61 -21.52 9.64
CA ALA A 542 -33.14 -20.71 10.72
C ALA A 542 -32.33 -20.91 11.98
N GLY A 543 -32.24 -19.87 12.77
CA GLY A 543 -31.60 -19.97 14.06
C GLY A 543 -30.12 -20.20 14.05
N SER A 544 -29.47 -20.07 12.90
CA SER A 544 -28.02 -20.08 12.86
C SER A 544 -27.45 -18.74 13.30
N ASP A 545 -26.31 -18.80 13.97
CA ASP A 545 -25.65 -17.56 14.35
C ASP A 545 -24.88 -16.96 13.18
N TYR A 546 -24.31 -17.79 12.32
CA TYR A 546 -23.69 -17.35 11.08
C TYR A 546 -24.05 -18.29 9.95
N VAL A 547 -23.97 -17.76 8.75
CA VAL A 547 -24.17 -18.52 7.53
C VAL A 547 -22.94 -18.27 6.67
N LEU A 548 -22.25 -19.34 6.31
CA LEU A 548 -21.10 -19.29 5.42
C LEU A 548 -21.47 -19.88 4.08
N ILE A 549 -21.44 -19.03 3.05
CA ILE A 549 -21.76 -19.49 1.67
C ILE A 549 -20.50 -19.37 0.81
N SER A 550 -20.07 -20.47 0.22
CA SER A 550 -18.93 -20.44 -0.72
C SER A 550 -19.53 -20.54 -2.11
N MET A 551 -19.54 -19.45 -2.86
CA MET A 551 -20.22 -19.45 -4.17
C MET A 551 -19.33 -19.00 -5.32
N THR A 552 -19.66 -19.44 -6.52
CA THR A 552 -18.98 -19.01 -7.71
C THR A 552 -19.95 -19.14 -8.87
N ALA A 553 -19.48 -18.90 -10.08
CA ALA A 553 -20.24 -19.22 -11.27
C ALA A 553 -19.32 -19.91 -12.27
N LYS A 554 -19.89 -20.82 -13.05
CA LYS A 554 -19.18 -21.59 -14.06
C LYS A 554 -20.06 -21.73 -15.28
N THR A 555 -19.45 -22.06 -16.42
CA THR A 555 -20.17 -22.27 -17.66
C THR A 555 -20.48 -23.75 -17.90
N ASN A 556 -21.69 -24.03 -18.35
CA ASN A 556 -22.08 -25.34 -18.90
C ASN A 556 -22.43 -25.16 -20.36
N ALA A 557 -21.42 -24.92 -21.19
CA ALA A 557 -21.66 -24.71 -22.59
C ALA A 557 -21.23 -25.90 -23.41
N GLY A 558 -21.09 -27.06 -22.78
CA GLY A 558 -20.62 -28.22 -23.49
C GLY A 558 -21.47 -28.61 -24.68
N ASP A 559 -22.71 -28.15 -24.73
CA ASP A 559 -23.65 -28.50 -25.79
C ASP A 559 -23.55 -27.63 -27.02
N TYR A 560 -22.77 -26.56 -27.02
CA TYR A 560 -22.76 -25.69 -28.18
C TYR A 560 -22.26 -26.42 -29.42
N VAL A 561 -22.92 -26.12 -30.55
CA VAL A 561 -22.60 -26.60 -31.89
C VAL A 561 -22.81 -25.44 -32.85
N SER A 562 -21.86 -25.25 -33.78
CA SER A 562 -21.89 -24.04 -34.59
C SER A 562 -22.99 -24.07 -35.62
N ASP A 563 -23.18 -25.18 -36.31
CA ASP A 563 -24.09 -25.22 -37.45
C ASP A 563 -25.52 -25.64 -37.11
N ASP A 564 -25.80 -26.06 -35.89
CA ASP A 564 -27.15 -26.43 -35.52
C ASP A 564 -28.03 -25.19 -35.46
N PRO A 565 -29.16 -25.17 -36.18
CA PRO A 565 -30.04 -24.00 -36.12
C PRO A 565 -30.80 -23.86 -34.82
N SER A 566 -30.61 -24.79 -33.88
CA SER A 566 -31.10 -24.61 -32.52
C SER A 566 -30.20 -23.68 -31.72
N LEU A 567 -28.90 -23.72 -31.97
CA LEU A 567 -27.91 -23.03 -31.17
C LEU A 567 -27.08 -22.05 -31.99
N GLY A 568 -26.01 -22.55 -32.62
CA GLY A 568 -25.08 -21.66 -33.26
C GLY A 568 -25.71 -20.88 -34.39
N LEU A 569 -26.61 -21.51 -35.12
CA LEU A 569 -27.26 -20.92 -36.27
C LEU A 569 -28.74 -20.65 -36.03
N ASN A 570 -29.09 -20.30 -34.81
CA ASN A 570 -30.47 -19.98 -34.47
C ASN A 570 -30.62 -18.49 -34.54
N PRO A 571 -31.38 -17.95 -35.49
CA PRO A 571 -31.54 -16.51 -35.55
C PRO A 571 -32.15 -15.93 -34.29
N ASP A 572 -32.85 -16.73 -33.49
CA ASP A 572 -33.40 -16.27 -32.24
C ASP A 572 -32.33 -15.84 -31.25
N HIS A 573 -31.10 -16.31 -31.44
CA HIS A 573 -29.97 -15.98 -30.59
C HIS A 573 -29.27 -14.70 -31.01
N GLY A 574 -29.59 -14.13 -32.16
CA GLY A 574 -29.08 -12.83 -32.52
C GLY A 574 -27.94 -12.94 -33.50
N THR A 575 -27.21 -11.84 -33.64
CA THR A 575 -26.14 -11.77 -34.62
C THR A 575 -24.81 -11.41 -33.97
N ASN A 576 -23.74 -11.81 -34.61
CA ASN A 576 -22.41 -11.51 -34.10
C ASN A 576 -22.00 -10.08 -34.48
N PRO A 577 -21.94 -9.16 -33.51
CA PRO A 577 -21.61 -7.77 -33.82
C PRO A 577 -20.22 -7.56 -34.32
N SER A 578 -19.37 -8.58 -34.28
CA SER A 578 -17.97 -8.40 -34.63
C SER A 578 -17.81 -8.25 -36.14
N VAL A 579 -16.96 -7.31 -36.54
CA VAL A 579 -16.70 -7.04 -37.95
C VAL A 579 -15.21 -7.06 -38.13
N ILE A 580 -14.71 -7.97 -38.96
CA ILE A 580 -13.30 -7.97 -39.33
C ILE A 580 -13.17 -7.91 -40.86
N ILE A 581 -12.78 -6.75 -41.37
CA ILE A 581 -12.58 -6.61 -42.80
C ILE A 581 -11.25 -7.23 -43.15
N GLY A 582 -11.30 -8.21 -44.05
CA GLY A 582 -10.16 -8.93 -44.54
C GLY A 582 -9.09 -8.13 -45.24
N ASP A 583 -8.02 -8.86 -45.55
CA ASP A 583 -6.91 -8.37 -46.37
C ASP A 583 -7.42 -7.61 -47.60
N ASP A 584 -8.31 -8.25 -48.35
CA ASP A 584 -8.87 -7.84 -49.62
C ASP A 584 -9.85 -6.68 -49.57
N GLY A 585 -10.32 -6.26 -48.39
CA GLY A 585 -11.40 -5.30 -48.30
C GLY A 585 -12.77 -5.92 -48.06
N GLU A 586 -12.86 -7.25 -47.98
CA GLU A 586 -14.08 -7.99 -47.76
C GLU A 586 -14.15 -8.56 -46.35
N PRO A 587 -15.31 -8.49 -45.69
CA PRO A 587 -15.42 -9.06 -44.35
C PRO A 587 -15.04 -10.53 -44.31
N LEU A 588 -14.56 -10.94 -43.14
CA LEU A 588 -14.31 -12.33 -42.84
C LEU A 588 -15.62 -13.09 -42.67
N PRO A 589 -15.69 -14.33 -43.13
CA PRO A 589 -16.93 -15.11 -43.00
C PRO A 589 -17.44 -15.14 -41.58
N GLY A 590 -18.70 -14.73 -41.41
CA GLY A 590 -19.34 -14.64 -40.13
C GLY A 590 -19.06 -13.36 -39.38
N LEU A 591 -18.14 -12.54 -39.86
CA LEU A 591 -17.71 -11.39 -39.09
C LEU A 591 -17.89 -10.14 -39.92
N ASP A 592 -19.07 -10.01 -40.51
CA ASP A 592 -19.51 -8.82 -41.21
C ASP A 592 -20.36 -7.92 -40.34
N GLY A 593 -20.75 -8.37 -39.16
CA GLY A 593 -21.56 -7.60 -38.25
C GLY A 593 -23.00 -8.00 -38.28
N GLN A 594 -23.39 -8.86 -39.22
N GLN A 594 -23.38 -8.90 -39.19
CA GLN A 594 -24.78 -9.24 -39.36
CA GLN A 594 -24.78 -9.23 -39.42
C GLN A 594 -24.91 -10.72 -39.66
C GLN A 594 -25.01 -10.73 -39.44
N SER A 595 -24.02 -11.53 -39.11
CA SER A 595 -24.10 -12.97 -39.31
C SER A 595 -24.54 -13.66 -38.03
N LEU A 596 -25.00 -14.89 -38.19
CA LEU A 596 -25.34 -15.77 -37.09
C LEU A 596 -24.07 -16.17 -36.35
N TRP A 597 -24.22 -16.58 -35.09
CA TRP A 597 -23.06 -16.81 -34.24
C TRP A 597 -22.16 -17.90 -34.79
N GLY A 598 -22.74 -19.01 -35.21
CA GLY A 598 -21.93 -20.06 -35.79
C GLY A 598 -21.47 -19.79 -37.20
N ALA A 599 -21.76 -18.62 -37.76
CA ALA A 599 -21.44 -18.39 -39.17
C ALA A 599 -19.95 -18.34 -39.42
N ALA A 600 -19.16 -17.94 -38.43
CA ALA A 600 -17.73 -17.80 -38.65
C ALA A 600 -17.00 -19.13 -38.66
N ASP A 601 -17.59 -20.18 -38.09
CA ASP A 601 -16.96 -21.50 -38.06
C ASP A 601 -16.80 -22.05 -39.48
N VAL A 602 -15.64 -22.63 -39.74
CA VAL A 602 -15.35 -23.11 -41.08
C VAL A 602 -16.28 -24.24 -41.49
N CYS A 603 -16.86 -24.96 -40.54
CA CYS A 603 -17.90 -25.91 -40.91
C CYS A 603 -19.09 -25.25 -41.57
N VAL A 604 -19.20 -23.92 -41.54
CA VAL A 604 -20.28 -23.24 -42.19
C VAL A 604 -19.78 -22.62 -43.49
N HIS A 605 -18.90 -21.63 -43.40
CA HIS A 605 -18.44 -21.00 -44.62
C HIS A 605 -17.61 -21.95 -45.45
N LYS A 606 -17.09 -23.01 -44.85
CA LYS A 606 -16.39 -24.08 -45.56
C LYS A 606 -15.26 -23.55 -46.44
N GLU A 607 -14.74 -22.36 -46.15
CA GLU A 607 -13.58 -21.89 -46.87
C GLU A 607 -12.39 -22.79 -46.59
N GLY A 608 -11.41 -22.73 -47.46
CA GLY A 608 -10.21 -23.52 -47.34
C GLY A 608 -10.15 -24.64 -48.35
N HIS A 609 -8.96 -25.22 -48.47
CA HIS A 609 -8.72 -26.19 -49.52
C HIS A 609 -9.36 -27.53 -49.19
N GLU A 610 -10.24 -27.58 -48.19
CA GLU A 610 -10.98 -28.77 -47.81
C GLU A 610 -12.48 -28.55 -47.97
N GLU A 611 -13.15 -29.56 -48.53
CA GLU A 611 -14.56 -29.42 -48.90
C GLU A 611 -15.49 -29.60 -47.70
N ASN A 612 -15.29 -30.67 -46.91
CA ASN A 612 -16.16 -30.92 -45.77
C ASN A 612 -15.37 -30.78 -44.46
N PRO A 613 -15.23 -29.57 -43.94
CA PRO A 613 -14.48 -29.37 -42.69
C PRO A 613 -15.34 -29.67 -41.48
N SER A 614 -14.67 -29.86 -40.35
CA SER A 614 -15.34 -30.04 -39.08
C SER A 614 -15.44 -28.73 -38.29
N CYS A 615 -16.52 -28.61 -37.51
CA CYS A 615 -16.71 -27.43 -36.69
C CYS A 615 -15.61 -27.25 -35.66
N THR A 616 -14.95 -26.10 -35.69
CA THR A 616 -13.87 -25.80 -34.76
C THR A 616 -14.37 -25.32 -33.42
N ASP A 617 -15.61 -24.86 -33.34
CA ASP A 617 -16.13 -24.23 -32.14
C ASP A 617 -16.95 -25.16 -31.28
N ASN A 618 -17.26 -26.36 -31.78
CA ASN A 618 -18.17 -27.29 -31.13
C ASN A 618 -17.76 -27.62 -29.70
N ARG A 619 -18.75 -27.69 -28.81
CA ARG A 619 -18.54 -28.09 -27.39
C ARG A 619 -17.90 -26.97 -26.57
N LEU A 620 -17.37 -25.95 -27.23
CA LEU A 620 -16.68 -24.87 -26.53
C LEU A 620 -15.72 -25.42 -25.47
N ARG A 621 -14.85 -26.32 -25.91
CA ARG A 621 -14.07 -27.18 -25.00
C ARG A 621 -13.10 -26.40 -24.13
N PHE A 622 -12.51 -25.32 -24.65
CA PHE A 622 -11.55 -24.56 -23.85
C PHE A 622 -12.21 -23.66 -22.83
N GLY A 623 -13.52 -23.52 -22.82
CA GLY A 623 -14.22 -22.67 -21.89
C GLY A 623 -14.88 -21.50 -22.60
N GLY A 624 -15.60 -20.72 -21.80
CA GLY A 624 -16.40 -19.62 -22.29
C GLY A 624 -17.87 -20.00 -22.42
N ALA A 625 -18.72 -18.98 -22.36
CA ALA A 625 -20.15 -19.20 -22.44
C ALA A 625 -20.61 -19.30 -23.90
N TYR A 626 -21.88 -19.62 -24.09
CA TYR A 626 -22.46 -19.46 -25.40
C TYR A 626 -22.24 -18.01 -25.80
N PRO A 627 -21.76 -17.75 -27.02
CA PRO A 627 -21.41 -16.37 -27.39
C PRO A 627 -22.53 -15.37 -27.15
N TRP A 628 -23.78 -15.76 -27.38
CA TRP A 628 -24.86 -14.83 -27.11
C TRP A 628 -25.11 -14.64 -25.62
N GLU A 629 -24.33 -15.29 -24.76
CA GLU A 629 -24.51 -15.16 -23.33
C GLU A 629 -23.27 -14.65 -22.63
N SER A 630 -22.27 -14.18 -23.38
CA SER A 630 -20.97 -13.85 -22.84
C SER A 630 -20.98 -12.60 -21.96
N SER A 631 -22.02 -11.76 -22.03
CA SER A 631 -22.13 -10.58 -21.20
C SER A 631 -23.00 -10.81 -19.97
N ILE A 632 -23.52 -12.01 -19.79
CA ILE A 632 -24.31 -12.34 -18.60
C ILE A 632 -23.37 -12.64 -17.46
N LEU A 633 -22.90 -11.61 -16.77
CA LEU A 633 -22.00 -11.81 -15.66
C LEU A 633 -22.62 -11.49 -14.32
N ASP A 634 -23.90 -11.19 -14.28
CA ASP A 634 -24.58 -10.92 -13.02
C ASP A 634 -25.25 -12.18 -12.51
N PHE A 635 -25.33 -12.33 -11.20
CA PHE A 635 -25.73 -13.63 -10.66
C PHE A 635 -27.19 -13.96 -10.95
N THR A 636 -28.07 -12.95 -10.94
CA THR A 636 -29.45 -13.20 -11.32
C THR A 636 -29.53 -13.65 -12.77
N GLY A 637 -28.78 -13.00 -13.66
CA GLY A 637 -28.75 -13.42 -15.04
C GLY A 637 -28.17 -14.80 -15.25
N MET A 638 -27.10 -15.10 -14.53
CA MET A 638 -26.45 -16.38 -14.71
C MET A 638 -27.33 -17.51 -14.24
N GLU A 639 -28.09 -17.30 -13.17
CA GLU A 639 -29.05 -18.31 -12.76
C GLU A 639 -29.99 -18.66 -13.90
N ALA A 640 -30.48 -17.65 -14.62
CA ALA A 640 -31.49 -17.85 -15.64
C ALA A 640 -30.94 -18.22 -17.01
N ALA A 641 -29.62 -18.27 -17.17
CA ALA A 641 -29.03 -18.46 -18.48
C ALA A 641 -28.91 -19.93 -18.87
N GLU A 642 -28.61 -20.15 -20.14
CA GLU A 642 -28.43 -21.48 -20.67
C GLU A 642 -27.06 -22.03 -20.33
N SER A 643 -26.01 -21.25 -20.59
CA SER A 643 -24.66 -21.74 -20.47
C SER A 643 -23.97 -21.25 -19.22
N TRP A 644 -24.71 -20.74 -18.25
CA TRP A 644 -24.14 -20.32 -16.98
C TRP A 644 -24.79 -21.08 -15.85
N GLU A 645 -23.97 -21.50 -14.89
CA GLU A 645 -24.42 -22.19 -13.69
C GLU A 645 -23.83 -21.46 -12.50
N VAL A 646 -24.67 -21.11 -11.53
CA VAL A 646 -24.21 -20.49 -10.30
C VAL A 646 -24.14 -21.56 -9.22
N VAL A 647 -23.00 -21.62 -8.54
CA VAL A 647 -22.63 -22.74 -7.67
C VAL A 647 -22.38 -22.22 -6.26
N PRO A 648 -23.21 -22.55 -5.26
CA PRO A 648 -24.47 -23.27 -5.38
C PRO A 648 -25.52 -22.42 -6.06
N SER A 649 -26.67 -23.00 -6.41
CA SER A 649 -27.63 -22.25 -7.19
C SER A 649 -28.07 -21.02 -6.42
N LEU A 650 -28.30 -19.94 -7.16
CA LEU A 650 -28.83 -18.74 -6.54
C LEU A 650 -30.20 -19.00 -5.92
N GLU A 651 -30.97 -19.92 -6.50
CA GLU A 651 -32.21 -20.34 -5.85
C GLU A 651 -31.93 -20.77 -4.42
N THR A 652 -30.98 -21.69 -4.24
CA THR A 652 -30.73 -22.22 -2.92
C THR A 652 -30.14 -21.19 -2.00
N ILE A 653 -29.22 -20.36 -2.49
CA ILE A 653 -28.63 -19.30 -1.66
C ILE A 653 -29.69 -18.32 -1.24
N GLN A 654 -30.65 -18.03 -2.12
CA GLN A 654 -31.70 -17.09 -1.77
C GLN A 654 -32.67 -17.70 -0.77
N GLU A 655 -33.05 -18.97 -0.96
CA GLU A 655 -33.81 -19.66 0.08
C GLU A 655 -33.11 -19.57 1.42
N VAL A 656 -31.79 -19.79 1.43
CA VAL A 656 -31.04 -19.85 2.67
C VAL A 656 -30.94 -18.48 3.33
N MET A 657 -30.76 -17.42 2.55
CA MET A 657 -30.56 -16.09 3.15
C MET A 657 -31.86 -15.58 3.74
N ALA A 658 -32.96 -16.26 3.45
CA ALA A 658 -34.28 -15.89 3.98
C ALA A 658 -34.69 -16.78 5.14
N GLU A 659 -34.23 -18.02 5.16
CA GLU A 659 -34.49 -18.93 6.30
C GLU A 659 -33.81 -18.33 7.52
N VAL A 660 -32.74 -17.61 7.30
CA VAL A 660 -32.01 -16.97 8.41
C VAL A 660 -32.68 -15.66 8.73
N GLU A 661 -32.70 -15.30 9.99
CA GLU A 661 -33.41 -14.08 10.42
C GLU A 661 -32.83 -12.89 9.69
N ASP A 662 -31.70 -12.42 10.20
CA ASP A 662 -31.02 -11.26 9.59
C ASP A 662 -30.11 -11.78 8.49
N PRO A 663 -30.29 -11.33 7.25
CA PRO A 663 -29.32 -11.65 6.21
C PRO A 663 -27.95 -11.10 6.53
N SER A 664 -27.85 -10.34 7.61
CA SER A 664 -26.59 -9.85 8.12
C SER A 664 -25.75 -10.94 8.75
N LYS A 665 -26.32 -12.10 9.00
CA LYS A 665 -25.52 -13.20 9.48
C LYS A 665 -24.90 -13.97 8.34
N VAL A 666 -25.15 -13.58 7.11
CA VAL A 666 -24.64 -14.31 5.97
C VAL A 666 -23.27 -13.74 5.60
N ILE A 667 -22.34 -14.64 5.40
CA ILE A 667 -21.01 -14.33 4.94
C ILE A 667 -20.84 -15.03 3.61
N LEU A 668 -20.64 -14.26 2.55
CA LEU A 668 -20.43 -14.80 1.21
C LEU A 668 -18.95 -14.80 0.87
N HIS A 669 -18.43 -15.96 0.50
CA HIS A 669 -17.09 -16.12 -0.02
C HIS A 669 -17.25 -16.41 -1.49
N VAL A 670 -16.88 -15.45 -2.33
CA VAL A 670 -17.13 -15.47 -3.75
C VAL A 670 -15.82 -15.65 -4.46
N TYR A 671 -15.76 -16.64 -5.34
CA TYR A 671 -14.65 -16.79 -6.26
C TYR A 671 -15.07 -16.09 -7.54
N PHE A 672 -14.62 -14.86 -7.70
CA PHE A 672 -14.83 -14.12 -8.93
C PHE A 672 -13.87 -14.67 -9.97
N ARG A 673 -14.20 -15.87 -10.48
CA ARG A 673 -13.46 -16.44 -11.59
C ARG A 673 -13.38 -15.46 -12.76
N GLN A 674 -14.46 -14.75 -13.01
CA GLN A 674 -14.50 -13.56 -13.84
C GLN A 674 -15.13 -12.46 -12.99
N PRO A 675 -14.98 -11.19 -13.39
CA PRO A 675 -15.57 -10.13 -12.58
C PRO A 675 -17.08 -10.15 -12.54
N TYR A 676 -17.64 -11.11 -11.80
CA TYR A 676 -19.08 -11.29 -11.73
C TYR A 676 -19.73 -10.12 -11.04
N VAL A 677 -21.00 -9.93 -11.33
CA VAL A 677 -21.69 -8.72 -10.92
C VAL A 677 -22.67 -9.10 -9.83
N LEU A 678 -22.50 -8.48 -8.65
CA LEU A 678 -23.39 -8.62 -7.51
C LEU A 678 -24.58 -7.68 -7.68
N ASP A 679 -25.48 -8.08 -8.58
CA ASP A 679 -26.63 -7.25 -8.94
C ASP A 679 -27.55 -7.01 -7.75
N GLU A 680 -28.22 -5.86 -7.75
CA GLU A 680 -29.06 -5.57 -6.59
C GLU A 680 -30.22 -6.55 -6.49
N GLU A 681 -30.69 -7.04 -7.63
CA GLU A 681 -31.85 -7.91 -7.62
C GLU A 681 -31.56 -9.24 -6.94
N SER A 682 -30.37 -9.78 -7.13
CA SER A 682 -29.97 -11.05 -6.51
C SER A 682 -30.18 -11.06 -5.01
N GLY A 683 -30.08 -9.91 -4.35
CA GLY A 683 -30.11 -9.84 -2.92
C GLY A 683 -28.84 -10.23 -2.20
N LEU A 684 -27.79 -10.66 -2.91
CA LEU A 684 -26.56 -11.05 -2.24
C LEU A 684 -25.94 -9.89 -1.47
N ARG A 685 -26.02 -8.67 -2.00
CA ARG A 685 -25.41 -7.54 -1.32
C ARG A 685 -25.91 -7.39 0.08
N ASP A 686 -27.06 -8.00 0.38
CA ASP A 686 -27.62 -7.96 1.71
C ASP A 686 -26.85 -8.81 2.69
N ALA A 687 -25.87 -9.57 2.22
CA ALA A 687 -25.04 -10.33 3.14
C ALA A 687 -24.30 -9.39 4.08
N GLY A 688 -24.06 -9.86 5.30
CA GLY A 688 -23.35 -9.07 6.29
C GLY A 688 -21.88 -8.88 5.95
N ALA A 689 -21.28 -9.85 5.29
CA ALA A 689 -19.90 -9.76 4.86
C ALA A 689 -19.76 -10.47 3.53
N ILE A 690 -18.99 -9.86 2.64
CA ILE A 690 -18.70 -10.42 1.34
C ILE A 690 -17.21 -10.35 1.13
N LEU A 691 -16.63 -11.48 0.71
CA LEU A 691 -15.21 -11.58 0.44
C LEU A 691 -15.01 -12.16 -0.94
N ALA A 692 -13.99 -11.65 -1.64
CA ALA A 692 -13.50 -12.26 -2.85
C ALA A 692 -12.38 -13.20 -2.47
N GLY A 693 -12.53 -14.48 -2.79
CA GLY A 693 -11.50 -15.46 -2.58
C GLY A 693 -10.85 -15.85 -3.89
N PHE A 694 -9.60 -16.25 -3.82
CA PHE A 694 -8.87 -16.58 -5.05
C PHE A 694 -8.20 -17.94 -4.95
N GLY A 695 -8.69 -18.83 -4.10
CA GLY A 695 -8.03 -20.09 -3.86
C GLY A 695 -7.30 -20.17 -2.54
N MET A 696 -7.96 -20.71 -1.53
CA MET A 696 -7.39 -20.88 -0.21
C MET A 696 -8.04 -22.06 0.46
N THR A 697 -7.31 -22.65 1.40
CA THR A 697 -7.84 -23.75 2.21
C THR A 697 -8.81 -23.15 3.22
N ASP A 698 -9.58 -24.00 3.90
CA ASP A 698 -10.55 -23.52 4.91
C ASP A 698 -9.75 -23.10 6.14
N THR A 699 -8.60 -23.72 6.35
CA THR A 699 -7.73 -23.27 7.44
C THR A 699 -7.37 -21.82 7.18
N ALA A 700 -6.94 -21.52 5.95
CA ALA A 700 -6.63 -20.13 5.62
C ALA A 700 -7.84 -19.26 5.76
N LEU A 701 -8.99 -19.72 5.26
CA LEU A 701 -10.19 -18.89 5.31
C LEU A 701 -10.66 -18.70 6.74
N MET A 702 -10.75 -19.77 7.52
CA MET A 702 -11.18 -19.68 8.90
C MET A 702 -10.21 -18.85 9.73
N ASP A 703 -8.91 -18.95 9.45
CA ASP A 703 -7.90 -18.12 10.12
C ASP A 703 -8.21 -16.64 9.99
N VAL A 704 -8.63 -16.21 8.81
CA VAL A 704 -9.05 -14.84 8.60
C VAL A 704 -10.42 -14.59 9.20
N LEU A 705 -11.39 -15.46 8.92
CA LEU A 705 -12.76 -15.22 9.36
C LEU A 705 -12.86 -15.15 10.88
N THR A 706 -12.03 -15.89 11.58
CA THR A 706 -12.12 -15.88 13.03
C THR A 706 -11.28 -14.80 13.68
N GLY A 707 -10.41 -14.14 12.92
CA GLY A 707 -9.61 -13.06 13.42
C GLY A 707 -8.22 -13.42 13.87
N ALA A 708 -7.78 -14.65 13.64
CA ALA A 708 -6.38 -14.96 13.90
C ALA A 708 -5.46 -14.12 13.03
N TYR A 709 -5.94 -13.72 11.85
CA TYR A 709 -5.22 -12.92 10.89
C TYR A 709 -6.18 -11.93 10.29
N ALA A 710 -5.67 -10.72 9.96
CA ALA A 710 -6.75 -9.92 9.48
C ALA A 710 -6.71 -9.86 7.97
N PRO A 711 -7.82 -9.66 7.30
CA PRO A 711 -7.78 -9.54 5.84
C PRO A 711 -7.03 -8.28 5.42
N GLN A 712 -6.32 -8.41 4.32
CA GLN A 712 -5.60 -7.25 3.81
C GLN A 712 -5.48 -7.22 2.29
N GLY A 713 -5.98 -8.23 1.56
CA GLY A 713 -5.94 -8.17 0.12
C GLY A 713 -6.76 -7.03 -0.44
N LYS A 714 -6.40 -6.61 -1.65
CA LYS A 714 -7.06 -5.56 -2.42
C LYS A 714 -7.44 -6.11 -3.78
N LEU A 715 -8.48 -5.57 -4.39
CA LEU A 715 -8.96 -6.12 -5.67
C LEU A 715 -7.97 -5.84 -6.78
N PRO A 716 -7.48 -6.85 -7.49
CA PRO A 716 -6.58 -6.60 -8.61
C PRO A 716 -7.30 -6.18 -9.87
N PHE A 717 -8.63 -6.12 -9.81
CA PHE A 717 -9.48 -5.66 -10.87
C PHE A 717 -10.73 -5.11 -10.22
N ALA A 718 -11.40 -4.19 -10.89
CA ALA A 718 -12.61 -3.61 -10.35
C ALA A 718 -13.80 -4.51 -10.64
N LEU A 719 -14.83 -4.36 -9.83
CA LEU A 719 -16.07 -5.11 -10.00
C LEU A 719 -17.21 -4.15 -10.28
N ALA A 720 -18.02 -4.48 -11.28
CA ALA A 720 -19.17 -3.65 -11.57
C ALA A 720 -20.37 -4.11 -10.75
N GLY A 721 -21.38 -3.24 -10.66
CA GLY A 721 -22.61 -3.50 -9.92
C GLY A 721 -23.83 -3.71 -10.79
N THR A 722 -23.68 -3.52 -12.10
CA THR A 722 -24.76 -3.59 -13.08
C THR A 722 -24.29 -4.30 -14.34
N ARG A 723 -25.22 -4.96 -15.02
CA ARG A 723 -24.88 -5.56 -16.31
C ARG A 723 -24.59 -4.52 -17.37
N GLU A 724 -25.21 -3.34 -17.28
CA GLU A 724 -24.97 -2.29 -18.27
C GLU A 724 -23.51 -1.92 -18.29
N ALA A 725 -22.92 -1.70 -17.10
CA ALA A 725 -21.50 -1.41 -17.03
C ALA A 725 -20.66 -2.44 -17.73
N ILE A 726 -21.11 -3.71 -17.71
CA ILE A 726 -20.40 -4.79 -18.38
C ILE A 726 -20.47 -4.63 -19.88
N ILE A 727 -21.60 -4.18 -20.40
CA ILE A 727 -21.73 -4.03 -21.85
C ILE A 727 -20.97 -2.81 -22.36
N GLU A 728 -20.96 -1.75 -21.55
CA GLU A 728 -20.41 -0.47 -21.99
C GLU A 728 -18.90 -0.35 -21.82
N GLN A 729 -18.29 -1.05 -20.88
CA GLN A 729 -16.86 -0.85 -20.62
C GLN A 729 -16.04 -1.11 -21.88
N ASP A 730 -14.87 -0.49 -21.95
CA ASP A 730 -13.98 -0.63 -23.10
C ASP A 730 -13.10 -1.85 -22.92
N SER A 731 -13.22 -2.80 -23.86
CA SER A 731 -12.58 -4.10 -23.74
C SER A 731 -11.11 -3.99 -23.47
N ASP A 732 -10.48 -2.87 -23.82
CA ASP A 732 -9.05 -2.75 -23.63
C ASP A 732 -8.70 -1.84 -22.50
N ARG A 733 -9.70 -1.32 -21.78
CA ARG A 733 -9.53 -0.35 -20.71
C ARG A 733 -9.89 -0.98 -19.37
N PRO A 734 -9.12 -0.74 -18.33
CA PRO A 734 -9.47 -1.30 -17.03
C PRO A 734 -10.59 -0.52 -16.38
N GLY A 735 -11.19 -1.12 -15.34
CA GLY A 735 -12.21 -0.44 -14.56
C GLY A 735 -13.51 -0.16 -15.30
N TYR A 736 -14.36 0.66 -14.66
CA TYR A 736 -15.67 0.97 -15.20
C TYR A 736 -15.97 2.46 -15.17
N ASP A 737 -14.95 3.31 -15.09
CA ASP A 737 -15.17 4.75 -14.91
C ASP A 737 -15.79 5.40 -16.15
N GLU A 738 -15.51 4.91 -17.33
CA GLU A 738 -16.16 5.46 -18.50
C GLU A 738 -17.61 5.00 -18.64
N THR A 739 -18.12 4.11 -17.79
CA THR A 739 -19.50 3.67 -17.93
C THR A 739 -20.46 4.56 -17.14
N GLU A 740 -21.73 4.50 -17.52
CA GLU A 740 -22.74 5.32 -16.83
C GLU A 740 -23.04 4.83 -15.43
N ASP A 741 -22.88 3.53 -15.17
CA ASP A 741 -23.15 3.01 -13.85
C ASP A 741 -21.91 2.91 -12.99
N GLY A 742 -20.73 2.89 -13.57
CA GLY A 742 -19.55 2.80 -12.77
C GLY A 742 -19.34 1.47 -12.07
N ALA A 743 -18.29 1.46 -11.24
CA ALA A 743 -17.87 0.30 -10.48
C ALA A 743 -18.71 0.09 -9.24
N LEU A 744 -18.84 -1.17 -8.85
CA LEU A 744 -19.34 -1.46 -7.52
C LEU A 744 -18.20 -1.34 -6.51
N TYR A 745 -17.04 -1.91 -6.85
CA TYR A 745 -15.80 -1.76 -6.12
C TYR A 745 -14.68 -1.45 -7.09
N PRO A 746 -13.81 -0.50 -6.79
CA PRO A 746 -12.73 -0.16 -7.70
C PRO A 746 -11.53 -1.07 -7.52
N PHE A 747 -10.64 -1.01 -8.51
CA PHE A 747 -9.33 -1.61 -8.37
C PHE A 747 -8.65 -1.09 -7.11
N GLY A 748 -7.95 -1.98 -6.42
CA GLY A 748 -7.24 -1.60 -5.21
C GLY A 748 -8.08 -1.52 -3.96
N TYR A 749 -9.36 -1.84 -4.00
CA TYR A 749 -10.20 -1.75 -2.81
C TYR A 749 -10.09 -3.03 -1.98
N GLY A 750 -10.25 -2.87 -0.67
CA GLY A 750 -10.23 -3.95 0.28
C GLY A 750 -10.30 -3.43 1.69
N LEU A 751 -11.18 -3.99 2.52
CA LEU A 751 -11.28 -3.60 3.91
C LEU A 751 -10.32 -4.42 4.77
N THR A 752 -10.19 -4.01 6.03
CA THR A 752 -9.52 -4.82 7.02
C THR A 752 -10.30 -4.72 8.32
N TYR A 753 -9.85 -5.43 9.35
CA TYR A 753 -10.48 -5.29 10.64
C TYR A 753 -9.86 -4.11 11.35
N GLU A 754 -10.57 -3.60 12.34
CA GLU A 754 -10.06 -2.52 13.16
C GLU A 754 -10.57 -2.79 14.55
N ASP A 755 -9.66 -2.86 15.52
CA ASP A 755 -10.05 -3.25 16.88
C ASP A 755 -9.84 -2.11 17.87
N GLU B 10 -29.60 40.01 18.39
CA GLU B 10 -30.48 39.22 19.24
C GLU B 10 -30.63 37.78 18.76
N GLN B 11 -31.28 37.59 17.63
CA GLN B 11 -31.63 36.25 17.18
C GLN B 11 -30.44 35.56 16.54
N PRO B 12 -29.95 34.46 17.10
CA PRO B 12 -28.90 33.70 16.42
C PRO B 12 -29.42 33.03 15.16
N GLU B 13 -28.53 32.90 14.19
CA GLU B 13 -28.81 32.04 13.05
C GLU B 13 -28.92 30.61 13.54
N LEU B 14 -29.99 29.95 13.16
CA LEU B 14 -30.22 28.57 13.53
C LEU B 14 -30.16 27.68 12.30
N GLU B 15 -29.79 26.43 12.50
CA GLU B 15 -29.96 25.41 11.49
C GLU B 15 -30.26 24.09 12.19
N ALA B 16 -31.36 23.47 11.83
CA ALA B 16 -31.68 22.14 12.32
C ALA B 16 -31.95 21.26 11.12
N ARG B 17 -31.34 20.09 11.09
CA ARG B 17 -31.60 19.15 10.02
C ARG B 17 -32.44 17.98 10.48
N VAL B 18 -32.49 17.74 11.78
CA VAL B 18 -33.26 16.65 12.35
C VAL B 18 -34.44 17.24 13.11
N LYS B 19 -34.16 17.89 14.23
CA LYS B 19 -35.22 18.42 15.06
C LYS B 19 -35.96 19.56 14.36
N GLU B 20 -36.98 20.07 15.02
CA GLU B 20 -37.81 21.11 14.47
C GLU B 20 -37.58 22.38 15.27
N ILE B 21 -37.70 23.52 14.60
CA ILE B 21 -37.44 24.83 15.25
C ILE B 21 -38.78 25.34 15.77
N ILE B 22 -38.82 25.81 17.00
CA ILE B 22 -40.10 26.23 17.60
C ILE B 22 -40.03 27.71 17.94
N GLU B 23 -41.13 28.43 17.79
CA GLU B 23 -41.15 29.88 18.08
C GLU B 23 -41.69 30.09 19.49
N VAL B 24 -41.03 30.95 20.26
CA VAL B 24 -41.44 31.26 21.61
C VAL B 24 -41.09 32.70 21.89
N ASP B 25 -42.06 33.48 22.35
CA ASP B 25 -41.85 34.90 22.66
C ASP B 25 -41.29 35.66 21.47
N GLY B 26 -41.71 35.28 20.28
CA GLY B 26 -41.30 35.95 19.07
C GLY B 26 -39.91 35.63 18.57
N TYR B 27 -39.25 34.66 19.17
CA TYR B 27 -37.90 34.28 18.79
C TYR B 27 -37.95 32.81 18.43
N GLN B 28 -36.96 32.36 17.68
CA GLN B 28 -36.93 30.94 17.27
C GLN B 28 -35.85 30.18 18.06
N PHE B 29 -36.10 28.90 18.31
CA PHE B 29 -35.15 28.05 19.07
C PHE B 29 -35.15 26.66 18.45
N ARG B 30 -34.17 25.85 18.77
CA ARG B 30 -34.15 24.45 18.27
C ARG B 30 -34.62 23.53 19.38
N ASP B 31 -35.74 22.83 19.19
CA ASP B 31 -36.25 21.87 20.19
C ASP B 31 -35.34 20.65 20.16
N LEU B 32 -34.16 20.76 20.74
CA LEU B 32 -33.16 19.67 20.64
C LEU B 32 -33.70 18.35 21.19
N ASN B 33 -34.50 18.36 22.25
CA ASN B 33 -34.94 17.09 22.81
C ASN B 33 -36.33 16.67 22.34
N ASP B 34 -36.89 17.39 21.37
CA ASP B 34 -38.19 17.01 20.78
C ASP B 34 -39.27 16.83 21.84
N ASN B 35 -39.39 17.78 22.76
CA ASN B 35 -40.48 17.72 23.77
C ASN B 35 -41.61 18.63 23.32
N GLY B 36 -41.43 19.34 22.22
CA GLY B 36 -42.45 20.26 21.70
C GLY B 36 -42.41 21.59 22.43
N GLU B 37 -41.66 21.66 23.52
CA GLU B 37 -41.63 22.88 24.34
C GLU B 37 -40.20 23.41 24.44
N LEU B 38 -40.02 24.57 25.05
CA LEU B 38 -38.68 25.20 25.11
C LEU B 38 -38.00 24.85 26.42
N ASP B 39 -37.15 23.84 26.42
CA ASP B 39 -36.36 23.53 27.63
C ASP B 39 -35.30 24.62 27.79
N PRO B 40 -34.91 24.99 29.01
CA PRO B 40 -33.92 26.05 29.24
C PRO B 40 -32.58 25.89 28.50
N TYR B 41 -32.11 24.65 28.35
CA TYR B 41 -30.79 24.42 27.70
C TYR B 41 -30.90 24.81 26.23
N GLU B 42 -32.11 24.79 25.70
CA GLU B 42 -32.36 25.15 24.28
C GLU B 42 -32.59 26.65 24.18
N ASP B 43 -32.62 27.36 25.31
CA ASP B 43 -32.93 28.81 25.30
C ASP B 43 -31.62 29.60 25.29
N TRP B 44 -31.26 30.15 24.14
CA TRP B 44 -30.02 30.93 24.00
C TRP B 44 -30.09 32.29 24.65
N ARG B 45 -31.23 32.70 25.22
CA ARG B 45 -31.30 33.97 25.91
C ARG B 45 -30.80 33.89 27.33
N LEU B 46 -30.72 32.66 27.91
CA LEU B 46 -30.17 32.42 29.24
C LEU B 46 -28.66 32.35 29.17
N PRO B 47 -27.99 32.66 30.27
CA PRO B 47 -26.54 32.48 30.36
C PRO B 47 -26.13 31.02 30.22
N THR B 48 -24.82 30.82 30.02
CA THR B 48 -24.33 29.46 29.83
C THR B 48 -24.49 28.61 31.08
N PRO B 49 -24.06 29.04 32.30
CA PRO B 49 -24.26 28.22 33.51
C PRO B 49 -25.68 27.76 33.76
N GLU B 50 -26.66 28.47 33.23
CA GLU B 50 -28.03 28.00 33.37
C GLU B 50 -28.41 26.98 32.30
N ARG B 51 -27.93 27.16 31.06
CA ARG B 51 -28.27 26.20 30.01
C ARG B 51 -27.62 24.85 30.27
N VAL B 52 -26.45 24.84 30.90
CA VAL B 52 -25.79 23.60 31.27
C VAL B 52 -26.61 22.84 32.31
N ALA B 53 -27.00 23.53 33.40
CA ALA B 53 -27.71 22.89 34.48
C ALA B 53 -28.97 22.20 34.00
N ASP B 54 -29.75 22.89 33.16
CA ASP B 54 -30.90 22.22 32.58
C ASP B 54 -30.49 21.00 31.75
N LEU B 55 -29.29 21.02 31.17
CA LEU B 55 -28.90 19.90 30.33
C LEU B 55 -28.34 18.75 31.16
N VAL B 56 -27.42 19.05 32.09
CA VAL B 56 -26.85 18.00 32.93
C VAL B 56 -27.94 17.27 33.70
N GLY B 57 -28.85 18.03 34.32
CA GLY B 57 -29.92 17.42 35.07
C GLY B 57 -30.81 16.52 34.25
N GLN B 58 -30.84 16.73 32.95
CA GLN B 58 -31.71 15.98 32.06
C GLN B 58 -31.05 14.74 31.46
N MET B 59 -29.75 14.55 31.62
CA MET B 59 -29.00 13.52 30.90
C MET B 59 -28.88 12.27 31.76
N SER B 60 -29.04 11.11 31.13
CA SER B 60 -28.79 9.85 31.83
C SER B 60 -27.31 9.75 32.21
N LEU B 61 -26.98 8.77 33.05
CA LEU B 61 -25.61 8.66 33.51
C LEU B 61 -24.66 8.30 32.38
N VAL B 62 -25.09 7.44 31.45
CA VAL B 62 -24.26 7.12 30.30
C VAL B 62 -24.18 8.30 29.34
N GLU B 63 -25.31 8.97 29.08
CA GLU B 63 -25.28 10.13 28.20
C GLU B 63 -24.25 11.13 28.69
N LYS B 64 -24.16 11.29 29.99
CA LYS B 64 -23.12 12.12 30.57
C LYS B 64 -21.76 11.48 30.48
N SER B 65 -21.69 10.15 30.35
CA SER B 65 -20.41 9.47 30.36
C SER B 65 -19.71 9.55 29.01
N GLY B 66 -20.47 9.48 27.93
CA GLY B 66 -19.93 9.62 26.60
C GLY B 66 -19.26 10.95 26.34
N LEU B 67 -19.45 11.93 27.22
CA LEU B 67 -18.74 13.18 27.08
C LEU B 67 -17.29 13.07 27.49
N MET B 68 -16.93 12.10 28.30
CA MET B 68 -15.55 12.04 28.74
C MET B 68 -14.69 11.21 27.79
N LEU B 69 -15.18 11.01 26.58
CA LEU B 69 -14.51 10.28 25.53
C LEU B 69 -14.24 11.22 24.37
N ILE B 70 -13.03 11.17 23.84
CA ILE B 70 -12.75 11.74 22.52
C ILE B 70 -11.84 10.77 21.78
N ASN B 71 -12.19 10.44 20.54
CA ASN B 71 -11.38 9.53 19.76
C ASN B 71 -11.41 9.93 18.30
N THR B 72 -10.57 9.28 17.51
CA THR B 72 -10.48 9.56 16.10
C THR B 72 -11.77 9.21 15.41
N LEU B 73 -12.27 10.14 14.57
CA LEU B 73 -13.43 9.90 13.71
C LEU B 73 -13.13 10.54 12.36
N ASN B 74 -12.41 9.80 11.53
CA ASN B 74 -11.99 10.29 10.23
C ASN B 74 -13.12 10.15 9.24
N ALA B 75 -13.04 10.94 8.18
CA ALA B 75 -13.94 10.75 7.07
C ALA B 75 -13.60 9.48 6.32
N ALA B 76 -14.59 8.90 5.67
CA ALA B 76 -14.43 7.64 4.98
C ALA B 76 -14.77 7.83 3.53
N CYS B 77 -14.59 6.77 2.73
CA CYS B 77 -15.02 6.78 1.36
C CYS B 77 -15.95 5.59 1.07
N ASP B 78 -16.92 5.84 0.22
CA ASP B 78 -17.85 4.85 -0.24
C ASP B 78 -17.36 4.27 -1.55
N PRO B 79 -17.13 2.97 -1.65
CA PRO B 79 -16.66 2.40 -2.92
C PRO B 79 -17.72 2.27 -4.01
N GLN B 80 -19.00 2.22 -3.65
CA GLN B 80 -20.03 1.95 -4.63
C GLN B 80 -20.49 3.22 -5.31
N THR B 81 -20.47 4.35 -4.61
CA THR B 81 -20.76 5.66 -5.16
C THR B 81 -19.51 6.45 -5.48
N GLY B 82 -18.38 6.08 -4.90
CA GLY B 82 -17.19 6.89 -5.05
C GLY B 82 -17.19 8.18 -4.29
N GLU B 83 -17.99 8.31 -3.25
CA GLU B 83 -18.05 9.55 -2.50
C GLU B 83 -17.03 9.53 -1.39
N PHE B 84 -16.23 10.57 -1.34
CA PHE B 84 -15.30 10.76 -0.25
C PHE B 84 -15.94 11.71 0.75
N GLY B 85 -15.72 11.43 2.04
CA GLY B 85 -16.34 12.22 3.08
C GLY B 85 -17.66 11.70 3.58
N VAL B 86 -17.86 10.40 3.56
CA VAL B 86 -19.01 9.76 4.20
C VAL B 86 -18.60 9.32 5.58
N LEU B 87 -19.58 8.99 6.42
CA LEU B 87 -19.28 8.59 7.79
C LEU B 87 -18.51 7.29 7.83
N PRO B 88 -17.57 7.15 8.74
CA PRO B 88 -16.94 5.85 8.94
C PRO B 88 -17.89 4.88 9.63
N ALA B 89 -17.48 3.63 9.80
CA ALA B 89 -18.38 2.58 10.26
C ALA B 89 -18.76 2.77 11.72
N GLN B 90 -17.79 3.00 12.57
CA GLN B 90 -17.99 3.18 13.98
C GLN B 90 -18.70 4.50 14.31
N ALA B 91 -19.22 5.19 13.30
CA ALA B 91 -19.86 6.47 13.57
C ALA B 91 -21.14 6.28 14.37
N ASP B 92 -22.05 5.42 13.88
CA ASP B 92 -23.27 5.12 14.62
C ASP B 92 -22.96 4.61 16.01
N ASN B 93 -21.93 3.78 16.13
CA ASN B 93 -21.54 3.29 17.45
C ASN B 93 -21.18 4.45 18.37
N TYR B 94 -20.24 5.28 17.95
CA TYR B 94 -19.73 6.35 18.80
C TYR B 94 -20.83 7.30 19.27
N ILE B 95 -21.74 7.66 18.38
CA ILE B 95 -22.70 8.71 18.67
C ILE B 95 -23.90 8.17 19.42
N ASN B 96 -24.48 7.08 18.94
CA ASN B 96 -25.73 6.54 19.45
C ASN B 96 -25.56 5.54 20.58
N THR B 97 -24.46 4.80 20.59
CA THR B 97 -24.15 3.81 21.61
C THR B 97 -23.18 4.36 22.66
N GLN B 98 -22.09 4.98 22.25
CA GLN B 98 -21.17 5.52 23.24
C GLN B 98 -21.47 6.95 23.63
N HIS B 99 -22.44 7.58 22.97
N HIS B 99 -22.44 7.58 22.97
CA HIS B 99 -22.91 8.90 23.35
CA HIS B 99 -22.90 8.91 23.34
C HIS B 99 -21.76 9.91 23.33
C HIS B 99 -21.77 9.92 23.32
N MET B 100 -21.02 9.93 22.23
CA MET B 100 -19.82 10.75 22.11
C MET B 100 -20.10 12.07 21.41
N HIS B 101 -19.31 13.10 21.77
CA HIS B 101 -19.46 14.41 21.18
C HIS B 101 -18.15 15.10 20.86
N ARG B 102 -17.04 14.44 21.07
CA ARG B 102 -15.76 15.03 20.72
C ARG B 102 -15.01 13.99 19.92
N PHE B 103 -14.51 14.41 18.76
CA PHE B 103 -13.79 13.53 17.88
C PHE B 103 -12.54 14.25 17.38
N VAL B 104 -11.61 13.46 16.87
CA VAL B 104 -10.39 13.96 16.26
C VAL B 104 -10.47 13.70 14.78
N PHE B 105 -10.21 14.73 13.99
CA PHE B 105 -10.32 14.70 12.56
C PHE B 105 -8.92 14.64 11.99
N ARG B 106 -8.59 13.55 11.32
CA ARG B 106 -7.23 13.33 10.89
C ARG B 106 -7.05 13.17 9.39
N ASN B 107 -8.11 13.22 8.60
CA ASN B 107 -7.89 13.19 7.16
C ASN B 107 -7.07 14.40 6.72
N VAL B 108 -6.16 14.15 5.78
CA VAL B 108 -5.56 15.22 5.02
C VAL B 108 -6.63 15.85 4.13
N VAL B 109 -6.80 17.16 4.25
CA VAL B 109 -7.60 17.92 3.33
C VAL B 109 -6.70 18.35 2.18
N ASP B 110 -6.99 17.85 0.99
CA ASP B 110 -6.21 18.20 -0.18
C ASP B 110 -7.02 17.80 -1.39
N VAL B 111 -6.52 18.15 -2.55
CA VAL B 111 -7.10 17.67 -3.80
C VAL B 111 -6.44 16.36 -4.15
N ARG B 112 -7.23 15.33 -4.34
CA ARG B 112 -6.69 14.02 -4.63
C ARG B 112 -6.07 14.01 -6.01
N ALA B 113 -5.00 13.25 -6.16
CA ALA B 113 -4.43 13.09 -7.48
C ALA B 113 -5.46 12.54 -8.45
N GLU B 114 -5.25 12.82 -9.72
CA GLU B 114 -6.08 12.22 -10.75
C GLU B 114 -6.02 10.71 -10.66
N GLY B 115 -7.18 10.06 -10.71
CA GLY B 115 -7.29 8.63 -10.75
C GLY B 115 -7.23 7.91 -9.42
N VAL B 116 -7.33 8.62 -8.32
CA VAL B 116 -7.28 8.01 -7.00
C VAL B 116 -8.67 7.58 -6.60
N GLU B 117 -8.81 6.32 -6.24
CA GLU B 117 -10.08 5.75 -5.86
C GLU B 117 -10.02 5.32 -4.39
N CYS B 118 -11.17 4.93 -3.88
CA CYS B 118 -11.28 4.47 -2.49
C CYS B 118 -10.53 3.14 -2.31
N THR B 119 -9.59 3.08 -1.35
CA THR B 119 -8.89 1.82 -1.09
C THR B 119 -9.53 0.97 -0.01
N GLY B 120 -10.43 1.55 0.79
CA GLY B 120 -11.03 0.88 1.92
C GLY B 120 -10.23 0.86 3.18
N THR B 121 -8.98 1.31 3.16
CA THR B 121 -8.15 1.34 4.36
C THR B 121 -7.50 2.70 4.47
N GLY B 122 -6.64 2.87 5.46
CA GLY B 122 -5.95 4.11 5.70
C GLY B 122 -6.90 5.27 6.00
N THR B 123 -6.33 6.48 5.97
CA THR B 123 -7.10 7.71 6.11
C THR B 123 -7.15 8.45 4.78
N PRO B 124 -8.28 8.44 4.09
CA PRO B 124 -8.35 9.05 2.76
C PRO B 124 -8.26 10.57 2.78
N VAL B 125 -7.64 11.10 1.73
CA VAL B 125 -7.62 12.53 1.47
C VAL B 125 -8.99 13.02 1.05
N VAL B 126 -9.41 14.15 1.61
CA VAL B 126 -10.71 14.70 1.28
C VAL B 126 -10.54 16.15 0.87
N SER B 127 -11.44 16.60 0.01
CA SER B 127 -11.47 17.99 -0.39
C SER B 127 -12.04 18.84 0.73
N PRO B 128 -11.80 20.14 0.73
CA PRO B 128 -12.39 20.98 1.77
C PRO B 128 -13.90 20.82 1.88
N ALA B 129 -14.60 20.76 0.75
CA ALA B 129 -16.04 20.64 0.80
C ALA B 129 -16.46 19.26 1.25
N GLU B 130 -15.74 18.22 0.80
CA GLU B 130 -16.01 16.87 1.27
C GLU B 130 -15.81 16.80 2.78
N ALA B 131 -14.70 17.35 3.28
CA ALA B 131 -14.45 17.37 4.69
C ALA B 131 -15.58 18.06 5.44
N ALA B 132 -16.05 19.20 4.93
CA ALA B 132 -17.15 19.89 5.61
C ALA B 132 -18.44 19.10 5.48
N THR B 133 -18.64 18.43 4.33
CA THR B 133 -19.79 17.55 4.19
C THR B 133 -19.78 16.45 5.25
N PHE B 134 -18.59 15.94 5.57
CA PHE B 134 -18.44 14.93 6.60
C PHE B 134 -18.75 15.48 7.99
N THR B 135 -18.14 16.59 8.39
CA THR B 135 -18.43 17.09 9.73
C THR B 135 -19.89 17.47 9.89
N ASN B 136 -20.53 17.93 8.83
CA ASN B 136 -21.97 18.12 8.89
C ASN B 136 -22.69 16.79 9.09
N ALA B 137 -22.21 15.73 8.43
CA ALA B 137 -22.84 14.43 8.59
C ALA B 137 -22.81 13.98 10.05
N VAL B 138 -21.68 14.22 10.71
CA VAL B 138 -21.60 13.90 12.11
C VAL B 138 -22.53 14.78 12.90
N GLN B 139 -22.57 16.07 12.57
CA GLN B 139 -23.46 16.96 13.29
C GLN B 139 -24.91 16.57 13.06
N GLU B 140 -25.24 16.06 11.87
CA GLU B 140 -26.60 15.60 11.62
C GLU B 140 -26.94 14.42 12.51
N MET B 141 -25.96 13.56 12.82
CA MET B 141 -26.23 12.42 13.68
C MET B 141 -26.44 12.83 15.13
N SER B 142 -25.51 13.58 15.72
CA SER B 142 -25.69 13.88 17.12
C SER B 142 -26.87 14.79 17.38
N GLU B 143 -27.30 15.56 16.37
CA GLU B 143 -28.53 16.30 16.59
C GLU B 143 -29.73 15.35 16.51
N ALA B 144 -29.58 14.24 15.83
CA ALA B 144 -30.63 13.24 15.84
C ALA B 144 -30.65 12.46 17.13
N THR B 145 -29.62 12.57 17.95
CA THR B 145 -29.64 11.89 19.25
C THR B 145 -30.67 12.54 20.17
N ARG B 146 -30.98 11.82 21.24
CA ARG B 146 -32.11 12.14 22.09
C ARG B 146 -32.08 13.57 22.59
N LEU B 147 -30.97 14.00 23.16
CA LEU B 147 -30.89 15.39 23.54
C LEU B 147 -30.48 16.29 22.39
N GLY B 148 -29.81 15.75 21.39
CA GLY B 148 -29.41 16.55 20.25
C GLY B 148 -28.24 17.45 20.55
N ILE B 149 -27.35 17.04 21.43
CA ILE B 149 -26.16 17.80 21.75
C ILE B 149 -25.25 17.83 20.54
N PRO B 150 -24.63 18.96 20.19
CA PRO B 150 -23.73 18.97 19.05
C PRO B 150 -22.43 18.26 19.40
N SER B 151 -21.59 18.05 18.39
CA SER B 151 -20.27 17.49 18.53
C SER B 151 -19.22 18.55 18.22
N LEU B 152 -18.03 18.35 18.75
CA LEU B 152 -16.89 19.20 18.43
C LEU B 152 -15.75 18.36 17.89
N PHE B 153 -15.12 18.86 16.83
CA PHE B 153 -14.01 18.20 16.17
C PHE B 153 -12.70 18.86 16.54
N LYS B 154 -11.68 18.05 16.77
CA LYS B 154 -10.34 18.56 17.06
C LYS B 154 -9.36 18.02 16.02
N SER B 155 -8.16 18.60 15.98
CA SER B 155 -7.16 18.20 15.01
C SER B 155 -5.79 18.67 15.42
N ASN B 156 -4.76 17.99 14.92
CA ASN B 156 -3.41 18.50 15.05
C ASN B 156 -3.17 19.56 13.99
N ALA B 157 -2.04 20.26 14.09
CA ALA B 157 -1.76 21.37 13.19
C ALA B 157 -1.86 20.93 11.75
N ARG B 158 -2.35 21.83 10.89
CA ARG B 158 -2.53 21.52 9.48
C ARG B 158 -1.93 22.51 8.51
N ASN B 159 -1.47 23.68 8.94
CA ASN B 159 -1.06 24.73 8.03
C ASN B 159 0.44 24.85 7.88
N HIS B 160 1.21 23.91 8.37
CA HIS B 160 2.66 23.99 8.33
C HIS B 160 3.24 23.07 7.27
N ILE B 161 4.23 23.58 6.53
CA ILE B 161 4.93 22.81 5.52
C ILE B 161 5.67 21.65 6.18
N ASP B 162 5.68 20.49 5.50
CA ASP B 162 6.56 19.41 5.89
C ASP B 162 7.89 19.69 5.24
N PRO B 163 8.91 20.12 5.98
CA PRO B 163 10.20 20.42 5.36
C PRO B 163 10.85 19.22 4.76
N ASP B 164 10.36 18.02 5.05
CA ASP B 164 10.87 16.84 4.38
C ASP B 164 10.29 16.70 2.99
N ALA B 165 9.04 17.07 2.80
CA ALA B 165 8.39 17.01 1.51
C ALA B 165 8.20 18.42 0.96
N ARG B 166 9.31 19.06 0.62
CA ARG B 166 9.22 20.42 0.11
C ARG B 166 8.74 20.48 -1.32
N VAL B 167 8.85 19.39 -2.07
CA VAL B 167 8.43 19.42 -3.46
C VAL B 167 6.91 19.39 -3.57
N GLY B 168 6.24 18.64 -2.70
CA GLY B 168 4.80 18.51 -2.82
C GLY B 168 3.99 19.52 -2.06
N ILE B 169 4.61 20.62 -1.63
CA ILE B 169 3.89 21.68 -0.93
C ILE B 169 2.83 22.25 -1.85
N ASN B 170 1.70 22.63 -1.25
CA ASN B 170 0.60 23.17 -2.03
C ASN B 170 0.90 24.60 -2.44
N GLU B 171 0.72 24.87 -3.71
CA GLU B 171 0.71 26.22 -4.24
C GLU B 171 -0.57 26.44 -5.01
N ALA B 172 -1.63 25.76 -4.56
CA ALA B 172 -2.96 25.86 -5.13
C ALA B 172 -4.00 25.70 -4.03
N ALA B 173 -5.26 25.94 -4.39
CA ALA B 173 -6.37 25.91 -3.46
C ALA B 173 -6.72 24.48 -3.03
N GLY B 174 -7.53 24.38 -1.99
CA GLY B 174 -8.03 23.09 -1.59
C GLY B 174 -7.16 22.31 -0.65
N ALA B 175 -5.99 22.84 -0.29
CA ALA B 175 -5.21 22.37 0.84
C ALA B 175 -4.96 23.54 1.77
N PHE B 176 -4.81 23.28 3.05
CA PHE B 176 -4.62 24.36 3.99
C PHE B 176 -3.40 25.18 3.60
N SER B 177 -3.49 26.49 3.77
CA SER B 177 -2.44 27.39 3.33
C SER B 177 -1.10 27.10 4.00
N ALA B 178 -0.06 27.03 3.20
CA ALA B 178 1.23 26.55 3.67
C ALA B 178 2.02 27.67 4.32
N PHE B 179 2.35 27.48 5.57
CA PHE B 179 3.19 28.35 6.35
C PHE B 179 4.42 27.57 6.77
N PRO B 180 5.45 28.25 7.25
CA PRO B 180 6.56 27.52 7.87
C PRO B 180 6.09 26.83 9.13
N LYS B 181 6.94 25.91 9.57
CA LYS B 181 6.77 25.22 10.83
C LYS B 181 6.70 26.23 11.97
N GLU B 182 6.25 25.74 13.13
CA GLU B 182 6.11 26.61 14.30
C GLU B 182 7.36 27.44 14.56
N ALA B 183 8.53 26.81 14.56
CA ALA B 183 9.76 27.54 14.81
C ALA B 183 9.97 28.64 13.78
N GLY B 184 9.59 28.38 12.54
CA GLY B 184 9.78 29.39 11.53
C GLY B 184 8.88 30.57 11.73
N ILE B 185 7.70 30.34 12.27
CA ILE B 185 6.84 31.46 12.61
C ILE B 185 7.48 32.30 13.70
N ALA B 186 8.15 31.66 14.64
CA ALA B 186 8.90 32.42 15.64
C ALA B 186 10.09 33.12 15.02
N ALA B 187 10.78 32.47 14.09
CA ALA B 187 11.93 33.10 13.45
C ALA B 187 11.54 34.34 12.69
N ALA B 188 10.37 34.34 12.06
CA ALA B 188 9.93 35.53 11.35
C ALA B 188 9.50 36.64 12.30
N ALA B 189 8.81 36.26 13.38
CA ALA B 189 8.29 37.27 14.30
C ALA B 189 9.43 38.01 15.01
N LEU B 190 10.47 37.29 15.42
CA LEU B 190 11.64 37.97 15.95
C LEU B 190 12.29 38.83 14.87
N GLY B 191 12.39 38.31 13.66
CA GLY B 191 13.03 39.04 12.59
C GLY B 191 12.32 40.31 12.19
N GLU B 192 11.00 40.38 12.42
CA GLU B 192 10.27 41.60 12.13
C GLU B 192 10.38 42.61 13.26
N GLN B 193 10.40 42.15 14.52
CA GLN B 193 10.69 43.04 15.63
C GLN B 193 12.09 43.64 15.49
N ALA B 194 13.07 42.79 15.21
CA ALA B 194 14.42 43.28 14.97
C ALA B 194 14.47 44.17 13.75
N ARG B 195 13.65 43.89 12.74
CA ARG B 195 13.68 44.70 11.53
C ARG B 195 13.36 46.15 11.82
N ARG B 196 12.36 46.41 12.66
CA ARG B 196 12.01 47.81 12.91
C ARG B 196 12.75 48.36 14.10
N THR B 197 12.96 47.56 15.14
CA THR B 197 13.54 48.09 16.35
C THR B 197 15.02 47.79 16.47
N GLY B 198 15.47 46.68 15.91
CA GLY B 198 16.80 46.20 16.16
C GLY B 198 16.89 45.23 17.29
N GLU B 199 15.78 44.92 17.95
CA GLU B 199 15.73 44.03 19.10
C GLU B 199 15.05 42.73 18.71
N ALA B 200 15.47 41.64 19.33
CA ALA B 200 14.93 40.32 19.06
C ALA B 200 14.62 39.66 20.39
N THR B 201 13.49 40.01 20.98
CA THR B 201 13.17 39.54 22.32
C THR B 201 11.82 38.85 22.42
N THR B 202 10.74 39.61 22.29
CA THR B 202 9.39 39.11 22.45
C THR B 202 8.70 38.86 21.12
N GLY B 203 9.27 39.32 20.01
CA GLY B 203 8.70 39.11 18.71
C GLY B 203 7.65 40.15 18.37
N ASP B 204 7.37 40.25 17.07
CA ASP B 204 6.34 41.14 16.55
C ASP B 204 5.12 40.28 16.33
N MET B 205 4.24 40.25 17.32
CA MET B 205 3.10 39.35 17.27
C MET B 205 2.10 39.63 16.16
N SER B 206 2.33 40.65 15.31
CA SER B 206 1.46 40.80 14.16
C SER B 206 1.67 39.66 13.17
N VAL B 207 2.90 39.17 13.05
CA VAL B 207 3.16 37.97 12.28
C VAL B 207 2.34 36.81 12.81
N VAL B 208 2.38 36.57 14.12
CA VAL B 208 1.64 35.44 14.65
C VAL B 208 0.16 35.62 14.39
N ALA B 209 -0.33 36.86 14.44
CA ALA B 209 -1.75 37.09 14.21
C ALA B 209 -2.13 36.89 12.75
N ASP B 210 -1.24 37.27 11.83
CA ASP B 210 -1.51 37.04 10.42
C ASP B 210 -1.69 35.56 10.11
N PHE B 211 -0.78 34.73 10.62
CA PHE B 211 -0.86 33.30 10.39
C PHE B 211 -2.16 32.71 10.93
N ALA B 212 -2.45 33.01 12.20
CA ALA B 212 -3.58 32.42 12.90
C ALA B 212 -4.92 32.92 12.39
N ASP B 213 -4.95 34.06 11.71
CA ASP B 213 -6.19 34.52 11.11
C ASP B 213 -6.54 33.69 9.89
N VAL B 214 -5.53 33.30 9.12
CA VAL B 214 -5.75 32.40 8.01
C VAL B 214 -6.14 31.02 8.53
N MET B 215 -5.36 30.47 9.47
CA MET B 215 -5.69 29.16 10.01
C MET B 215 -7.10 29.15 10.59
N GLY B 216 -7.49 30.24 11.23
CA GLY B 216 -8.79 30.27 11.86
C GLY B 216 -9.92 30.25 10.86
N GLU B 217 -9.88 31.16 9.88
CA GLU B 217 -10.88 31.18 8.83
C GLU B 217 -11.00 29.81 8.16
N GLU B 218 -9.85 29.15 7.91
CA GLU B 218 -9.85 27.95 7.10
C GLU B 218 -10.39 26.76 7.88
N TRP B 219 -9.90 26.55 9.09
CA TRP B 219 -10.43 25.46 9.91
C TRP B 219 -11.92 25.61 10.12
N ALA B 220 -12.36 26.80 10.52
CA ALA B 220 -13.78 27.01 10.80
C ALA B 220 -14.64 26.65 9.59
N SER B 221 -14.16 26.92 8.39
CA SER B 221 -14.99 26.71 7.21
C SER B 221 -15.24 25.24 6.93
N ILE B 222 -14.52 24.34 7.57
CA ILE B 222 -14.79 22.92 7.39
C ILE B 222 -15.43 22.31 8.63
N GLY B 223 -15.89 23.14 9.56
CA GLY B 223 -16.51 22.64 10.76
C GLY B 223 -15.51 22.03 11.71
N LEU B 224 -14.26 22.48 11.64
CA LEU B 224 -13.22 21.99 12.50
C LEU B 224 -12.97 23.11 13.49
N ARG B 225 -13.69 23.09 14.60
CA ARG B 225 -13.66 24.20 15.53
C ARG B 225 -12.71 23.98 16.71
N GLY B 226 -11.86 22.95 16.67
CA GLY B 226 -10.97 22.68 17.77
C GLY B 226 -9.62 22.16 17.34
N MET B 227 -8.64 22.37 18.20
CA MET B 227 -7.26 22.01 17.91
C MET B 227 -6.61 21.31 19.09
N TYR B 228 -5.92 20.21 18.79
CA TYR B 228 -4.95 19.56 19.69
C TYR B 228 -3.65 20.34 19.56
N GLY B 229 -3.54 21.42 20.32
CA GLY B 229 -2.43 22.34 20.20
C GLY B 229 -2.90 23.74 20.49
N TYR B 230 -2.03 24.72 20.22
CA TYR B 230 -0.66 24.50 19.78
C TYR B 230 0.22 24.02 20.92
N MET B 231 1.48 23.79 20.60
CA MET B 231 2.45 23.35 21.59
C MET B 231 3.12 24.56 22.21
N ALA B 232 3.08 24.62 23.53
CA ALA B 232 3.77 25.65 24.29
C ALA B 232 5.11 25.19 24.84
N ASP B 233 5.46 23.92 24.63
CA ASP B 233 6.71 23.39 25.11
C ASP B 233 7.87 24.17 24.52
N LEU B 234 9.00 24.13 25.21
CA LEU B 234 10.18 24.94 24.87
C LEU B 234 11.32 24.09 24.33
N SER B 235 12.15 24.72 23.48
CA SER B 235 13.32 24.09 22.88
C SER B 235 14.53 24.12 23.80
N THR B 236 14.30 23.93 25.09
CA THR B 236 15.39 24.03 26.03
C THR B 236 16.33 22.85 25.90
N GLU B 237 15.83 21.68 25.50
CA GLU B 237 16.64 20.49 25.38
C GLU B 237 16.80 20.07 23.92
N PRO B 238 17.92 20.35 23.28
CA PRO B 238 18.01 20.12 21.83
C PRO B 238 17.89 18.67 21.42
N ARG B 239 17.99 17.72 22.34
CA ARG B 239 17.91 16.32 22.01
C ARG B 239 16.48 15.79 22.01
N TRP B 240 15.50 16.61 22.38
CA TRP B 240 14.10 16.23 22.28
C TRP B 240 13.69 16.17 20.82
N TYR B 241 13.10 15.05 20.42
CA TYR B 241 12.74 14.94 19.02
C TYR B 241 11.65 15.93 18.67
N ARG B 242 10.79 16.29 19.64
CA ARG B 242 9.62 17.12 19.41
C ARG B 242 9.94 18.60 19.31
N THR B 243 11.20 19.00 19.35
CA THR B 243 11.53 20.38 19.08
C THR B 243 11.17 20.81 17.68
N HIS B 244 10.88 19.87 16.78
CA HIS B 244 10.44 20.22 15.44
C HIS B 244 9.07 20.84 15.44
N GLU B 245 8.31 20.66 16.51
CA GLU B 245 7.00 21.25 16.65
C GLU B 245 6.94 22.31 17.74
N THR B 246 8.08 22.79 18.21
CA THR B 246 8.15 23.84 19.18
C THR B 246 8.35 25.17 18.46
N PHE B 247 7.92 26.25 19.10
CA PHE B 247 8.16 27.58 18.57
C PHE B 247 9.53 28.12 18.94
N THR B 248 9.94 27.96 20.20
CA THR B 248 11.21 28.54 20.62
C THR B 248 11.69 27.86 21.89
N GLU B 249 12.92 28.17 22.26
CA GLU B 249 13.44 27.81 23.57
C GLU B 249 13.12 28.85 24.63
N ASP B 250 12.87 30.10 24.24
CA ASP B 250 12.66 31.20 25.15
C ASP B 250 11.22 31.20 25.62
N ALA B 251 11.03 31.07 26.93
CA ALA B 251 9.68 31.01 27.49
C ALA B 251 8.90 32.29 27.29
N TYR B 252 9.57 33.45 27.22
CA TYR B 252 8.84 34.71 27.16
C TYR B 252 8.22 34.93 25.79
N LEU B 253 9.02 34.75 24.74
CA LEU B 253 8.47 34.76 23.39
C LEU B 253 7.39 33.71 23.21
N ALA B 254 7.57 32.56 23.85
CA ALA B 254 6.56 31.53 23.78
C ALA B 254 5.24 32.01 24.35
N ALA B 255 5.27 32.61 25.52
CA ALA B 255 4.04 33.09 26.13
C ALA B 255 3.43 34.19 25.28
N GLU B 256 4.27 35.03 24.66
CA GLU B 256 3.74 36.05 23.78
C GLU B 256 3.10 35.44 22.55
N ILE B 257 3.64 34.33 22.08
CA ILE B 257 3.06 33.64 20.93
C ILE B 257 1.74 32.98 21.31
N MET B 258 1.69 32.31 22.46
CA MET B 258 0.44 31.69 22.90
C MET B 258 -0.63 32.73 23.11
N GLU B 259 -0.25 33.89 23.64
CA GLU B 259 -1.19 34.99 23.85
C GLU B 259 -1.89 35.32 22.55
N THR B 260 -1.11 35.61 21.51
CA THR B 260 -1.67 35.95 20.22
C THR B 260 -2.51 34.82 19.65
N LEU B 261 -2.00 33.60 19.70
CA LEU B 261 -2.74 32.47 19.18
C LEU B 261 -4.11 32.38 19.80
N VAL B 262 -4.18 32.45 21.14
CA VAL B 262 -5.46 32.28 21.80
C VAL B 262 -6.37 33.44 21.48
N GLN B 263 -5.83 34.67 21.48
CA GLN B 263 -6.62 35.82 21.09
C GLN B 263 -7.16 35.67 19.68
N THR B 264 -6.28 35.40 18.71
CA THR B 264 -6.68 35.33 17.32
C THR B 264 -7.59 34.15 17.05
N LEU B 265 -7.25 32.97 17.55
CA LEU B 265 -8.00 31.78 17.17
C LEU B 265 -9.27 31.65 18.01
N GLN B 266 -9.24 32.07 19.27
CA GLN B 266 -10.40 31.93 20.12
C GLN B 266 -11.21 33.19 20.23
N GLY B 267 -10.59 34.34 20.10
CA GLY B 267 -11.25 35.61 20.28
C GLY B 267 -10.82 36.26 21.56
N GLU B 268 -11.07 37.57 21.65
CA GLU B 268 -10.69 38.28 22.86
C GLU B 268 -11.87 38.51 23.79
N GLU B 269 -13.08 38.17 23.36
N GLU B 269 -13.09 38.19 23.35
CA GLU B 269 -14.26 38.20 24.21
CA GLU B 269 -14.24 38.22 24.24
C GLU B 269 -14.17 37.08 25.23
C GLU B 269 -14.15 37.08 25.23
N LEU B 270 -14.05 37.42 26.51
CA LEU B 270 -13.99 36.43 27.58
C LEU B 270 -15.35 36.23 28.22
N THR B 271 -15.68 35.00 28.57
CA THR B 271 -16.92 34.75 29.29
C THR B 271 -16.77 35.20 30.74
N ASP B 272 -17.84 34.98 31.53
CA ASP B 272 -17.73 35.26 32.96
C ASP B 272 -16.73 34.34 33.63
N ASN B 273 -16.61 33.11 33.16
CA ASN B 273 -15.61 32.19 33.68
C ASN B 273 -14.22 32.45 33.14
N GLY B 274 -14.03 33.41 32.25
CA GLY B 274 -12.70 33.73 31.77
C GLY B 274 -12.18 32.92 30.61
N LEU B 275 -13.07 32.38 29.77
CA LEU B 275 -12.70 31.57 28.62
C LEU B 275 -13.09 32.28 27.34
N ALA B 276 -12.11 32.46 26.44
CA ALA B 276 -12.31 33.11 25.15
C ALA B 276 -13.18 32.23 24.27
N LEU B 277 -14.49 32.24 24.55
CA LEU B 277 -15.43 31.36 23.88
C LEU B 277 -16.67 32.13 23.48
N SER B 278 -16.88 32.30 22.19
CA SER B 278 -18.02 33.03 21.68
C SER B 278 -18.39 32.41 20.35
N PRO B 279 -19.52 32.80 19.76
CA PRO B 279 -19.87 32.27 18.45
C PRO B 279 -18.88 32.66 17.35
N GLN B 280 -18.02 33.66 17.58
CA GLN B 280 -16.97 34.06 16.66
C GLN B 280 -15.67 33.31 16.89
N THR B 281 -15.63 32.45 17.90
CA THR B 281 -14.48 31.59 18.13
C THR B 281 -14.38 30.61 16.97
N ARG B 282 -13.35 30.78 16.16
CA ARG B 282 -13.18 29.93 15.00
C ARG B 282 -12.61 28.57 15.39
N VAL B 283 -11.64 28.55 16.29
CA VAL B 283 -11.06 27.32 16.79
C VAL B 283 -10.74 27.44 18.27
N ALA B 284 -11.28 26.54 19.10
CA ALA B 284 -10.94 26.44 20.51
C ALA B 284 -9.67 25.62 20.69
N LEU B 285 -8.72 26.13 21.45
CA LEU B 285 -7.44 25.48 21.57
C LEU B 285 -7.41 24.54 22.75
N THR B 286 -6.70 23.43 22.59
CA THR B 286 -6.34 22.54 23.68
C THR B 286 -4.82 22.59 23.78
N LEU B 287 -4.31 23.61 24.44
CA LEU B 287 -2.88 23.85 24.54
C LEU B 287 -2.18 22.65 25.19
N LYS B 288 -0.96 22.41 24.75
CA LYS B 288 -0.24 21.21 25.16
C LYS B 288 1.25 21.53 25.19
N HIS B 289 2.01 20.73 25.92
CA HIS B 289 1.55 19.67 26.83
C HIS B 289 1.83 20.15 28.26
N PHE B 290 0.78 20.52 28.98
CA PHE B 290 0.96 21.16 30.26
C PHE B 290 1.68 20.22 31.22
N PRO B 291 2.61 20.73 32.04
CA PRO B 291 3.03 22.12 32.21
C PRO B 291 4.30 22.48 31.50
N GLY B 292 4.68 21.69 30.51
CA GLY B 292 5.89 21.98 29.78
C GLY B 292 6.68 20.71 29.59
N GLY B 293 6.81 20.27 28.35
CA GLY B 293 7.47 19.04 28.04
C GLY B 293 8.88 19.18 27.56
N GLY B 294 9.37 20.41 27.40
CA GLY B 294 10.66 20.67 26.80
C GLY B 294 11.85 20.14 27.53
N PRO B 295 11.91 20.21 28.89
CA PRO B 295 13.13 19.80 29.60
C PRO B 295 13.16 18.30 29.90
N GLN B 296 13.40 17.51 28.85
CA GLN B 296 13.45 16.07 28.95
C GLN B 296 14.86 15.62 29.27
N GLU B 297 15.01 14.73 30.26
CA GLU B 297 16.33 14.23 30.61
C GLU B 297 16.89 13.43 29.45
N LEU B 298 18.07 13.85 28.99
CA LEU B 298 18.74 13.28 27.83
C LEU B 298 17.89 13.43 26.57
N GLY B 299 16.87 14.28 26.62
CA GLY B 299 15.98 14.49 25.51
C GLY B 299 15.07 13.33 25.18
N LEU B 300 14.99 12.33 26.05
CA LEU B 300 14.19 11.15 25.76
C LEU B 300 12.75 11.40 26.11
N ASP B 301 11.85 11.02 25.20
CA ASP B 301 10.45 11.36 25.32
C ASP B 301 9.71 10.33 26.17
N PRO B 302 8.86 10.80 27.08
CA PRO B 302 8.08 9.89 27.90
C PRO B 302 7.03 9.10 27.14
N HIS B 303 7.05 9.21 25.81
CA HIS B 303 6.34 8.21 25.01
C HIS B 303 6.92 6.84 25.29
N TYR B 304 8.17 6.79 25.68
CA TYR B 304 8.93 5.57 25.85
C TYR B 304 9.30 5.39 27.31
N ALA B 305 9.40 4.14 27.75
CA ALA B 305 9.62 3.87 29.16
C ALA B 305 11.02 4.29 29.61
N PHE B 306 12.00 4.30 28.72
CA PHE B 306 13.29 4.78 29.16
C PHE B 306 13.31 6.30 29.35
N GLY B 307 12.22 6.99 29.10
CA GLY B 307 12.25 8.45 29.11
C GLY B 307 11.23 9.15 29.97
N LYS B 308 10.69 8.46 30.98
CA LYS B 308 9.62 9.00 31.82
C LYS B 308 10.04 10.24 32.60
N ALA B 309 11.29 10.65 32.47
CA ALA B 309 11.89 11.66 33.33
C ALA B 309 11.92 13.03 32.67
N GLN B 310 11.52 14.05 33.42
CA GLN B 310 11.73 15.45 33.07
C GLN B 310 12.49 16.11 34.21
N VAL B 311 13.66 16.64 33.92
CA VAL B 311 14.57 17.14 34.92
C VAL B 311 14.75 18.64 34.79
N TYR B 312 15.17 19.28 35.88
CA TYR B 312 15.21 20.75 35.97
C TYR B 312 16.48 21.27 36.62
N PRO B 313 17.62 21.18 35.93
CA PRO B 313 18.87 21.65 36.53
C PRO B 313 18.91 23.13 36.88
N ALA B 314 18.23 23.97 36.13
CA ALA B 314 18.16 25.40 36.45
C ALA B 314 16.89 25.78 37.18
N GLY B 315 16.13 24.82 37.68
CA GLY B 315 14.90 25.11 38.42
C GLY B 315 13.91 25.97 37.69
N ARG B 316 13.76 25.72 36.39
CA ARG B 316 12.89 26.58 35.54
C ARG B 316 11.54 25.92 35.32
N PHE B 317 11.12 25.09 36.25
CA PHE B 317 9.81 24.45 36.15
C PHE B 317 8.70 25.46 35.92
N GLU B 318 8.71 26.55 36.69
CA GLU B 318 7.65 27.53 36.56
C GLU B 318 7.86 28.41 35.33
N GLU B 319 9.11 28.59 34.91
CA GLU B 319 9.37 29.28 33.66
C GLU B 319 8.72 28.54 32.50
N HIS B 320 8.82 27.21 32.50
CA HIS B 320 8.28 26.39 31.44
C HIS B 320 6.77 26.44 31.35
N PHE B 321 6.07 26.60 32.47
CA PHE B 321 4.63 26.76 32.39
C PHE B 321 4.21 28.22 32.29
N LEU B 322 5.16 29.13 32.12
CA LEU B 322 4.80 30.51 31.83
C LEU B 322 3.90 30.66 30.62
N PRO B 323 4.19 30.05 29.46
CA PRO B 323 3.28 30.19 28.30
C PRO B 323 1.89 29.64 28.54
N PHE B 324 1.75 28.62 29.37
CA PHE B 324 0.43 28.09 29.65
C PHE B 324 -0.37 29.05 30.51
N GLN B 325 0.27 29.74 31.46
N GLN B 325 0.28 29.72 31.45
CA GLN B 325 -0.46 30.75 32.20
CA GLN B 325 -0.41 30.76 32.21
C GLN B 325 -0.91 31.88 31.29
C GLN B 325 -0.89 31.86 31.29
N ALA B 326 -0.01 32.33 30.41
CA ALA B 326 -0.36 33.37 29.44
C ALA B 326 -1.54 32.95 28.58
N ALA B 327 -1.61 31.68 28.23
CA ALA B 327 -2.71 31.17 27.44
C ALA B 327 -3.99 31.04 28.24
N ILE B 328 -3.89 30.56 29.48
CA ILE B 328 -5.06 30.51 30.35
C ILE B 328 -5.64 31.90 30.52
N ASP B 329 -4.76 32.89 30.76
CA ASP B 329 -5.24 34.25 30.96
C ASP B 329 -6.03 34.77 29.76
N ALA B 330 -5.62 34.38 28.55
CA ALA B 330 -6.38 34.78 27.37
C ALA B 330 -7.64 33.94 27.20
N GLY B 331 -7.86 32.95 28.05
CA GLY B 331 -9.09 32.19 28.00
C GLY B 331 -8.99 30.94 27.19
N VAL B 332 -7.81 30.34 27.09
CA VAL B 332 -7.68 29.13 26.29
C VAL B 332 -8.66 28.09 26.80
N SER B 333 -9.31 27.39 25.86
CA SER B 333 -10.49 26.61 26.21
C SER B 333 -10.15 25.32 26.93
N SER B 334 -9.04 24.69 26.57
CA SER B 334 -8.79 23.35 27.03
C SER B 334 -7.30 23.20 27.27
N ILE B 335 -6.91 22.17 28.02
CA ILE B 335 -5.52 21.92 28.33
C ILE B 335 -5.26 20.42 28.25
N MET B 336 -4.11 20.05 27.71
CA MET B 336 -3.68 18.68 27.66
C MET B 336 -2.38 18.53 28.45
N PRO B 337 -2.31 17.64 29.43
CA PRO B 337 -1.08 17.47 30.19
C PRO B 337 -0.10 16.58 29.47
N TYR B 338 1.13 16.56 29.96
CA TYR B 338 2.12 15.65 29.42
C TYR B 338 2.25 14.44 30.34
N TYR B 339 3.02 13.45 29.90
CA TYR B 339 3.13 12.22 30.66
C TYR B 339 4.50 12.02 31.28
N GLY B 340 5.42 12.97 31.10
CA GLY B 340 6.67 12.91 31.84
C GLY B 340 6.43 13.01 33.32
N VAL B 341 7.45 12.64 34.08
CA VAL B 341 7.38 12.66 35.53
C VAL B 341 8.24 13.80 36.03
N PRO B 342 7.68 14.76 36.79
CA PRO B 342 8.48 15.88 37.30
C PRO B 342 9.37 15.39 38.42
N VAL B 343 10.67 15.41 38.19
CA VAL B 343 11.62 14.82 39.12
C VAL B 343 12.06 15.91 40.09
N ASP B 344 11.72 15.73 41.36
CA ASP B 344 12.13 16.62 42.45
C ASP B 344 11.86 18.08 42.13
N VAL B 345 10.59 18.40 41.93
CA VAL B 345 10.22 19.75 41.54
C VAL B 345 9.43 20.39 42.67
N PRO B 346 9.87 21.52 43.19
CA PRO B 346 9.17 22.15 44.31
C PRO B 346 7.75 22.51 43.95
N VAL B 347 6.83 22.21 44.87
CA VAL B 347 5.42 22.42 44.62
C VAL B 347 5.12 23.90 44.56
N VAL B 348 4.40 24.31 43.51
CA VAL B 348 3.85 25.65 43.42
C VAL B 348 2.76 25.77 44.46
N GLY B 349 2.87 26.79 45.32
CA GLY B 349 1.84 26.99 46.32
C GLY B 349 1.84 25.92 47.39
N GLY B 350 3.02 25.47 47.80
CA GLY B 350 3.15 24.38 48.73
C GLY B 350 4.05 24.68 49.89
N GLU B 351 4.31 23.66 50.70
CA GLU B 351 5.17 23.79 51.85
C GLU B 351 6.63 23.74 51.41
N PRO B 352 7.56 24.30 52.20
CA PRO B 352 8.96 24.26 51.81
C PRO B 352 9.48 22.83 51.85
N GLY B 353 10.44 22.54 50.96
CA GLY B 353 10.96 21.20 50.83
C GLY B 353 10.08 20.24 50.07
N GLU B 354 8.81 20.59 49.86
CA GLU B 354 7.82 19.72 49.25
C GLU B 354 8.03 19.61 47.75
N THR B 355 7.83 18.40 47.22
CA THR B 355 8.02 18.12 45.82
C THR B 355 6.77 17.46 45.23
N TYR B 356 6.67 17.54 43.91
CA TYR B 356 5.56 16.94 43.20
C TYR B 356 5.66 15.42 43.21
N PRO B 357 4.52 14.74 43.23
CA PRO B 357 4.55 13.26 43.20
C PRO B 357 5.28 12.78 41.98
N HIS B 358 6.14 11.79 42.17
CA HIS B 358 6.91 11.26 41.05
C HIS B 358 6.05 10.36 40.19
N THR B 359 4.91 10.87 39.75
CA THR B 359 4.05 10.23 38.80
C THR B 359 3.96 11.09 37.55
N GLY B 360 3.47 10.50 36.47
CA GLY B 360 3.24 11.28 35.27
C GLY B 360 2.19 12.34 35.50
N PHE B 361 2.42 13.53 34.92
CA PHE B 361 1.53 14.67 35.13
C PHE B 361 0.07 14.31 34.90
N ALA B 362 -0.21 13.54 33.85
CA ALA B 362 -1.57 13.23 33.49
C ALA B 362 -2.30 12.40 34.53
N PHE B 363 -1.59 11.92 35.56
CA PHE B 363 -2.17 11.17 36.65
C PHE B 363 -1.99 11.85 38.00
N SER B 364 -1.35 13.02 38.04
CA SER B 364 -1.13 13.76 39.28
C SER B 364 -2.33 14.67 39.55
N ASP B 365 -3.12 14.34 40.57
CA ASP B 365 -4.07 15.31 41.10
C ASP B 365 -3.32 16.56 41.57
N SER B 366 -2.09 16.38 42.04
CA SER B 366 -1.25 17.51 42.38
C SER B 366 -1.17 18.53 41.24
N ILE B 367 -1.03 18.06 40.01
CA ILE B 367 -0.70 18.93 38.88
C ILE B 367 -1.94 19.44 38.14
N VAL B 368 -2.94 18.58 37.93
CA VAL B 368 -4.06 18.89 37.04
C VAL B 368 -5.24 19.52 37.77
N ASN B 369 -5.54 19.10 38.99
CA ASN B 369 -6.54 19.75 39.81
C ASN B 369 -5.91 20.86 40.63
N GLY B 370 -4.69 20.63 41.12
CA GLY B 370 -3.94 21.57 41.91
C GLY B 370 -3.27 22.68 41.14
N LEU B 371 -2.10 22.39 40.58
CA LEU B 371 -1.30 23.43 39.92
C LEU B 371 -2.07 24.17 38.84
N LEU B 372 -2.75 23.43 37.97
CA LEU B 372 -3.41 24.04 36.83
C LEU B 372 -4.57 24.91 37.26
N ARG B 373 -5.51 24.33 38.00
CA ARG B 373 -6.76 24.98 38.33
C ARG B 373 -6.70 25.81 39.60
N ASP B 374 -5.99 25.32 40.61
CA ASP B 374 -5.96 25.97 41.91
C ASP B 374 -4.83 26.98 42.00
N GLN B 375 -3.65 26.68 41.45
CA GLN B 375 -2.56 27.64 41.46
C GLN B 375 -2.61 28.61 40.29
N LEU B 376 -2.97 28.13 39.11
CA LEU B 376 -3.18 29.01 37.99
C LEU B 376 -4.68 29.17 37.75
N GLY B 377 -5.03 30.04 36.82
CA GLY B 377 -6.43 30.37 36.77
C GLY B 377 -7.36 29.40 36.09
N PHE B 378 -6.90 28.24 35.63
CA PHE B 378 -7.62 27.58 34.56
C PHE B 378 -9.02 27.17 34.95
N THR B 379 -9.96 27.34 34.04
CA THR B 379 -11.38 27.14 34.30
C THR B 379 -12.11 26.29 33.27
N GLY B 380 -11.41 25.63 32.37
CA GLY B 380 -12.02 24.80 31.33
C GLY B 380 -11.93 23.33 31.64
N TYR B 381 -11.85 22.55 30.57
CA TYR B 381 -11.73 21.09 30.72
C TYR B 381 -10.35 20.64 30.26
N VAL B 382 -9.87 19.58 30.88
CA VAL B 382 -8.54 19.04 30.54
C VAL B 382 -8.76 17.85 29.62
N ASN B 383 -7.99 17.81 28.54
CA ASN B 383 -8.06 16.67 27.61
C ASN B 383 -6.84 15.83 27.89
N SER B 384 -6.99 14.53 27.91
CA SER B 384 -5.86 13.62 28.12
C SER B 384 -5.04 13.45 26.86
N ASN B 385 -3.90 12.79 26.99
CA ASN B 385 -3.14 12.37 25.83
C ASN B 385 -3.70 11.08 25.28
N THR B 386 -3.40 10.80 24.01
CA THR B 386 -3.89 9.57 23.40
C THR B 386 -2.94 8.42 23.68
N GLY B 387 -3.50 7.32 24.14
CA GLY B 387 -2.78 6.06 24.27
C GLY B 387 -1.68 6.05 25.30
N ILE B 388 -1.91 6.69 26.44
CA ILE B 388 -0.95 6.69 27.52
C ILE B 388 -1.60 6.35 28.85
N ILE B 389 -2.91 6.50 28.93
CA ILE B 389 -3.68 6.15 30.10
C ILE B 389 -3.40 4.69 30.49
N ASN B 390 -3.54 3.79 29.55
CA ASN B 390 -3.43 2.39 29.85
C ASN B 390 -1.98 1.96 30.00
N ASP B 391 -1.11 2.34 29.06
CA ASP B 391 0.24 1.79 28.98
C ASP B 391 1.37 2.77 29.28
N ARG B 392 1.10 4.04 29.50
CA ARG B 392 2.14 5.01 29.80
C ARG B 392 1.77 5.79 31.05
N ALA B 393 1.26 5.06 32.04
CA ALA B 393 0.87 5.61 33.34
C ALA B 393 2.06 5.56 34.29
N TRP B 394 3.00 6.45 34.02
CA TRP B 394 4.25 6.45 34.75
C TRP B 394 4.02 6.68 36.24
N GLY B 395 4.68 5.88 37.06
CA GLY B 395 4.43 5.86 38.47
C GLY B 395 3.26 5.01 38.89
N LEU B 396 2.57 4.38 37.95
CA LEU B 396 1.42 3.51 38.20
C LEU B 396 1.62 2.17 37.52
N GLU B 397 2.89 1.72 37.48
CA GLU B 397 3.23 0.47 36.80
C GLU B 397 2.44 -0.69 37.37
N GLY B 398 2.37 -0.78 38.69
CA GLY B 398 1.67 -1.87 39.34
C GLY B 398 0.19 -1.75 39.30
N ASN B 399 -0.34 -0.59 38.94
CA ASN B 399 -1.78 -0.37 38.98
C ASN B 399 -2.49 -1.10 37.87
N THR B 400 -3.75 -1.42 38.12
CA THR B 400 -4.53 -1.94 37.03
C THR B 400 -4.90 -0.80 36.08
N VAL B 401 -5.41 -1.16 34.91
CA VAL B 401 -5.83 -0.14 33.97
C VAL B 401 -6.98 0.68 34.51
N PRO B 402 -8.08 0.08 34.99
CA PRO B 402 -9.15 0.90 35.55
C PRO B 402 -8.68 1.83 36.64
N GLU B 403 -7.68 1.42 37.40
CA GLU B 403 -7.13 2.32 38.39
C GLU B 403 -6.50 3.53 37.73
N ARG B 404 -5.76 3.32 36.65
CA ARG B 404 -5.07 4.43 35.98
C ARG B 404 -6.05 5.43 35.41
N VAL B 405 -7.09 4.93 34.74
CA VAL B 405 -8.13 5.81 34.23
C VAL B 405 -8.71 6.64 35.36
N ALA B 406 -9.15 5.97 36.43
CA ALA B 406 -9.65 6.65 37.60
C ALA B 406 -8.62 7.60 38.18
N ALA B 407 -7.35 7.19 38.25
CA ALA B 407 -6.33 8.08 38.77
C ALA B 407 -6.33 9.40 38.03
N ALA B 408 -6.35 9.32 36.70
CA ALA B 408 -6.32 10.53 35.89
C ALA B 408 -7.62 11.32 35.98
N ILE B 409 -8.76 10.63 35.92
CA ILE B 409 -10.06 11.32 35.97
C ILE B 409 -10.22 12.08 37.27
N ASN B 410 -10.17 11.36 38.39
CA ASN B 410 -10.28 12.01 39.68
C ASN B 410 -9.13 12.97 39.89
N GLY B 411 -8.02 12.78 39.17
CA GLY B 411 -6.95 13.75 39.12
C GLY B 411 -7.26 15.00 38.30
N GLY B 412 -8.40 15.04 37.64
CA GLY B 412 -8.90 16.26 37.02
C GLY B 412 -9.06 16.22 35.53
N THR B 413 -8.51 15.21 34.86
CA THR B 413 -8.63 15.11 33.42
C THR B 413 -10.07 14.81 33.09
N ASP B 414 -10.66 15.57 32.17
CA ASP B 414 -12.09 15.53 31.98
C ASP B 414 -12.51 14.70 30.80
N THR B 415 -11.65 14.52 29.82
CA THR B 415 -12.02 13.69 28.70
C THR B 415 -10.82 12.86 28.30
N LEU B 416 -11.08 11.62 27.87
CA LEU B 416 -10.07 10.61 27.63
C LEU B 416 -9.86 10.42 26.14
N SER B 417 -8.65 10.67 25.69
CA SER B 417 -8.31 10.62 24.27
C SER B 417 -7.97 9.21 23.85
N GLY B 418 -8.58 8.77 22.75
CA GLY B 418 -8.40 7.44 22.24
C GLY B 418 -9.32 6.42 22.84
N PHE B 419 -10.24 6.84 23.70
CA PHE B 419 -11.21 5.95 24.32
C PHE B 419 -12.52 6.05 23.55
N SER B 420 -13.16 4.91 23.32
CA SER B 420 -14.37 4.95 22.52
C SER B 420 -15.44 3.93 22.93
N ASP B 421 -15.33 3.28 24.09
CA ASP B 421 -16.38 2.41 24.63
C ASP B 421 -16.82 3.07 25.92
N VAL B 422 -17.99 3.69 25.92
CA VAL B 422 -18.39 4.41 27.11
C VAL B 422 -18.52 3.48 28.30
N SER B 423 -18.72 2.19 28.04
CA SER B 423 -18.79 1.20 29.11
C SER B 423 -17.60 1.28 30.05
N VAL B 424 -16.43 1.73 29.59
CA VAL B 424 -15.29 1.86 30.49
C VAL B 424 -15.66 2.80 31.63
N ILE B 425 -16.18 3.96 31.29
CA ILE B 425 -16.51 4.97 32.34
C ILE B 425 -17.63 4.39 33.20
N THR B 426 -18.66 3.84 32.55
CA THR B 426 -19.79 3.22 33.28
C THR B 426 -19.24 2.21 34.28
N ASP B 427 -18.27 1.40 33.87
CA ASP B 427 -17.72 0.34 34.76
C ASP B 427 -17.02 0.98 35.95
N LEU B 428 -16.33 2.10 35.75
CA LEU B 428 -15.64 2.80 36.85
C LEU B 428 -16.68 3.29 37.86
N TYR B 429 -17.84 3.73 37.40
CA TYR B 429 -18.91 4.20 38.29
C TYR B 429 -19.54 3.03 39.02
N GLU B 430 -19.79 1.94 38.29
CA GLU B 430 -20.43 0.74 38.89
C GLU B 430 -19.48 0.17 39.94
N ALA B 431 -18.18 0.34 39.73
CA ALA B 431 -17.19 -0.17 40.69
C ALA B 431 -16.91 0.91 41.73
N ASP B 432 -17.66 2.01 41.67
CA ASP B 432 -17.49 3.12 42.65
C ASP B 432 -16.03 3.55 42.67
N LEU B 433 -15.43 3.79 41.50
CA LEU B 433 -14.02 4.26 41.43
C LEU B 433 -14.01 5.73 41.03
N ILE B 434 -15.16 6.24 40.59
CA ILE B 434 -15.30 7.64 40.22
C ILE B 434 -16.69 8.07 40.64
N SER B 435 -16.78 9.16 41.41
CA SER B 435 -18.06 9.63 41.89
C SER B 435 -18.94 10.15 40.76
N GLU B 436 -20.26 9.90 40.87
CA GLU B 436 -21.22 10.49 39.93
C GLU B 436 -21.21 12.01 39.98
N GLU B 437 -20.79 12.58 41.10
CA GLU B 437 -20.56 14.02 41.10
C GLU B 437 -19.42 14.40 40.18
N ARG B 438 -18.36 13.59 40.14
CA ARG B 438 -17.20 13.91 39.29
C ARG B 438 -17.56 13.88 37.82
N ILE B 439 -18.30 12.87 37.39
CA ILE B 439 -18.80 12.84 36.02
C ILE B 439 -19.69 14.06 35.78
N ASP B 440 -20.61 14.33 36.71
CA ASP B 440 -21.45 15.51 36.60
C ASP B 440 -20.59 16.74 36.42
N LEU B 441 -19.46 16.80 37.11
CA LEU B 441 -18.53 17.91 37.02
C LEU B 441 -17.95 18.06 35.62
N ALA B 442 -17.29 17.01 35.15
CA ALA B 442 -16.71 17.04 33.81
C ALA B 442 -17.75 17.41 32.78
N ALA B 443 -18.94 16.83 32.86
CA ALA B 443 -19.98 17.16 31.89
C ALA B 443 -20.26 18.64 31.84
N GLU B 444 -20.11 19.35 32.95
CA GLU B 444 -20.29 20.78 32.91
C GLU B 444 -19.08 21.45 32.28
N ARG B 445 -17.87 20.99 32.61
CA ARG B 445 -16.69 21.56 31.98
C ARG B 445 -16.64 21.31 30.50
N LEU B 446 -17.15 20.14 30.07
CA LEU B 446 -17.11 19.77 28.67
C LEU B 446 -18.29 20.35 27.90
N LEU B 447 -19.41 20.60 28.57
CA LEU B 447 -20.56 21.13 27.88
C LEU B 447 -20.49 22.64 27.67
N GLU B 448 -19.74 23.34 28.50
CA GLU B 448 -19.75 24.79 28.43
C GLU B 448 -19.28 25.33 27.09
N PRO B 449 -18.09 25.01 26.59
CA PRO B 449 -17.65 25.63 25.34
C PRO B 449 -18.61 25.39 24.20
N LEU B 450 -19.29 24.25 24.17
CA LEU B 450 -20.19 23.99 23.07
C LEU B 450 -21.27 25.05 23.02
N PHE B 451 -21.85 25.36 24.18
CA PHE B 451 -22.80 26.45 24.30
C PHE B 451 -22.16 27.77 23.90
N ASP B 452 -21.04 28.10 24.53
CA ASP B 452 -20.42 29.40 24.31
C ASP B 452 -20.03 29.61 22.86
N MET B 453 -19.70 28.54 22.15
CA MET B 453 -19.37 28.63 20.73
C MET B 453 -20.58 28.61 19.82
N GLY B 454 -21.79 28.48 20.37
CA GLY B 454 -22.97 28.55 19.56
C GLY B 454 -23.31 27.30 18.82
N LEU B 455 -22.65 26.19 19.15
CA LEU B 455 -22.92 24.94 18.45
C LEU B 455 -24.28 24.41 18.80
N PHE B 456 -24.87 24.85 19.91
CA PHE B 456 -26.22 24.41 20.20
C PHE B 456 -27.23 25.14 19.32
N GLU B 457 -26.90 26.35 18.87
CA GLU B 457 -27.75 27.07 17.94
C GLU B 457 -27.46 26.71 16.49
N ASN B 458 -26.18 26.68 16.11
CA ASN B 458 -25.84 26.34 14.74
C ASN B 458 -24.52 25.58 14.70
N PRO B 459 -24.55 24.25 14.40
CA PRO B 459 -23.31 23.48 14.35
C PRO B 459 -22.87 23.10 12.94
N TYR B 460 -23.48 23.67 11.92
CA TYR B 460 -23.17 23.29 10.56
C TYR B 460 -22.40 24.39 9.85
N VAL B 461 -21.90 24.03 8.67
CA VAL B 461 -21.11 24.92 7.83
C VAL B 461 -21.63 24.71 6.41
N ASP B 462 -21.42 25.72 5.55
CA ASP B 462 -21.68 25.56 4.13
C ASP B 462 -20.45 24.95 3.48
N PRO B 463 -20.53 23.73 2.95
CA PRO B 463 -19.34 23.15 2.32
C PRO B 463 -18.86 23.93 1.13
N ASP B 464 -19.76 24.61 0.43
CA ASP B 464 -19.43 25.50 -0.68
C ASP B 464 -18.37 26.52 -0.31
N VAL B 465 -18.50 27.12 0.86
CA VAL B 465 -17.63 28.20 1.29
C VAL B 465 -16.26 27.65 1.66
N ALA B 466 -16.20 26.39 2.11
CA ALA B 466 -14.92 25.77 2.39
C ALA B 466 -14.07 25.68 1.13
N THR B 467 -14.69 25.31 0.01
CA THR B 467 -13.99 25.33 -1.27
C THR B 467 -13.41 26.71 -1.53
N ALA B 468 -14.20 27.76 -1.28
CA ALA B 468 -13.79 29.13 -1.50
C ALA B 468 -12.81 29.65 -0.45
N THR B 469 -12.58 28.92 0.64
CA THR B 469 -11.78 29.45 1.73
C THR B 469 -10.42 28.78 1.85
N VAL B 470 -10.39 27.45 1.80
CA VAL B 470 -9.22 26.67 2.18
C VAL B 470 -8.21 26.74 1.07
N GLY B 471 -7.08 27.40 1.34
CA GLY B 471 -6.05 27.65 0.35
C GLY B 471 -6.39 28.76 -0.62
N ALA B 472 -7.28 29.67 -0.26
CA ALA B 472 -7.56 30.81 -1.10
C ALA B 472 -6.28 31.55 -1.45
N ASP B 473 -6.29 32.21 -2.61
CA ASP B 473 -5.12 32.92 -3.11
C ASP B 473 -4.57 33.88 -2.08
N ASP B 474 -5.45 34.67 -1.48
CA ASP B 474 -5.02 35.65 -0.51
C ASP B 474 -4.49 34.98 0.75
N HIS B 475 -5.08 33.85 1.15
CA HIS B 475 -4.53 33.11 2.28
C HIS B 475 -3.15 32.57 1.97
N ARG B 476 -2.96 32.05 0.75
CA ARG B 476 -1.68 31.45 0.43
C ARG B 476 -0.55 32.47 0.43
N ALA B 477 -0.82 33.69 -0.01
CA ALA B 477 0.22 34.72 -0.05
C ALA B 477 0.69 35.11 1.35
N VAL B 478 -0.22 35.08 2.32
CA VAL B 478 0.20 35.26 3.71
C VAL B 478 1.22 34.21 4.07
N GLY B 479 0.95 32.97 3.70
CA GLY B 479 1.87 31.90 3.98
C GLY B 479 3.21 32.12 3.32
N LEU B 480 3.23 32.49 2.03
CA LEU B 480 4.51 32.69 1.39
C LEU B 480 5.26 33.90 1.93
N ASP B 481 4.55 34.89 2.46
CA ASP B 481 5.24 36.00 3.10
C ASP B 481 5.98 35.55 4.35
N LEU B 482 5.30 34.78 5.20
CA LEU B 482 5.97 34.28 6.39
C LEU B 482 7.01 33.25 6.04
N GLN B 483 6.82 32.49 4.95
CA GLN B 483 7.87 31.60 4.49
C GLN B 483 9.15 32.36 4.23
N ARG B 484 9.05 33.52 3.58
CA ARG B 484 10.21 34.33 3.23
C ARG B 484 10.80 35.04 4.43
N LYS B 485 9.98 35.42 5.40
CA LYS B 485 10.50 36.10 6.57
C LYS B 485 11.09 35.15 7.59
N SER B 486 10.89 33.84 7.45
CA SER B 486 11.38 32.87 8.41
C SER B 486 12.81 32.43 8.17
N LEU B 487 13.33 32.60 6.95
CA LEU B 487 14.69 32.21 6.66
C LEU B 487 15.67 33.01 7.50
N VAL B 488 16.53 32.31 8.24
CA VAL B 488 17.58 32.91 9.05
C VAL B 488 18.90 32.69 8.34
N LEU B 489 19.59 33.76 7.99
CA LEU B 489 20.87 33.65 7.32
C LEU B 489 21.93 33.53 8.40
N LEU B 490 22.40 32.32 8.64
CA LEU B 490 23.35 32.12 9.72
C LEU B 490 24.75 32.58 9.32
N GLN B 491 25.06 32.54 8.03
CA GLN B 491 26.39 32.87 7.58
C GLN B 491 26.35 33.34 6.13
N ASN B 492 27.13 34.38 5.83
CA ASN B 492 27.28 34.86 4.47
C ASN B 492 28.72 35.38 4.35
N GLU B 493 29.62 34.50 3.93
CA GLU B 493 31.02 34.84 3.80
C GLU B 493 31.21 36.02 2.85
N GLU B 494 32.24 36.84 3.12
CA GLU B 494 32.62 37.95 2.24
C GLU B 494 33.86 37.58 1.44
N THR B 495 33.70 37.42 0.13
CA THR B 495 34.79 37.09 -0.76
C THR B 495 35.36 38.32 -1.48
N ASP B 496 36.36 38.05 -2.34
CA ASP B 496 36.97 39.05 -3.20
C ASP B 496 35.91 39.90 -3.90
N GLU B 497 34.96 39.23 -4.55
CA GLU B 497 33.98 39.89 -5.40
C GLU B 497 32.74 40.36 -4.67
N GLY B 498 32.66 40.15 -3.36
CA GLY B 498 31.51 40.54 -2.60
C GLY B 498 31.02 39.42 -1.73
N PRO B 499 29.90 39.62 -1.07
CA PRO B 499 29.28 38.54 -0.29
C PRO B 499 28.56 37.52 -1.15
N VAL B 500 28.55 36.27 -0.65
CA VAL B 500 28.00 35.15 -1.42
C VAL B 500 26.57 35.42 -1.84
N LEU B 501 25.71 35.78 -0.85
CA LEU B 501 24.31 36.04 -1.10
C LEU B 501 24.00 37.51 -0.95
N PRO B 502 23.19 38.09 -1.83
CA PRO B 502 22.49 37.41 -2.92
C PRO B 502 23.36 36.96 -4.08
N LEU B 503 22.88 35.92 -4.73
CA LEU B 503 23.50 35.40 -5.94
C LEU B 503 23.60 36.47 -7.02
N LYS B 504 24.61 36.33 -7.86
CA LYS B 504 24.63 37.07 -9.11
C LYS B 504 23.50 36.58 -9.99
N GLU B 505 23.20 37.34 -11.03
CA GLU B 505 22.16 36.91 -11.95
C GLU B 505 22.74 35.91 -12.93
N GLY B 506 22.07 34.79 -13.11
CA GLY B 506 22.51 33.79 -14.05
C GLY B 506 23.68 32.98 -13.54
N GLY B 507 23.89 31.85 -14.19
CA GLY B 507 25.02 31.01 -13.88
C GLY B 507 24.72 29.53 -13.80
N ASP B 508 25.78 28.73 -13.79
CA ASP B 508 25.63 27.26 -13.69
C ASP B 508 25.51 26.90 -12.22
N VAL B 509 24.40 26.28 -11.83
CA VAL B 509 24.17 25.96 -10.40
C VAL B 509 24.00 24.46 -10.25
N TYR B 510 24.67 23.88 -9.27
CA TYR B 510 24.54 22.43 -8.99
C TYR B 510 23.61 22.28 -7.79
N ILE B 511 22.72 21.30 -7.82
CA ILE B 511 21.74 21.15 -6.72
C ILE B 511 21.92 19.81 -6.02
N LEU B 512 21.84 19.80 -4.70
CA LEU B 512 21.86 18.53 -3.95
C LEU B 512 20.77 18.62 -2.89
N GLY B 513 19.83 17.69 -2.92
CA GLY B 513 18.76 17.68 -1.91
C GLY B 513 17.42 18.05 -2.48
N ASP B 514 16.44 18.30 -1.63
CA ASP B 514 15.06 18.58 -2.09
C ASP B 514 14.98 19.93 -2.78
N PHE B 515 15.17 19.96 -4.09
CA PHE B 515 15.01 21.20 -4.87
C PHE B 515 14.21 20.88 -6.12
N THR B 516 13.32 21.77 -6.51
CA THR B 516 12.60 21.58 -7.79
C THR B 516 13.47 22.20 -8.88
N GLU B 517 13.99 21.38 -9.79
CA GLU B 517 14.92 21.88 -10.79
C GLU B 517 14.33 23.06 -11.53
N GLU B 518 13.11 22.90 -12.06
CA GLU B 518 12.53 23.92 -12.91
C GLU B 518 12.29 25.22 -12.14
N THR B 519 11.91 25.11 -10.87
CA THR B 519 11.72 26.33 -10.07
C THR B 519 13.03 27.12 -9.98
N VAL B 520 14.12 26.45 -9.66
CA VAL B 520 15.44 27.13 -9.54
C VAL B 520 15.88 27.59 -10.93
N GLU B 521 15.68 26.74 -11.93
CA GLU B 521 16.09 27.08 -13.31
C GLU B 521 15.35 28.34 -13.75
N SER B 522 14.06 28.41 -13.45
CA SER B 522 13.26 29.55 -13.91
C SER B 522 13.78 30.88 -13.40
N TYR B 523 14.59 30.90 -12.35
CA TYR B 523 15.18 32.14 -11.91
C TYR B 523 16.38 32.55 -12.74
N GLY B 524 16.68 31.82 -13.80
CA GLY B 524 17.71 32.22 -14.72
C GLY B 524 19.04 31.54 -14.55
N TYR B 525 19.06 30.31 -14.08
CA TYR B 525 20.26 29.53 -13.89
C TYR B 525 20.15 28.23 -14.68
N GLU B 526 21.26 27.75 -15.20
CA GLU B 526 21.28 26.38 -15.69
C GLU B 526 21.69 25.43 -14.56
N VAL B 527 20.87 24.42 -14.31
CA VAL B 527 21.02 23.56 -13.15
C VAL B 527 21.48 22.18 -13.58
N THR B 528 22.47 21.66 -12.86
CA THR B 528 22.85 20.26 -12.90
C THR B 528 22.36 19.60 -11.63
N ASN B 529 21.82 18.40 -11.78
CA ASN B 529 21.13 17.75 -10.69
C ASN B 529 21.97 16.61 -10.11
N GLY B 530 22.57 16.85 -8.96
CA GLY B 530 23.34 15.86 -8.27
C GLY B 530 22.56 14.88 -7.45
N ASN B 531 21.25 14.88 -7.63
CA ASN B 531 20.39 13.92 -6.92
C ASN B 531 20.22 12.73 -7.85
N VAL B 532 20.88 11.64 -7.52
CA VAL B 532 20.83 10.46 -8.41
C VAL B 532 20.50 9.22 -7.59
N ALA B 533 19.95 8.21 -8.24
CA ALA B 533 19.66 6.94 -7.57
C ALA B 533 20.98 6.27 -7.23
N GLU B 534 20.98 5.43 -6.20
CA GLU B 534 22.24 4.85 -5.69
C GLU B 534 23.03 4.18 -6.79
N GLY B 535 22.39 3.42 -7.65
CA GLY B 535 23.16 2.85 -8.74
C GLY B 535 23.83 3.89 -9.61
N GLU B 536 23.11 4.95 -9.99
CA GLU B 536 23.65 5.89 -11.00
C GLU B 536 24.88 6.64 -10.55
N GLU B 537 25.51 7.30 -11.51
CA GLU B 537 26.70 8.11 -11.21
C GLU B 537 26.25 9.55 -11.02
N ARG B 538 26.76 10.19 -9.98
CA ARG B 538 26.42 11.61 -9.74
C ARG B 538 27.31 12.46 -10.64
N PRO B 539 26.76 13.47 -11.30
CA PRO B 539 27.56 14.37 -12.11
C PRO B 539 28.44 15.20 -11.18
N SER B 540 29.56 15.69 -11.67
CA SER B 540 30.41 16.43 -10.75
C SER B 540 30.03 17.89 -10.70
N ALA B 541 30.29 18.50 -9.55
CA ALA B 541 30.02 19.91 -9.31
C ALA B 541 31.21 20.78 -9.66
N ALA B 542 32.22 20.22 -10.31
CA ALA B 542 33.29 21.03 -10.85
C ALA B 542 32.74 22.01 -11.86
N GLY B 543 33.31 23.21 -11.87
CA GLY B 543 32.87 24.20 -12.82
C GLY B 543 31.50 24.75 -12.55
N SER B 544 30.93 24.48 -11.38
CA SER B 544 29.70 25.12 -10.97
C SER B 544 29.98 26.52 -10.47
N ASP B 545 29.08 27.46 -10.75
CA ASP B 545 29.26 28.82 -10.20
C ASP B 545 28.74 28.80 -8.77
N TYR B 546 27.63 28.09 -8.54
CA TYR B 546 27.06 27.98 -7.18
C TYR B 546 26.67 26.54 -6.91
N VAL B 547 26.65 26.13 -5.64
CA VAL B 547 26.18 24.78 -5.28
C VAL B 547 25.15 24.93 -4.16
N LEU B 548 23.88 24.67 -4.47
CA LEU B 548 22.81 24.84 -3.47
C LEU B 548 22.47 23.49 -2.85
N ILE B 549 22.65 23.36 -1.55
CA ILE B 549 22.39 22.07 -0.86
C ILE B 549 21.28 22.25 0.16
N SER B 550 20.22 21.46 0.04
CA SER B 550 19.15 21.48 1.05
C SER B 550 19.34 20.24 1.91
N MET B 551 19.73 20.43 3.16
CA MET B 551 20.07 19.24 3.96
C MET B 551 19.40 19.23 5.33
N THR B 552 19.23 18.05 5.88
CA THR B 552 18.71 17.89 7.22
C THR B 552 19.26 16.59 7.77
N ALA B 553 18.77 16.21 8.92
CA ALA B 553 19.03 14.91 9.47
C ALA B 553 17.71 14.33 9.96
N LYS B 554 17.55 13.02 9.86
CA LYS B 554 16.35 12.35 10.31
C LYS B 554 16.75 11.08 11.04
N THR B 555 15.84 10.56 11.86
CA THR B 555 16.07 9.33 12.60
C THR B 555 15.45 8.14 11.88
N ASN B 556 16.21 7.05 11.80
CA ASN B 556 15.76 5.73 11.37
C ASN B 556 15.96 4.77 12.53
N ALA B 557 15.09 4.86 13.54
CA ALA B 557 15.17 4.01 14.72
C ALA B 557 14.10 2.95 14.79
N GLY B 558 13.39 2.68 13.69
CA GLY B 558 12.31 1.71 13.69
C GLY B 558 12.74 0.29 14.04
N ASP B 559 14.01 -0.04 13.85
CA ASP B 559 14.53 -1.34 14.22
C ASP B 559 14.92 -1.38 15.69
N TYR B 560 14.08 -0.88 16.59
CA TYR B 560 14.41 -0.86 18.00
C TYR B 560 13.49 -1.83 18.73
N VAL B 561 14.07 -2.61 19.63
CA VAL B 561 13.34 -3.57 20.46
C VAL B 561 13.92 -3.52 21.85
N SER B 562 13.06 -3.43 22.86
CA SER B 562 13.52 -3.25 24.23
C SER B 562 14.06 -4.56 24.81
N ASP B 563 13.36 -5.66 24.60
CA ASP B 563 13.81 -6.96 25.11
C ASP B 563 14.64 -7.73 24.07
N ASP B 564 15.44 -7.02 23.25
CA ASP B 564 16.38 -7.63 22.32
C ASP B 564 17.80 -7.40 22.83
N PRO B 565 18.62 -8.43 23.03
CA PRO B 565 20.00 -8.21 23.46
C PRO B 565 20.92 -7.66 22.39
N SER B 566 20.44 -7.50 21.16
CA SER B 566 21.18 -6.74 20.17
C SER B 566 21.03 -5.24 20.38
N LEU B 567 19.86 -4.82 20.86
CA LEU B 567 19.51 -3.42 20.96
C LEU B 567 19.21 -3.01 22.38
N GLY B 568 17.97 -3.22 22.81
CA GLY B 568 17.50 -2.68 24.08
C GLY B 568 18.25 -3.23 25.27
N LEU B 569 18.60 -4.52 25.21
CA LEU B 569 19.29 -5.21 26.28
C LEU B 569 20.73 -5.57 25.89
N ASN B 570 21.39 -4.71 25.10
CA ASN B 570 22.76 -4.93 24.71
C ASN B 570 23.65 -4.17 25.66
N PRO B 571 24.40 -4.84 26.54
CA PRO B 571 25.29 -4.10 27.44
C PRO B 571 26.29 -3.24 26.70
N ASP B 572 26.60 -3.57 25.46
CA ASP B 572 27.52 -2.74 24.71
C ASP B 572 26.95 -1.37 24.40
N HIS B 573 25.63 -1.22 24.48
CA HIS B 573 25.01 0.08 24.25
C HIS B 573 24.97 0.95 25.50
N GLY B 574 25.27 0.40 26.66
CA GLY B 574 25.45 1.20 27.86
C GLY B 574 24.32 1.07 28.84
N THR B 575 24.26 2.04 29.75
CA THR B 575 23.30 2.01 30.84
C THR B 575 22.43 3.26 30.79
N ASN B 576 21.24 3.13 31.34
CA ASN B 576 20.29 4.23 31.42
C ASN B 576 20.61 5.13 32.59
N PRO B 577 21.17 6.32 32.33
CA PRO B 577 21.60 7.20 33.43
C PRO B 577 20.48 7.83 34.23
N SER B 578 19.23 7.74 33.82
CA SER B 578 18.18 8.46 34.52
C SER B 578 17.76 7.72 35.79
N VAL B 579 17.47 8.48 36.84
CA VAL B 579 17.07 7.88 38.11
C VAL B 579 15.78 8.53 38.58
N ILE B 580 14.72 7.73 38.67
CA ILE B 580 13.44 8.17 39.20
C ILE B 580 13.10 7.23 40.34
N ILE B 581 13.37 7.68 41.55
CA ILE B 581 13.04 6.91 42.74
C ILE B 581 11.58 7.09 43.01
N GLY B 582 10.84 5.98 43.10
CA GLY B 582 9.47 6.10 43.43
C GLY B 582 9.28 6.70 44.79
N ASP B 583 8.07 7.22 45.01
CA ASP B 583 7.69 7.68 46.33
C ASP B 583 7.96 6.64 47.40
N ASP B 584 7.69 5.36 47.10
CA ASP B 584 7.85 4.23 48.00
C ASP B 584 9.29 3.99 48.39
N GLY B 585 10.21 4.78 47.82
CA GLY B 585 11.61 4.69 48.12
C GLY B 585 12.39 3.80 47.21
N GLU B 586 11.72 3.08 46.33
CA GLU B 586 12.37 2.16 45.42
C GLU B 586 12.41 2.73 44.01
N PRO B 587 13.53 2.62 43.31
CA PRO B 587 13.59 3.13 41.94
C PRO B 587 12.51 2.53 41.09
N LEU B 588 12.08 3.28 40.10
CA LEU B 588 11.21 2.70 39.11
C LEU B 588 12.02 1.75 38.25
N PRO B 589 11.45 0.61 37.89
CA PRO B 589 12.19 -0.41 37.12
C PRO B 589 12.89 0.14 35.89
N GLY B 590 14.18 -0.16 35.78
CA GLY B 590 14.96 0.27 34.67
C GLY B 590 15.49 1.67 34.78
N LEU B 591 15.07 2.41 35.78
CA LEU B 591 15.44 3.80 35.95
C LEU B 591 16.09 3.98 37.29
N ASP B 592 16.93 3.02 37.66
CA ASP B 592 17.71 3.04 38.87
C ASP B 592 19.09 3.63 38.65
N GLY B 593 19.43 3.94 37.41
CA GLY B 593 20.70 4.51 37.08
C GLY B 593 21.69 3.52 36.52
N GLN B 594 21.52 2.23 36.82
N GLN B 594 21.52 2.23 36.83
CA GLN B 594 22.45 1.20 36.43
CA GLN B 594 22.47 1.22 36.39
C GLN B 594 21.79 0.12 35.57
C GLN B 594 21.80 0.13 35.57
N SER B 595 20.72 0.46 34.89
CA SER B 595 19.99 -0.52 34.12
C SER B 595 20.25 -0.40 32.63
N LEU B 596 19.98 -1.50 31.95
CA LEU B 596 20.06 -1.47 30.50
C LEU B 596 18.95 -0.60 29.95
N TRP B 597 19.15 -0.08 28.75
CA TRP B 597 18.24 0.89 28.20
C TRP B 597 16.84 0.33 28.11
N GLY B 598 16.71 -0.89 27.62
CA GLY B 598 15.42 -1.52 27.51
C GLY B 598 14.85 -2.02 28.80
N ALA B 599 15.52 -1.82 29.93
CA ALA B 599 15.04 -2.40 31.17
C ALA B 599 13.74 -1.79 31.63
N ALA B 600 13.51 -0.51 31.33
CA ALA B 600 12.35 0.18 31.85
C ALA B 600 11.06 -0.26 31.17
N ASP B 601 11.15 -0.82 29.97
CA ASP B 601 9.97 -1.25 29.27
C ASP B 601 9.31 -2.38 30.04
N VAL B 602 7.98 -2.32 30.16
CA VAL B 602 7.26 -3.30 30.93
C VAL B 602 7.41 -4.70 30.38
N CYS B 603 7.74 -4.87 29.10
CA CYS B 603 8.04 -6.20 28.60
C CYS B 603 9.24 -6.83 29.28
N VAL B 604 10.04 -6.02 30.00
CA VAL B 604 11.20 -6.51 30.72
C VAL B 604 10.87 -6.67 32.19
N HIS B 605 10.59 -5.56 32.89
CA HIS B 605 10.34 -5.64 34.33
C HIS B 605 9.03 -6.34 34.68
N LYS B 606 8.11 -6.47 33.73
CA LYS B 606 6.90 -7.29 33.87
C LYS B 606 6.05 -6.92 35.09
N GLU B 607 6.18 -5.72 35.62
CA GLU B 607 5.32 -5.25 36.68
C GLU B 607 3.92 -4.95 36.15
N GLY B 608 2.93 -5.05 37.02
CA GLY B 608 1.55 -4.88 36.60
C GLY B 608 0.81 -6.20 36.57
N HIS B 609 -0.51 -6.14 36.41
CA HIS B 609 -1.33 -7.38 36.56
C HIS B 609 -1.50 -8.17 35.26
N GLU B 610 -0.61 -8.00 34.30
CA GLU B 610 -0.64 -8.83 33.08
C GLU B 610 0.58 -9.73 33.00
N GLU B 611 0.40 -10.97 32.50
CA GLU B 611 1.40 -12.00 32.70
C GLU B 611 2.63 -11.80 31.82
N ASN B 612 2.45 -11.76 30.51
CA ASN B 612 3.55 -11.57 29.56
C ASN B 612 3.27 -10.31 28.76
N PRO B 613 3.75 -9.17 29.21
CA PRO B 613 3.44 -7.90 28.57
C PRO B 613 4.24 -7.70 27.29
N SER B 614 3.77 -6.75 26.46
CA SER B 614 4.45 -6.29 25.26
C SER B 614 5.29 -5.05 25.52
N CYS B 615 6.35 -4.92 24.73
CA CYS B 615 7.16 -3.72 24.80
C CYS B 615 6.37 -2.51 24.33
N THR B 616 6.43 -1.46 25.11
CA THR B 616 5.81 -0.22 24.72
C THR B 616 6.71 0.62 23.83
N ASP B 617 7.99 0.29 23.77
CA ASP B 617 8.96 1.14 23.08
C ASP B 617 9.31 0.64 21.70
N ASN B 618 8.90 -0.57 21.34
CA ASN B 618 9.33 -1.18 20.11
C ASN B 618 9.04 -0.27 18.94
N ARG B 619 10.01 -0.16 18.04
CA ARG B 619 10.00 0.60 16.80
C ARG B 619 10.21 2.09 17.02
N LEU B 620 10.20 2.60 18.25
CA LEU B 620 10.31 4.03 18.52
C LEU B 620 9.40 4.80 17.59
N ARG B 621 8.14 4.39 17.60
CA ARG B 621 7.23 4.74 16.54
C ARG B 621 7.00 6.24 16.46
N PHE B 622 6.97 6.90 17.60
CA PHE B 622 6.67 8.32 17.63
C PHE B 622 7.85 9.19 17.24
N GLY B 623 9.02 8.64 17.06
CA GLY B 623 10.18 9.43 16.77
C GLY B 623 11.22 9.34 17.85
N GLY B 624 12.33 9.98 17.59
CA GLY B 624 13.45 9.89 18.49
C GLY B 624 14.45 8.85 18.03
N ALA B 625 15.70 9.06 18.42
CA ALA B 625 16.78 8.16 18.05
C ALA B 625 16.84 6.99 19.02
N TYR B 626 17.77 6.09 18.77
CA TYR B 626 18.11 5.09 19.76
C TYR B 626 18.44 5.78 21.07
N PRO B 627 17.99 5.24 22.21
CA PRO B 627 18.24 5.95 23.48
C PRO B 627 19.68 6.33 23.68
N TRP B 628 20.61 5.42 23.38
CA TRP B 628 22.03 5.67 23.53
C TRP B 628 22.63 6.56 22.45
N GLU B 629 21.86 7.08 21.52
CA GLU B 629 22.37 7.96 20.49
C GLU B 629 21.70 9.32 20.55
N SER B 630 20.96 9.60 21.61
CA SER B 630 20.12 10.79 21.67
C SER B 630 20.92 12.07 21.67
N SER B 631 22.19 12.03 22.04
CA SER B 631 23.00 13.24 22.09
C SER B 631 23.85 13.43 20.87
N ILE B 632 23.75 12.54 19.88
CA ILE B 632 24.50 12.73 18.65
C ILE B 632 23.76 13.70 17.75
N LEU B 633 23.98 15.00 17.95
CA LEU B 633 23.32 16.04 17.20
C LEU B 633 24.24 16.78 16.25
N ASP B 634 25.45 16.25 16.08
CA ASP B 634 26.43 16.83 15.13
C ASP B 634 26.39 16.03 13.85
N PHE B 635 26.56 16.67 12.70
CA PHE B 635 26.41 15.97 11.41
C PHE B 635 27.42 14.84 11.25
N THR B 636 28.66 15.08 11.64
CA THR B 636 29.69 14.02 11.54
C THR B 636 29.26 12.84 12.42
N GLY B 637 28.87 13.12 13.65
CA GLY B 637 28.41 12.05 14.56
C GLY B 637 27.19 11.34 14.02
N MET B 638 26.27 12.11 13.46
CA MET B 638 25.05 11.54 12.93
C MET B 638 25.33 10.67 11.72
N GLU B 639 26.24 11.12 10.85
CA GLU B 639 26.55 10.33 9.68
C GLU B 639 26.89 8.90 10.07
N ALA B 640 27.74 8.76 11.08
CA ALA B 640 28.22 7.47 11.52
C ALA B 640 27.34 6.77 12.54
N ALA B 641 26.24 7.36 12.98
CA ALA B 641 25.48 6.69 14.01
C ALA B 641 24.60 5.60 13.40
N GLU B 642 24.04 4.76 14.27
CA GLU B 642 23.20 3.65 13.83
C GLU B 642 21.81 4.11 13.43
N SER B 643 21.18 4.95 14.25
CA SER B 643 19.82 5.37 14.00
C SER B 643 19.71 6.80 13.52
N TRP B 644 20.78 7.41 13.02
CA TRP B 644 20.72 8.76 12.47
C TRP B 644 21.17 8.74 11.02
N GLU B 645 20.47 9.49 10.17
CA GLU B 645 20.77 9.62 8.75
C GLU B 645 20.83 11.07 8.38
N VAL B 646 21.87 11.46 7.67
CA VAL B 646 22.03 12.82 7.18
C VAL B 646 21.63 12.82 5.73
N VAL B 647 20.82 13.78 5.34
CA VAL B 647 20.14 13.79 4.06
C VAL B 647 20.47 15.08 3.33
N PRO B 648 21.14 15.05 2.18
CA PRO B 648 21.78 13.91 1.55
C PRO B 648 22.97 13.50 2.39
N SER B 649 23.62 12.39 2.07
CA SER B 649 24.71 11.89 2.95
C SER B 649 25.76 12.97 3.17
N LEU B 650 26.30 13.05 4.38
CA LEU B 650 27.41 13.98 4.63
C LEU B 650 28.56 13.54 3.73
N GLU B 651 28.64 12.24 3.48
CA GLU B 651 29.65 11.73 2.55
C GLU B 651 29.45 12.45 1.21
N THR B 652 28.23 12.43 0.67
CA THR B 652 28.04 13.05 -0.63
C THR B 652 28.20 14.56 -0.58
N ILE B 653 27.67 15.20 0.47
CA ILE B 653 27.86 16.67 0.61
C ILE B 653 29.35 17.00 0.62
N GLN B 654 30.15 16.20 1.32
CA GLN B 654 31.61 16.45 1.39
C GLN B 654 32.24 16.23 0.01
N GLU B 655 31.91 15.12 -0.64
CA GLU B 655 32.44 14.87 -2.00
C GLU B 655 32.05 16.04 -2.89
N VAL B 656 30.82 16.51 -2.78
CA VAL B 656 30.39 17.63 -3.61
C VAL B 656 31.10 18.92 -3.22
N MET B 657 31.24 19.18 -1.92
CA MET B 657 31.95 20.39 -1.51
C MET B 657 33.43 20.35 -1.88
N ALA B 658 33.91 19.21 -2.38
CA ALA B 658 35.27 19.06 -2.86
C ALA B 658 35.39 19.25 -4.36
N GLU B 659 34.41 18.81 -5.14
CA GLU B 659 34.42 18.99 -6.59
C GLU B 659 34.30 20.45 -7.00
N VAL B 660 33.62 21.25 -6.20
CA VAL B 660 33.80 22.68 -6.32
C VAL B 660 35.15 22.97 -5.73
N GLU B 661 35.96 23.78 -6.38
CA GLU B 661 37.26 23.84 -5.74
C GLU B 661 37.36 25.03 -4.79
N ASP B 662 36.40 25.95 -4.86
CA ASP B 662 36.22 26.94 -3.81
C ASP B 662 35.02 26.53 -2.95
N PRO B 663 35.20 26.09 -1.71
CA PRO B 663 34.05 25.74 -0.87
C PRO B 663 33.19 26.92 -0.50
N SER B 664 33.58 28.13 -0.89
CA SER B 664 32.80 29.34 -0.70
C SER B 664 31.62 29.48 -1.65
N LYS B 665 31.56 28.69 -2.73
CA LYS B 665 30.43 28.74 -3.64
C LYS B 665 29.27 27.85 -3.21
N VAL B 666 29.43 27.20 -2.06
CA VAL B 666 28.37 26.29 -1.54
C VAL B 666 27.40 27.06 -0.67
N ILE B 667 26.11 26.99 -1.00
CA ILE B 667 25.07 27.63 -0.14
C ILE B 667 24.30 26.51 0.53
N LEU B 668 24.29 26.50 1.86
CA LEU B 668 23.61 25.41 2.60
C LEU B 668 22.30 25.87 3.19
N HIS B 669 21.19 25.24 2.79
CA HIS B 669 19.88 25.48 3.37
C HIS B 669 19.61 24.31 4.30
N VAL B 670 19.65 24.54 5.60
CA VAL B 670 19.62 23.49 6.60
C VAL B 670 18.31 23.58 7.36
N TYR B 671 17.57 22.49 7.40
CA TYR B 671 16.37 22.39 8.23
C TYR B 671 16.80 21.82 9.57
N PHE B 672 16.89 22.71 10.56
CA PHE B 672 17.17 22.31 11.94
C PHE B 672 15.89 21.77 12.59
N ARG B 673 15.56 20.54 12.20
CA ARG B 673 14.48 19.82 12.86
C ARG B 673 14.69 19.76 14.35
N GLN B 674 15.94 19.56 14.75
CA GLN B 674 16.42 19.77 16.10
C GLN B 674 17.60 20.71 16.01
N PRO B 675 17.98 21.31 17.11
CA PRO B 675 19.14 22.21 17.10
C PRO B 675 20.45 21.49 16.77
N TYR B 676 20.62 21.10 15.51
CA TYR B 676 21.79 20.35 15.11
C TYR B 676 23.05 21.20 15.20
N VAL B 677 24.17 20.50 15.28
CA VAL B 677 25.48 21.09 15.53
C VAL B 677 26.30 21.02 14.25
N LEU B 678 26.73 22.17 13.75
CA LEU B 678 27.60 22.17 12.56
C LEU B 678 29.06 22.02 13.01
N ASP B 679 29.48 20.77 13.27
CA ASP B 679 30.85 20.50 13.76
C ASP B 679 31.86 20.87 12.67
N GLU B 680 33.04 21.35 13.05
CA GLU B 680 34.04 21.81 12.04
C GLU B 680 34.58 20.64 11.24
N GLU B 681 34.67 19.47 11.86
CA GLU B 681 35.13 18.26 11.14
C GLU B 681 34.23 18.05 9.93
N SER B 682 32.97 18.46 10.04
CA SER B 682 31.98 18.30 8.96
C SER B 682 32.47 18.98 7.69
N GLY B 683 33.10 20.14 7.81
CA GLY B 683 33.54 20.89 6.64
C GLY B 683 32.44 21.80 6.14
N LEU B 684 31.28 21.78 6.80
CA LEU B 684 30.13 22.59 6.36
C LEU B 684 30.42 24.07 6.63
N ARG B 685 31.01 24.38 7.78
CA ARG B 685 31.32 25.79 8.14
C ARG B 685 32.13 26.42 7.01
N ASP B 686 32.83 25.61 6.21
CA ASP B 686 33.58 26.13 5.08
C ASP B 686 32.70 26.60 3.94
N ALA B 687 31.41 26.31 3.97
CA ALA B 687 30.50 26.72 2.92
C ALA B 687 30.40 28.25 2.86
N GLY B 688 30.08 28.74 1.66
CA GLY B 688 29.97 30.18 1.48
C GLY B 688 28.82 30.82 2.22
N ALA B 689 27.71 30.11 2.37
CA ALA B 689 26.58 30.65 3.11
C ALA B 689 25.85 29.50 3.78
N ILE B 690 25.34 29.76 4.98
CA ILE B 690 24.55 28.77 5.70
C ILE B 690 23.28 29.47 6.13
N LEU B 691 22.14 28.83 5.87
CA LEU B 691 20.84 29.35 6.24
C LEU B 691 20.07 28.31 7.05
N ALA B 692 19.34 28.79 8.04
CA ALA B 692 18.33 27.96 8.67
C ALA B 692 17.04 28.17 7.90
N GLY B 693 16.52 27.08 7.34
CA GLY B 693 15.23 27.09 6.68
C GLY B 693 14.23 26.38 7.56
N PHE B 694 12.96 26.71 7.42
CA PHE B 694 11.96 26.14 8.31
C PHE B 694 10.77 25.59 7.55
N GLY B 695 10.96 25.21 6.29
CA GLY B 695 9.85 24.76 5.49
C GLY B 695 9.36 25.89 4.62
N MET B 696 9.82 25.93 3.38
CA MET B 696 9.40 26.94 2.43
C MET B 696 9.50 26.36 1.04
N THR B 697 8.65 26.85 0.14
CA THR B 697 8.73 26.37 -1.23
C THR B 697 9.97 26.94 -1.91
N ASP B 698 10.32 26.39 -3.07
CA ASP B 698 11.49 26.89 -3.75
C ASP B 698 11.30 28.30 -4.25
N THR B 699 10.08 28.65 -4.60
CA THR B 699 9.78 30.03 -4.89
C THR B 699 10.22 30.95 -3.76
N ALA B 700 9.76 30.66 -2.54
CA ALA B 700 10.15 31.46 -1.39
C ALA B 700 11.66 31.51 -1.24
N LEU B 701 12.33 30.37 -1.41
CA LEU B 701 13.75 30.29 -1.12
C LEU B 701 14.57 31.07 -2.15
N MET B 702 14.32 30.83 -3.43
CA MET B 702 15.05 31.54 -4.47
C MET B 702 14.82 33.04 -4.38
N ASP B 703 13.61 33.45 -4.02
CA ASP B 703 13.30 34.86 -3.87
C ASP B 703 14.28 35.54 -2.93
N VAL B 704 14.65 34.85 -1.86
CA VAL B 704 15.65 35.41 -0.91
C VAL B 704 17.05 35.23 -1.50
N LEU B 705 17.38 34.04 -1.98
CA LEU B 705 18.76 33.77 -2.45
C LEU B 705 19.12 34.70 -3.59
N THR B 706 18.15 35.04 -4.42
CA THR B 706 18.42 35.91 -5.59
C THR B 706 18.32 37.38 -5.18
N GLY B 707 17.69 37.67 -4.05
CA GLY B 707 17.60 39.02 -3.57
C GLY B 707 16.34 39.80 -3.90
N ALA B 708 15.30 39.15 -4.41
CA ALA B 708 14.01 39.83 -4.57
C ALA B 708 13.41 40.22 -3.22
N TYR B 709 13.77 39.50 -2.16
CA TYR B 709 13.36 39.77 -0.80
C TYR B 709 14.58 39.51 0.05
N ALA B 710 14.76 40.31 1.19
CA ALA B 710 16.03 40.06 1.85
C ALA B 710 15.82 39.26 3.13
N PRO B 711 16.82 38.47 3.54
CA PRO B 711 16.68 37.69 4.77
C PRO B 711 16.55 38.56 6.01
N GLN B 712 15.70 38.12 6.92
CA GLN B 712 15.47 38.86 8.13
C GLN B 712 15.14 37.99 9.32
N GLY B 713 15.01 36.68 9.16
CA GLY B 713 14.72 35.84 10.29
C GLY B 713 15.81 35.86 11.32
N LYS B 714 15.41 35.57 12.55
CA LYS B 714 16.32 35.46 13.67
C LYS B 714 16.09 34.12 14.32
N LEU B 715 17.14 33.55 14.88
CA LEU B 715 17.03 32.23 15.47
C LEU B 715 16.13 32.24 16.70
N PRO B 716 15.06 31.44 16.75
CA PRO B 716 14.28 31.31 17.97
C PRO B 716 14.89 30.36 18.98
N PHE B 717 16.03 29.77 18.66
CA PHE B 717 16.75 28.92 19.56
C PHE B 717 18.21 29.02 19.18
N ALA B 718 19.10 28.77 20.13
CA ALA B 718 20.53 28.86 19.87
C ALA B 718 21.04 27.56 19.30
N LEU B 719 22.10 27.65 18.51
CA LEU B 719 22.72 26.50 17.89
C LEU B 719 24.10 26.31 18.46
N ALA B 720 24.41 25.08 18.84
CA ALA B 720 25.71 24.79 19.41
C ALA B 720 26.70 24.42 18.31
N GLY B 721 27.98 24.45 18.68
CA GLY B 721 29.06 24.10 17.77
C GLY B 721 29.81 22.81 18.05
N THR B 722 29.51 22.15 19.17
CA THR B 722 30.21 20.96 19.62
C THR B 722 29.23 19.95 20.21
N ARG B 723 29.54 18.67 20.14
CA ARG B 723 28.64 17.68 20.78
C ARG B 723 28.73 17.84 22.30
N GLU B 724 29.85 18.34 22.80
CA GLU B 724 30.04 18.43 24.26
C GLU B 724 29.04 19.42 24.85
N ALA B 725 28.84 20.55 24.19
CA ALA B 725 27.89 21.56 24.68
C ALA B 725 26.49 20.96 24.76
N ILE B 726 26.17 20.03 23.86
CA ILE B 726 24.83 19.40 23.82
C ILE B 726 24.66 18.52 25.06
N ILE B 727 25.74 17.86 25.49
CA ILE B 727 25.65 16.94 26.65
C ILE B 727 25.69 17.74 27.96
N GLU B 728 26.43 18.84 28.00
CA GLU B 728 26.60 19.61 29.26
C GLU B 728 25.46 20.59 29.48
N GLN B 729 24.86 21.10 28.41
CA GLN B 729 23.80 22.12 28.53
C GLN B 729 22.71 21.63 29.49
N ASP B 730 21.97 22.56 30.10
CA ASP B 730 20.91 22.18 31.07
C ASP B 730 19.58 21.99 30.33
N SER B 731 18.86 20.92 30.64
CA SER B 731 17.62 20.58 29.89
C SER B 731 16.56 21.66 29.95
N ASP B 732 16.55 22.51 30.97
CA ASP B 732 15.47 23.48 31.09
C ASP B 732 15.91 24.91 30.82
N ARG B 733 17.12 25.10 30.35
CA ARG B 733 17.69 26.41 30.16
C ARG B 733 17.91 26.70 28.70
N PRO B 734 17.71 27.93 28.26
CA PRO B 734 17.98 28.27 26.87
C PRO B 734 19.47 28.36 26.57
N GLY B 735 19.79 28.31 25.28
CA GLY B 735 21.15 28.58 24.86
C GLY B 735 22.19 27.60 25.41
N TYR B 736 23.45 27.98 25.17
CA TYR B 736 24.59 27.16 25.54
C TYR B 736 25.64 27.96 26.30
N ASP B 737 25.25 29.10 26.86
CA ASP B 737 26.20 30.01 27.49
C ASP B 737 26.79 29.44 28.77
N GLU B 738 26.00 28.63 29.47
CA GLU B 738 26.49 28.02 30.73
C GLU B 738 27.38 26.82 30.40
N THR B 739 27.79 26.69 29.14
CA THR B 739 28.61 25.53 28.73
C THR B 739 30.02 26.01 28.41
N GLU B 740 31.01 25.19 28.71
CA GLU B 740 32.41 25.55 28.40
C GLU B 740 32.50 25.95 26.94
N ASP B 741 31.73 25.26 26.08
CA ASP B 741 31.86 25.56 24.66
C ASP B 741 30.95 26.70 24.21
N GLY B 742 29.87 26.97 24.94
CA GLY B 742 28.99 28.06 24.62
C GLY B 742 28.23 27.86 23.33
N ALA B 743 27.47 28.88 22.95
CA ALA B 743 26.73 28.80 21.71
C ALA B 743 27.63 29.10 20.53
N LEU B 744 27.34 28.47 19.41
CA LEU B 744 27.95 28.82 18.13
C LEU B 744 27.24 30.01 17.53
N TYR B 745 25.91 30.00 17.58
CA TYR B 745 25.05 31.11 17.24
C TYR B 745 24.07 31.24 18.40
N PRO B 746 23.80 32.45 18.89
CA PRO B 746 22.90 32.61 20.01
C PRO B 746 21.45 32.75 19.61
N PHE B 747 20.58 32.60 20.59
CA PHE B 747 19.20 32.98 20.39
C PHE B 747 19.14 34.41 19.90
N GLY B 748 18.24 34.67 18.97
CA GLY B 748 18.06 35.98 18.38
C GLY B 748 19.03 36.32 17.27
N TYR B 749 19.91 35.40 16.88
CA TYR B 749 20.89 35.71 15.87
C TYR B 749 20.32 35.59 14.46
N GLY B 750 20.86 36.38 13.54
CA GLY B 750 20.49 36.31 12.15
C GLY B 750 21.09 37.40 11.31
N LEU B 751 21.70 37.04 10.19
CA LEU B 751 22.35 37.99 9.30
C LEU B 751 21.36 38.57 8.28
N THR B 752 21.83 39.55 7.53
CA THR B 752 21.06 40.10 6.44
C THR B 752 21.96 40.51 5.30
N TYR B 753 21.34 41.05 4.27
CA TYR B 753 21.99 41.59 3.08
C TYR B 753 22.45 43.02 3.34
N GLU B 754 23.15 43.59 2.36
CA GLU B 754 23.59 44.97 2.43
C GLU B 754 23.43 45.62 1.08
N ASP B 755 22.60 46.65 0.99
CA ASP B 755 22.38 47.31 -0.29
C ASP B 755 22.68 48.80 -0.22
ZN ZN C . 13.55 -25.35 0.52
ZN ZN D . -12.89 -2.70 -19.48
ZN ZN E . 33.59 -34.20 -29.21
ZN ZN F . 18.49 -33.29 -32.39
ZN ZN G . -29.03 2.43 -17.21
ZN ZN H . 21.79 -39.61 -2.85
ZN ZN I . -18.08 -33.03 13.28
ZN ZN J . -31.27 -20.51 -26.66
ZN ZN K . 11.12 -1.89 -12.13
ZN ZN L . -29.60 -6.66 9.14
ZN ZN M . -33.29 -8.19 -0.99
ZN ZN N . 6.82 -38.14 -40.60
ZN ZN O . 43.65 -26.13 -25.31
ZN ZN P . -27.06 -27.04 19.51
S SO4 Q . -3.14 -21.46 -25.47
O1 SO4 Q . -3.93 -22.67 -25.20
O2 SO4 Q . -4.05 -20.34 -25.63
O3 SO4 Q . -2.31 -21.16 -24.29
O4 SO4 Q . -2.31 -21.65 -26.66
ZN ZN R . -10.87 35.16 2.66
ZN ZN S . 24.75 -0.88 18.21
ZN ZN T . -22.25 2.21 43.37
ZN ZN U . -43.19 35.24 14.81
ZN ZN V . -41.38 33.34 27.34
ZN ZN W . -37.52 21.01 24.02
ZN ZN X . 19.34 23.93 27.66
ZN ZN Y . -26.36 9.86 23.43
ZN ZN Z . -24.98 12.73 24.57
ZN ZN AA . 36.99 29.45 0.28
ZN ZN BA . -9.74 34.96 4.33
ZN ZN CA . -3.47 -8.74 38.97
#